data_9EC5
# 
_entry.id   9EC5 
# 
_audit_conform.dict_name       mmcif_pdbx.dic 
_audit_conform.dict_version    5.407 
_audit_conform.dict_location   http://mmcif.pdb.org/dictionaries/ascii/mmcif_pdbx.dic 
# 
loop_
_database_2.database_id 
_database_2.database_code 
_database_2.pdbx_database_accession 
_database_2.pdbx_DOI 
PDB   9EC5         pdb_00009ec5 10.2210/pdb9ec5/pdb 
WWPDB D_1000290170 ?            ?                   
# 
_pdbx_audit_revision_history.ordinal             1 
_pdbx_audit_revision_history.data_content_type   'Structure model' 
_pdbx_audit_revision_history.major_revision      1 
_pdbx_audit_revision_history.minor_revision      0 
_pdbx_audit_revision_history.revision_date       2025-11-19 
_pdbx_audit_revision_history.part_number         ? 
# 
_pdbx_audit_revision_details.ordinal             1 
_pdbx_audit_revision_details.revision_ordinal    1 
_pdbx_audit_revision_details.data_content_type   'Structure model' 
_pdbx_audit_revision_details.provider            repository 
_pdbx_audit_revision_details.type                'Initial release' 
_pdbx_audit_revision_details.description         ? 
_pdbx_audit_revision_details.details             ? 
# 
_pdbx_database_status.status_code                     REL 
_pdbx_database_status.status_code_sf                  REL 
_pdbx_database_status.status_code_mr                  ? 
_pdbx_database_status.entry_id                        9EC5 
_pdbx_database_status.recvd_initial_deposition_date   2024-11-13 
_pdbx_database_status.SG_entry                        N 
_pdbx_database_status.deposit_site                    RCSB 
_pdbx_database_status.process_site                    RCSB 
_pdbx_database_status.status_code_cs                  ? 
_pdbx_database_status.status_code_nmr_data            ? 
_pdbx_database_status.methods_development_category    ? 
_pdbx_database_status.pdb_format_compatible           N 
# 
_pdbx_contact_author.id                 4 
_pdbx_contact_author.email              aborovik@uci.edu 
_pdbx_contact_author.name_first         Andrew 
_pdbx_contact_author.name_last          Borovik 
_pdbx_contact_author.name_mi            ? 
_pdbx_contact_author.role               'principal investigator/group leader' 
_pdbx_contact_author.identifier_ORCID   0000-0001-5049-9952 
# 
loop_
_audit_author.name 
_audit_author.pdbx_ordinal 
_audit_author.identifier_ORCID 
'Minnetian, N.M.' 1 0000-0002-1817-184X 
'Follmer, A.H.'   2 0000-0002-6244-6804 
'Borovik, A.S.'   3 0000-0001-5049-9952 
# 
_citation.abstract                  ? 
_citation.abstract_id_CAS           ? 
_citation.book_id_ISBN              ? 
_citation.book_publisher            ? 
_citation.book_publisher_city       ? 
_citation.book_title                ? 
_citation.coordinate_linkage        ? 
_citation.country                   ? 
_citation.database_id_Medline       ? 
_citation.details                   ? 
_citation.id                        primary 
_citation.journal_abbrev            'To Be Published' 
_citation.journal_id_ASTM           ? 
_citation.journal_id_CSD            0353 
_citation.journal_id_ISSN           ? 
_citation.journal_full              ? 
_citation.journal_issue             ? 
_citation.journal_volume            ? 
_citation.language                  ? 
_citation.page_first                ? 
_citation.page_last                 ? 
_citation.title                     'S-nitrosylation by artificial copper metalloproteins' 
_citation.year                      ? 
_citation.database_id_CSD           ? 
_citation.pdbx_database_id_DOI      ? 
_citation.pdbx_database_id_PubMed   ? 
_citation.pdbx_database_id_patent   ? 
_citation.unpublished_flag          ? 
# 
loop_
_citation_author.citation_id 
_citation_author.name 
_citation_author.ordinal 
_citation_author.identifier_ORCID 
primary 'Minnetian, N.M.' 1 0000-0002-1817-184X 
primary 'Borovik, A.S.'   2 0000-0001-5049-9952 
# 
loop_
_entity.id 
_entity.type 
_entity.src_method 
_entity.pdbx_description 
_entity.formula_weight 
_entity.pdbx_number_of_molecules 
_entity.pdbx_ec 
_entity.pdbx_mutation 
_entity.pdbx_fragment 
_entity.details 
1 polymer     man Streptavidin 16648.111 1   ? 'E14Q, S112C, L124F' ? ? 
2 non-polymer syn 
'N-(3-{bis[2-(pyridin-2-yl)ethyl]amino}propyl)-5-[(3aR,4R,6aS)-2-oxohexahydro-1H-thieno[3,4-d]imidazol-4-yl]pentanamide' 510.695   
1   ? ?                    ? ? 
3 non-polymer syn 'COPPER (II) ION' 63.546    2   ? ?                    ? ? 
4 non-polymer syn 'SULFATE ION' 96.063    1   ? ?                    ? ? 
5 water       nat water 18.015    139 ? ?                    ? ? 
# 
_entity_poly.entity_id                      1 
_entity_poly.type                           'polypeptide(L)' 
_entity_poly.nstd_linkage                   no 
_entity_poly.nstd_monomer                   yes 
_entity_poly.pdbx_seq_one_letter_code       
;MASMTGGQQMGRDQAGITGTWYNQLGSTFIVTAGADGALTGTYESAVGNAESRYVLTGRYDSAPATDGSGTALGWTVAWK
NNYRNAHSATTWSGQYVGGAEARINTQWLLT(SNC)GTTEANAWKSTFVGHDTFTKVKPSAASIDAAKKAGVNNGNPLDA
VQQ
;
_entity_poly.pdbx_seq_one_letter_code_can   
;MASMTGGQQMGRDQAGITGTWYNQLGSTFIVTAGADGALTGTYESAVGNAESRYVLTGRYDSAPATDGSGTALGWTVAWK
NNYRNAHSATTWSGQYVGGAEARINTQWLLTCGTTEANAWKSTFVGHDTFTKVKPSAASIDAAKKAGVNNGNPLDAVQQ
;
_entity_poly.pdbx_strand_id                 A 
_entity_poly.pdbx_target_identifier         ? 
# 
loop_
_pdbx_entity_nonpoly.entity_id 
_pdbx_entity_nonpoly.name 
_pdbx_entity_nonpoly.comp_id 
2 'N-(3-{bis[2-(pyridin-2-yl)ethyl]amino}propyl)-5-[(3aR,4R,6aS)-2-oxohexahydro-1H-thieno[3,4-d]imidazol-4-yl]pentanamide' A1BIA 
3 'COPPER (II) ION'                                                                                                        CU    
4 'SULFATE ION'                                                                                                            SO4   
5 water                                                                                                                    HOH   
# 
loop_
_entity_poly_seq.entity_id 
_entity_poly_seq.num 
_entity_poly_seq.mon_id 
_entity_poly_seq.hetero 
1 1   MET n 
1 2   ALA n 
1 3   SER n 
1 4   MET n 
1 5   THR n 
1 6   GLY n 
1 7   GLY n 
1 8   GLN n 
1 9   GLN n 
1 10  MET n 
1 11  GLY n 
1 12  ARG n 
1 13  ASP n 
1 14  GLN n 
1 15  ALA n 
1 16  GLY n 
1 17  ILE n 
1 18  THR n 
1 19  GLY n 
1 20  THR n 
1 21  TRP n 
1 22  TYR n 
1 23  ASN n 
1 24  GLN n 
1 25  LEU n 
1 26  GLY n 
1 27  SER n 
1 28  THR n 
1 29  PHE n 
1 30  ILE n 
1 31  VAL n 
1 32  THR n 
1 33  ALA n 
1 34  GLY n 
1 35  ALA n 
1 36  ASP n 
1 37  GLY n 
1 38  ALA n 
1 39  LEU n 
1 40  THR n 
1 41  GLY n 
1 42  THR n 
1 43  TYR n 
1 44  GLU n 
1 45  SER n 
1 46  ALA n 
1 47  VAL n 
1 48  GLY n 
1 49  ASN n 
1 50  ALA n 
1 51  GLU n 
1 52  SER n 
1 53  ARG n 
1 54  TYR n 
1 55  VAL n 
1 56  LEU n 
1 57  THR n 
1 58  GLY n 
1 59  ARG n 
1 60  TYR n 
1 61  ASP n 
1 62  SER n 
1 63  ALA n 
1 64  PRO n 
1 65  ALA n 
1 66  THR n 
1 67  ASP n 
1 68  GLY n 
1 69  SER n 
1 70  GLY n 
1 71  THR n 
1 72  ALA n 
1 73  LEU n 
1 74  GLY n 
1 75  TRP n 
1 76  THR n 
1 77  VAL n 
1 78  ALA n 
1 79  TRP n 
1 80  LYS n 
1 81  ASN n 
1 82  ASN n 
1 83  TYR n 
1 84  ARG n 
1 85  ASN n 
1 86  ALA n 
1 87  HIS n 
1 88  SER n 
1 89  ALA n 
1 90  THR n 
1 91  THR n 
1 92  TRP n 
1 93  SER n 
1 94  GLY n 
1 95  GLN n 
1 96  TYR n 
1 97  VAL n 
1 98  GLY n 
1 99  GLY n 
1 100 ALA n 
1 101 GLU n 
1 102 ALA n 
1 103 ARG n 
1 104 ILE n 
1 105 ASN n 
1 106 THR n 
1 107 GLN n 
1 108 TRP n 
1 109 LEU n 
1 110 LEU n 
1 111 THR n 
1 112 SNC n 
1 113 GLY n 
1 114 THR n 
1 115 THR n 
1 116 GLU n 
1 117 ALA n 
1 118 ASN n 
1 119 ALA n 
1 120 TRP n 
1 121 LYS n 
1 122 SER n 
1 123 THR n 
1 124 PHE n 
1 125 VAL n 
1 126 GLY n 
1 127 HIS n 
1 128 ASP n 
1 129 THR n 
1 130 PHE n 
1 131 THR n 
1 132 LYS n 
1 133 VAL n 
1 134 LYS n 
1 135 PRO n 
1 136 SER n 
1 137 ALA n 
1 138 ALA n 
1 139 SER n 
1 140 ILE n 
1 141 ASP n 
1 142 ALA n 
1 143 ALA n 
1 144 LYS n 
1 145 LYS n 
1 146 ALA n 
1 147 GLY n 
1 148 VAL n 
1 149 ASN n 
1 150 ASN n 
1 151 GLY n 
1 152 ASN n 
1 153 PRO n 
1 154 LEU n 
1 155 ASP n 
1 156 ALA n 
1 157 VAL n 
1 158 GLN n 
1 159 GLN n 
# 
_entity_src_gen.entity_id                          1 
_entity_src_gen.pdbx_src_id                        1 
_entity_src_gen.pdbx_alt_source_flag               sample 
_entity_src_gen.pdbx_seq_type                      'Biological sequence' 
_entity_src_gen.pdbx_beg_seq_num                   1 
_entity_src_gen.pdbx_end_seq_num                   159 
_entity_src_gen.gene_src_common_name               ? 
_entity_src_gen.gene_src_genus                     ? 
_entity_src_gen.pdbx_gene_src_gene                 ? 
_entity_src_gen.gene_src_species                   ? 
_entity_src_gen.gene_src_strain                    ? 
_entity_src_gen.gene_src_tissue                    ? 
_entity_src_gen.gene_src_tissue_fraction           ? 
_entity_src_gen.gene_src_details                   ? 
_entity_src_gen.pdbx_gene_src_fragment             ? 
_entity_src_gen.pdbx_gene_src_scientific_name      'Streptomyces avidinii' 
_entity_src_gen.pdbx_gene_src_ncbi_taxonomy_id     1895 
_entity_src_gen.pdbx_gene_src_variant              ? 
_entity_src_gen.pdbx_gene_src_cell_line            ? 
_entity_src_gen.pdbx_gene_src_atcc                 ? 
_entity_src_gen.pdbx_gene_src_organ                ? 
_entity_src_gen.pdbx_gene_src_organelle            ? 
_entity_src_gen.pdbx_gene_src_cell                 ? 
_entity_src_gen.pdbx_gene_src_cellular_location    ? 
_entity_src_gen.host_org_common_name               ? 
_entity_src_gen.pdbx_host_org_scientific_name      'Escherichia coli BL21' 
_entity_src_gen.pdbx_host_org_ncbi_taxonomy_id     511693 
_entity_src_gen.host_org_genus                     ? 
_entity_src_gen.pdbx_host_org_gene                 ? 
_entity_src_gen.pdbx_host_org_organ                ? 
_entity_src_gen.host_org_species                   ? 
_entity_src_gen.pdbx_host_org_tissue               ? 
_entity_src_gen.pdbx_host_org_tissue_fraction      ? 
_entity_src_gen.pdbx_host_org_strain               ? 
_entity_src_gen.pdbx_host_org_variant              ? 
_entity_src_gen.pdbx_host_org_cell_line            ? 
_entity_src_gen.pdbx_host_org_atcc                 ? 
_entity_src_gen.pdbx_host_org_culture_collection   ? 
_entity_src_gen.pdbx_host_org_cell                 ? 
_entity_src_gen.pdbx_host_org_organelle            ? 
_entity_src_gen.pdbx_host_org_cellular_location    ? 
_entity_src_gen.pdbx_host_org_vector_type          ? 
_entity_src_gen.pdbx_host_org_vector               ? 
_entity_src_gen.host_org_details                   ? 
_entity_src_gen.expression_system_id               ? 
_entity_src_gen.plasmid_name                       ? 
_entity_src_gen.plasmid_details                    ? 
_entity_src_gen.pdbx_description                   ? 
# 
loop_
_chem_comp.id 
_chem_comp.type 
_chem_comp.mon_nstd_flag 
_chem_comp.name 
_chem_comp.pdbx_synonyms 
_chem_comp.formula 
_chem_comp.formula_weight 
A1BIA non-polymer         . 
'N-(3-{bis[2-(pyridin-2-yl)ethyl]amino}propyl)-5-[(3aR,4R,6aS)-2-oxohexahydro-1H-thieno[3,4-d]imidazol-4-yl]pentanamide' ? 
'C27 H38 N6 O2 S' 510.695 
ALA   'L-peptide linking' y ALANINE ? 'C3 H7 N O2'      89.093  
ARG   'L-peptide linking' y ARGININE ? 'C6 H15 N4 O2 1'  175.209 
ASN   'L-peptide linking' y ASPARAGINE ? 'C4 H8 N2 O3'     132.118 
ASP   'L-peptide linking' y 'ASPARTIC ACID' ? 'C4 H7 N O4'      133.103 
CU    non-polymer         . 'COPPER (II) ION' ? 'Cu 2'            63.546  
GLN   'L-peptide linking' y GLUTAMINE ? 'C5 H10 N2 O3'    146.144 
GLU   'L-peptide linking' y 'GLUTAMIC ACID' ? 'C5 H9 N O4'      147.129 
GLY   'peptide linking'   y GLYCINE ? 'C2 H5 N O2'      75.067  
HIS   'L-peptide linking' y HISTIDINE ? 'C6 H10 N3 O2 1'  156.162 
HOH   non-polymer         . WATER ? 'H2 O'            18.015  
ILE   'L-peptide linking' y ISOLEUCINE ? 'C6 H13 N O2'     131.173 
LEU   'L-peptide linking' y LEUCINE ? 'C6 H13 N O2'     131.173 
LYS   'L-peptide linking' y LYSINE ? 'C6 H15 N2 O2 1'  147.195 
MET   'L-peptide linking' y METHIONINE ? 'C5 H11 N O2 S'   149.211 
PHE   'L-peptide linking' y PHENYLALANINE ? 'C9 H11 N O2'     165.189 
PRO   'L-peptide linking' y PROLINE ? 'C5 H9 N O2'      115.130 
SER   'L-peptide linking' y SERINE ? 'C3 H7 N O3'      105.093 
SNC   'L-peptide linking' n S-NITROSO-CYSTEINE ? 'C3 H6 N2 O3 S'   150.156 
SO4   non-polymer         . 'SULFATE ION' ? 'O4 S -2'         96.063  
THR   'L-peptide linking' y THREONINE ? 'C4 H9 N O3'      119.119 
TRP   'L-peptide linking' y TRYPTOPHAN ? 'C11 H12 N2 O2'   204.225 
TYR   'L-peptide linking' y TYROSINE ? 'C9 H11 N O3'     181.189 
VAL   'L-peptide linking' y VALINE ? 'C5 H11 N O2'     117.146 
# 
loop_
_pdbx_poly_seq_scheme.asym_id 
_pdbx_poly_seq_scheme.entity_id 
_pdbx_poly_seq_scheme.seq_id 
_pdbx_poly_seq_scheme.mon_id 
_pdbx_poly_seq_scheme.ndb_seq_num 
_pdbx_poly_seq_scheme.pdb_seq_num 
_pdbx_poly_seq_scheme.auth_seq_num 
_pdbx_poly_seq_scheme.pdb_mon_id 
_pdbx_poly_seq_scheme.auth_mon_id 
_pdbx_poly_seq_scheme.pdb_strand_id 
_pdbx_poly_seq_scheme.pdb_ins_code 
_pdbx_poly_seq_scheme.hetero 
A 1 1   MET 1   1   ?   ?   ?   A . n 
A 1 2   ALA 2   2   ?   ?   ?   A . n 
A 1 3   SER 3   3   ?   ?   ?   A . n 
A 1 4   MET 4   4   ?   ?   ?   A . n 
A 1 5   THR 5   5   ?   ?   ?   A . n 
A 1 6   GLY 6   6   ?   ?   ?   A . n 
A 1 7   GLY 7   7   ?   ?   ?   A . n 
A 1 8   GLN 8   8   ?   ?   ?   A . n 
A 1 9   GLN 9   9   ?   ?   ?   A . n 
A 1 10  MET 10  10  ?   ?   ?   A . n 
A 1 11  GLY 11  11  11  GLY GLY A . n 
A 1 12  ARG 12  12  12  ARG ARG A . n 
A 1 13  ASP 13  13  13  ASP ASP A . n 
A 1 14  GLN 14  14  14  GLN GLN A . n 
A 1 15  ALA 15  15  15  ALA ALA A . n 
A 1 16  GLY 16  16  16  GLY GLY A . n 
A 1 17  ILE 17  17  17  ILE ILE A . n 
A 1 18  THR 18  18  18  THR THR A . n 
A 1 19  GLY 19  19  19  GLY GLY A . n 
A 1 20  THR 20  20  20  THR THR A . n 
A 1 21  TRP 21  21  21  TRP TRP A . n 
A 1 22  TYR 22  22  22  TYR TYR A . n 
A 1 23  ASN 23  23  23  ASN ASN A . n 
A 1 24  GLN 24  24  24  GLN GLN A . n 
A 1 25  LEU 25  25  25  LEU LEU A . n 
A 1 26  GLY 26  26  26  GLY GLY A . n 
A 1 27  SER 27  27  27  SER SER A . n 
A 1 28  THR 28  28  28  THR THR A . n 
A 1 29  PHE 29  29  29  PHE PHE A . n 
A 1 30  ILE 30  30  30  ILE ILE A . n 
A 1 31  VAL 31  31  31  VAL VAL A . n 
A 1 32  THR 32  32  32  THR THR A . n 
A 1 33  ALA 33  33  33  ALA ALA A . n 
A 1 34  GLY 34  34  34  GLY GLY A . n 
A 1 35  ALA 35  35  35  ALA ALA A . n 
A 1 36  ASP 36  36  36  ASP ASP A . n 
A 1 37  GLY 37  37  37  GLY GLY A . n 
A 1 38  ALA 38  38  38  ALA ALA A . n 
A 1 39  LEU 39  39  39  LEU LEU A . n 
A 1 40  THR 40  40  40  THR THR A . n 
A 1 41  GLY 41  41  41  GLY GLY A . n 
A 1 42  THR 42  42  42  THR THR A . n 
A 1 43  TYR 43  43  43  TYR TYR A . n 
A 1 44  GLU 44  44  44  GLU GLU A . n 
A 1 45  SER 45  45  45  SER SER A . n 
A 1 46  ALA 46  46  46  ALA ALA A . n 
A 1 47  VAL 47  47  47  VAL VAL A . n 
A 1 48  GLY 48  48  48  GLY GLY A . n 
A 1 49  ASN 49  49  49  ASN ASN A . n 
A 1 50  ALA 50  50  50  ALA ALA A . n 
A 1 51  GLU 51  51  51  GLU GLU A . n 
A 1 52  SER 52  52  52  SER SER A . n 
A 1 53  ARG 53  53  53  ARG ARG A . n 
A 1 54  TYR 54  54  54  TYR TYR A . n 
A 1 55  VAL 55  55  55  VAL VAL A . n 
A 1 56  LEU 56  56  56  LEU LEU A . n 
A 1 57  THR 57  57  57  THR THR A . n 
A 1 58  GLY 58  58  58  GLY GLY A . n 
A 1 59  ARG 59  59  59  ARG ARG A . n 
A 1 60  TYR 60  60  60  TYR TYR A . n 
A 1 61  ASP 61  61  61  ASP ASP A . n 
A 1 62  SER 62  62  62  SER SER A . n 
A 1 63  ALA 63  63  63  ALA ALA A . n 
A 1 64  PRO 64  64  64  PRO PRO A . n 
A 1 65  ALA 65  65  65  ALA ALA A . n 
A 1 66  THR 66  66  66  THR THR A . n 
A 1 67  ASP 67  67  67  ASP ASP A . n 
A 1 68  GLY 68  68  68  GLY GLY A . n 
A 1 69  SER 69  69  69  SER SER A . n 
A 1 70  GLY 70  70  70  GLY GLY A . n 
A 1 71  THR 71  71  71  THR THR A . n 
A 1 72  ALA 72  72  72  ALA ALA A . n 
A 1 73  LEU 73  73  73  LEU LEU A . n 
A 1 74  GLY 74  74  74  GLY GLY A . n 
A 1 75  TRP 75  75  75  TRP TRP A . n 
A 1 76  THR 76  76  76  THR THR A . n 
A 1 77  VAL 77  77  77  VAL VAL A . n 
A 1 78  ALA 78  78  78  ALA ALA A . n 
A 1 79  TRP 79  79  79  TRP TRP A . n 
A 1 80  LYS 80  80  80  LYS LYS A . n 
A 1 81  ASN 81  81  81  ASN ASN A . n 
A 1 82  ASN 82  82  82  ASN ASN A . n 
A 1 83  TYR 83  83  83  TYR TYR A . n 
A 1 84  ARG 84  84  84  ARG ARG A . n 
A 1 85  ASN 85  85  85  ASN ASN A . n 
A 1 86  ALA 86  86  86  ALA ALA A . n 
A 1 87  HIS 87  87  87  HIS HIS A . n 
A 1 88  SER 88  88  88  SER SER A . n 
A 1 89  ALA 89  89  89  ALA ALA A . n 
A 1 90  THR 90  90  90  THR THR A . n 
A 1 91  THR 91  91  91  THR THR A . n 
A 1 92  TRP 92  92  92  TRP TRP A . n 
A 1 93  SER 93  93  93  SER SER A . n 
A 1 94  GLY 94  94  94  GLY GLY A . n 
A 1 95  GLN 95  95  95  GLN GLN A . n 
A 1 96  TYR 96  96  96  TYR TYR A . n 
A 1 97  VAL 97  97  97  VAL VAL A . n 
A 1 98  GLY 98  98  98  GLY GLY A . n 
A 1 99  GLY 99  99  99  GLY GLY A . n 
A 1 100 ALA 100 100 100 ALA ALA A . n 
A 1 101 GLU 101 101 101 GLU GLU A . n 
A 1 102 ALA 102 102 102 ALA ALA A . n 
A 1 103 ARG 103 103 103 ARG ARG A . n 
A 1 104 ILE 104 104 104 ILE ILE A . n 
A 1 105 ASN 105 105 105 ASN ASN A . n 
A 1 106 THR 106 106 106 THR THR A . n 
A 1 107 GLN 107 107 107 GLN GLN A . n 
A 1 108 TRP 108 108 108 TRP TRP A . n 
A 1 109 LEU 109 109 109 LEU LEU A . n 
A 1 110 LEU 110 110 110 LEU LEU A . n 
A 1 111 THR 111 111 111 THR THR A . n 
A 1 112 SNC 112 112 112 SNC SNC A . n 
A 1 113 GLY 113 113 113 GLY GLY A . n 
A 1 114 THR 114 114 114 THR THR A . n 
A 1 115 THR 115 115 115 THR THR A . n 
A 1 116 GLU 116 116 116 GLU GLU A . n 
A 1 117 ALA 117 117 117 ALA ALA A . n 
A 1 118 ASN 118 118 118 ASN ASN A . n 
A 1 119 ALA 119 119 119 ALA ALA A . n 
A 1 120 TRP 120 120 120 TRP TRP A . n 
A 1 121 LYS 121 121 121 LYS LYS A . n 
A 1 122 SER 122 122 122 SER SER A . n 
A 1 123 THR 123 123 123 THR THR A . n 
A 1 124 PHE 124 124 124 PHE PHE A . n 
A 1 125 VAL 125 125 125 VAL VAL A . n 
A 1 126 GLY 126 126 126 GLY GLY A . n 
A 1 127 HIS 127 127 127 HIS HIS A . n 
A 1 128 ASP 128 128 128 ASP ASP A . n 
A 1 129 THR 129 129 129 THR THR A . n 
A 1 130 PHE 130 130 130 PHE PHE A . n 
A 1 131 THR 131 131 131 THR THR A . n 
A 1 132 LYS 132 132 132 LYS LYS A . n 
A 1 133 VAL 133 133 133 VAL VAL A . n 
A 1 134 LYS 134 134 134 LYS LYS A . n 
A 1 135 PRO 135 135 ?   ?   ?   A . n 
A 1 136 SER 136 136 ?   ?   ?   A . n 
A 1 137 ALA 137 137 ?   ?   ?   A . n 
A 1 138 ALA 138 138 ?   ?   ?   A . n 
A 1 139 SER 139 139 ?   ?   ?   A . n 
A 1 140 ILE 140 140 ?   ?   ?   A . n 
A 1 141 ASP 141 141 ?   ?   ?   A . n 
A 1 142 ALA 142 142 ?   ?   ?   A . n 
A 1 143 ALA 143 143 ?   ?   ?   A . n 
A 1 144 LYS 144 144 ?   ?   ?   A . n 
A 1 145 LYS 145 145 ?   ?   ?   A . n 
A 1 146 ALA 146 146 ?   ?   ?   A . n 
A 1 147 GLY 147 147 ?   ?   ?   A . n 
A 1 148 VAL 148 148 ?   ?   ?   A . n 
A 1 149 ASN 149 149 ?   ?   ?   A . n 
A 1 150 ASN 150 150 ?   ?   ?   A . n 
A 1 151 GLY 151 151 ?   ?   ?   A . n 
A 1 152 ASN 152 152 ?   ?   ?   A . n 
A 1 153 PRO 153 153 ?   ?   ?   A . n 
A 1 154 LEU 154 154 ?   ?   ?   A . n 
A 1 155 ASP 155 155 ?   ?   ?   A . n 
A 1 156 ALA 156 156 ?   ?   ?   A . n 
A 1 157 VAL 157 157 ?   ?   ?   A . n 
A 1 158 GLN 158 158 ?   ?   ?   A . n 
A 1 159 GLN 159 159 ?   ?   ?   A . n 
# 
loop_
_pdbx_entity_instance_feature.ordinal 
_pdbx_entity_instance_feature.comp_id 
_pdbx_entity_instance_feature.asym_id 
_pdbx_entity_instance_feature.seq_num 
_pdbx_entity_instance_feature.auth_comp_id 
_pdbx_entity_instance_feature.auth_asym_id 
_pdbx_entity_instance_feature.auth_seq_num 
_pdbx_entity_instance_feature.feature_type 
_pdbx_entity_instance_feature.details 
1 CU    ? ? CU    ? ? 'SUBJECT OF INVESTIGATION' ? 
2 A1BIA ? ? A1BIA ? ? 'SUBJECT OF INVESTIGATION' ? 
3 SNC   ? ? SNC   ? ? 'SUBJECT OF INVESTIGATION' ? 
# 
loop_
_pdbx_nonpoly_scheme.asym_id 
_pdbx_nonpoly_scheme.entity_id 
_pdbx_nonpoly_scheme.mon_id 
_pdbx_nonpoly_scheme.ndb_seq_num 
_pdbx_nonpoly_scheme.pdb_seq_num 
_pdbx_nonpoly_scheme.auth_seq_num 
_pdbx_nonpoly_scheme.pdb_mon_id 
_pdbx_nonpoly_scheme.auth_mon_id 
_pdbx_nonpoly_scheme.pdb_strand_id 
_pdbx_nonpoly_scheme.pdb_ins_code 
B 2 A1BIA 1   201 201 A1BIA SI6 A . 
C 3 CU    1   202 1   CU    CU  A . 
D 3 CU    1   203 2   CU    CU  A . 
E 4 SO4   1   204 1   SO4   SO4 A . 
F 5 HOH   1   301 128 HOH   HOH A . 
F 5 HOH   2   302 104 HOH   HOH A . 
F 5 HOH   3   303 7   HOH   HOH A . 
F 5 HOH   4   304 114 HOH   HOH A . 
F 5 HOH   5   305 120 HOH   HOH A . 
F 5 HOH   6   306 2   HOH   HOH A . 
F 5 HOH   7   307 94  HOH   HOH A . 
F 5 HOH   8   308 40  HOH   HOH A . 
F 5 HOH   9   309 75  HOH   HOH A . 
F 5 HOH   10  310 119 HOH   HOH A . 
F 5 HOH   11  311 107 HOH   HOH A . 
F 5 HOH   12  312 45  HOH   HOH A . 
F 5 HOH   13  313 82  HOH   HOH A . 
F 5 HOH   14  314 23  HOH   HOH A . 
F 5 HOH   15  315 54  HOH   HOH A . 
F 5 HOH   16  316 35  HOH   HOH A . 
F 5 HOH   17  317 58  HOH   HOH A . 
F 5 HOH   18  318 4   HOH   HOH A . 
F 5 HOH   19  319 26  HOH   HOH A . 
F 5 HOH   20  320 99  HOH   HOH A . 
F 5 HOH   21  321 30  HOH   HOH A . 
F 5 HOH   22  322 133 HOH   HOH A . 
F 5 HOH   23  323 140 HOH   HOH A . 
F 5 HOH   24  324 25  HOH   HOH A . 
F 5 HOH   25  325 20  HOH   HOH A . 
F 5 HOH   26  326 9   HOH   HOH A . 
F 5 HOH   27  327 46  HOH   HOH A . 
F 5 HOH   28  328 85  HOH   HOH A . 
F 5 HOH   29  329 118 HOH   HOH A . 
F 5 HOH   30  330 80  HOH   HOH A . 
F 5 HOH   31  331 32  HOH   HOH A . 
F 5 HOH   32  332 5   HOH   HOH A . 
F 5 HOH   33  333 110 HOH   HOH A . 
F 5 HOH   34  334 19  HOH   HOH A . 
F 5 HOH   35  335 123 HOH   HOH A . 
F 5 HOH   36  336 12  HOH   HOH A . 
F 5 HOH   37  337 16  HOH   HOH A . 
F 5 HOH   38  338 74  HOH   HOH A . 
F 5 HOH   39  339 48  HOH   HOH A . 
F 5 HOH   40  340 47  HOH   HOH A . 
F 5 HOH   41  341 33  HOH   HOH A . 
F 5 HOH   42  342 63  HOH   HOH A . 
F 5 HOH   43  343 56  HOH   HOH A . 
F 5 HOH   44  344 31  HOH   HOH A . 
F 5 HOH   45  345 10  HOH   HOH A . 
F 5 HOH   46  346 57  HOH   HOH A . 
F 5 HOH   47  347 122 HOH   HOH A . 
F 5 HOH   48  348 17  HOH   HOH A . 
F 5 HOH   49  349 84  HOH   HOH A . 
F 5 HOH   50  350 1   HOH   HOH A . 
F 5 HOH   51  351 3   HOH   HOH A . 
F 5 HOH   52  352 44  HOH   HOH A . 
F 5 HOH   53  353 116 HOH   HOH A . 
F 5 HOH   54  354 41  HOH   HOH A . 
F 5 HOH   55  355 101 HOH   HOH A . 
F 5 HOH   56  356 28  HOH   HOH A . 
F 5 HOH   57  357 18  HOH   HOH A . 
F 5 HOH   58  358 50  HOH   HOH A . 
F 5 HOH   59  359 6   HOH   HOH A . 
F 5 HOH   60  360 69  HOH   HOH A . 
F 5 HOH   61  361 49  HOH   HOH A . 
F 5 HOH   62  362 61  HOH   HOH A . 
F 5 HOH   63  363 34  HOH   HOH A . 
F 5 HOH   64  364 13  HOH   HOH A . 
F 5 HOH   65  365 37  HOH   HOH A . 
F 5 HOH   66  366 68  HOH   HOH A . 
F 5 HOH   67  367 42  HOH   HOH A . 
F 5 HOH   68  368 83  HOH   HOH A . 
F 5 HOH   69  369 52  HOH   HOH A . 
F 5 HOH   70  370 8   HOH   HOH A . 
F 5 HOH   71  371 22  HOH   HOH A . 
F 5 HOH   72  372 91  HOH   HOH A . 
F 5 HOH   73  373 70  HOH   HOH A . 
F 5 HOH   74  374 27  HOH   HOH A . 
F 5 HOH   75  375 14  HOH   HOH A . 
F 5 HOH   76  376 38  HOH   HOH A . 
F 5 HOH   77  377 139 HOH   HOH A . 
F 5 HOH   78  378 11  HOH   HOH A . 
F 5 HOH   79  379 60  HOH   HOH A . 
F 5 HOH   80  380 24  HOH   HOH A . 
F 5 HOH   81  381 21  HOH   HOH A . 
F 5 HOH   82  382 89  HOH   HOH A . 
F 5 HOH   83  383 55  HOH   HOH A . 
F 5 HOH   84  384 141 HOH   HOH A . 
F 5 HOH   85  385 43  HOH   HOH A . 
F 5 HOH   86  386 93  HOH   HOH A . 
F 5 HOH   87  387 97  HOH   HOH A . 
F 5 HOH   88  388 59  HOH   HOH A . 
F 5 HOH   89  389 136 HOH   HOH A . 
F 5 HOH   90  390 78  HOH   HOH A . 
F 5 HOH   91  391 15  HOH   HOH A . 
F 5 HOH   92  392 105 HOH   HOH A . 
F 5 HOH   93  393 102 HOH   HOH A . 
F 5 HOH   94  394 95  HOH   HOH A . 
F 5 HOH   95  395 39  HOH   HOH A . 
F 5 HOH   96  396 115 HOH   HOH A . 
F 5 HOH   97  397 29  HOH   HOH A . 
F 5 HOH   98  398 103 HOH   HOH A . 
F 5 HOH   99  399 96  HOH   HOH A . 
F 5 HOH   100 400 64  HOH   HOH A . 
F 5 HOH   101 401 81  HOH   HOH A . 
F 5 HOH   102 402 88  HOH   HOH A . 
F 5 HOH   103 403 109 HOH   HOH A . 
F 5 HOH   104 404 90  HOH   HOH A . 
F 5 HOH   105 405 71  HOH   HOH A . 
F 5 HOH   106 406 62  HOH   HOH A . 
F 5 HOH   107 407 134 HOH   HOH A . 
F 5 HOH   108 408 127 HOH   HOH A . 
F 5 HOH   109 409 125 HOH   HOH A . 
F 5 HOH   110 410 66  HOH   HOH A . 
F 5 HOH   111 411 126 HOH   HOH A . 
F 5 HOH   112 412 131 HOH   HOH A . 
F 5 HOH   113 413 106 HOH   HOH A . 
F 5 HOH   114 414 111 HOH   HOH A . 
F 5 HOH   115 415 142 HOH   HOH A . 
F 5 HOH   116 416 138 HOH   HOH A . 
F 5 HOH   117 417 98  HOH   HOH A . 
F 5 HOH   118 418 143 HOH   HOH A . 
F 5 HOH   119 419 130 HOH   HOH A . 
F 5 HOH   120 420 135 HOH   HOH A . 
F 5 HOH   121 421 53  HOH   HOH A . 
F 5 HOH   122 422 76  HOH   HOH A . 
F 5 HOH   123 423 145 HOH   HOH A . 
F 5 HOH   124 424 112 HOH   HOH A . 
F 5 HOH   125 425 132 HOH   HOH A . 
F 5 HOH   126 426 129 HOH   HOH A . 
F 5 HOH   127 427 73  HOH   HOH A . 
F 5 HOH   128 428 87  HOH   HOH A . 
F 5 HOH   129 429 117 HOH   HOH A . 
F 5 HOH   130 430 100 HOH   HOH A . 
F 5 HOH   131 431 108 HOH   HOH A . 
F 5 HOH   132 432 67  HOH   HOH A . 
F 5 HOH   133 433 79  HOH   HOH A . 
F 5 HOH   134 434 144 HOH   HOH A . 
F 5 HOH   135 435 137 HOH   HOH A . 
F 5 HOH   136 436 72  HOH   HOH A . 
F 5 HOH   137 437 124 HOH   HOH A . 
F 5 HOH   138 438 92  HOH   HOH A . 
F 5 HOH   139 439 86  HOH   HOH A . 
# 
loop_
_software.citation_id 
_software.classification 
_software.compiler_name 
_software.compiler_version 
_software.contact_author 
_software.contact_author_email 
_software.date 
_software.description 
_software.dependencies 
_software.hardware 
_software.language 
_software.location 
_software.mods 
_software.name 
_software.os 
_software.os_version 
_software.type 
_software.version 
_software.pdbx_ordinal 
? 'data reduction' ? ? ? ? ? ? ? ? ? ? ? XDS     ? ? ? .           1 
? refinement       ? ? ? ? ? ? ? ? ? ? ? PHENIX  ? ? ? 1.20.1_4487 2 
? phasing          ? ? ? ? ? ? ? ? ? ? ? PHASER  ? ? ? .           3 
? 'data scaling'   ? ? ? ? ? ? ? ? ? ? ? Aimless ? ? ? .           4 
# 
_cell.angle_alpha                  90.000 
_cell.angle_alpha_esd              ? 
_cell.angle_beta                   90.000 
_cell.angle_beta_esd               ? 
_cell.angle_gamma                  90.000 
_cell.angle_gamma_esd              ? 
_cell.entry_id                     9EC5 
_cell.details                      ? 
_cell.formula_units_Z              ? 
_cell.length_a                     57.675 
_cell.length_a_esd                 ? 
_cell.length_b                     57.675 
_cell.length_b_esd                 ? 
_cell.length_c                     183.928 
_cell.length_c_esd                 ? 
_cell.volume                       611819.134 
_cell.volume_esd                   ? 
_cell.Z_PDB                        16 
_cell.reciprocal_angle_alpha       ? 
_cell.reciprocal_angle_beta        ? 
_cell.reciprocal_angle_gamma       ? 
_cell.reciprocal_angle_alpha_esd   ? 
_cell.reciprocal_angle_beta_esd    ? 
_cell.reciprocal_angle_gamma_esd   ? 
_cell.reciprocal_length_a          ? 
_cell.reciprocal_length_b          ? 
_cell.reciprocal_length_c          ? 
_cell.reciprocal_length_a_esd      ? 
_cell.reciprocal_length_b_esd      ? 
_cell.reciprocal_length_c_esd      ? 
_cell.pdbx_unique_axis             ? 
_cell.pdbx_esd_method              ? 
# 
_symmetry.entry_id                         9EC5 
_symmetry.cell_setting                     ? 
_symmetry.Int_Tables_number                98 
_symmetry.space_group_name_Hall            'I 4bw 2bw' 
_symmetry.space_group_name_H-M             'I 41 2 2' 
_symmetry.pdbx_full_space_group_name_H-M   ? 
# 
_exptl.absorpt_coefficient_mu     ? 
_exptl.absorpt_correction_T_max   ? 
_exptl.absorpt_correction_T_min   ? 
_exptl.absorpt_correction_type    ? 
_exptl.absorpt_process_details    ? 
_exptl.entry_id                   9EC5 
_exptl.crystals_number            1 
_exptl.details                    ? 
_exptl.method                     'X-RAY DIFFRACTION' 
_exptl.method_details             ? 
# 
_exptl_crystal.colour                       ? 
_exptl_crystal.density_diffrn               ? 
_exptl_crystal.density_Matthews             2.23 
_exptl_crystal.density_method               ? 
_exptl_crystal.density_percent_sol          44.93 
_exptl_crystal.description                  ? 
_exptl_crystal.F_000                        ? 
_exptl_crystal.id                           1 
_exptl_crystal.preparation                  ? 
_exptl_crystal.size_max                     ? 
_exptl_crystal.size_mid                     ? 
_exptl_crystal.size_min                     ? 
_exptl_crystal.size_rad                     ? 
_exptl_crystal.colour_lustre                ? 
_exptl_crystal.colour_modifier              ? 
_exptl_crystal.colour_primary               ? 
_exptl_crystal.density_meas                 ? 
_exptl_crystal.density_meas_esd             ? 
_exptl_crystal.density_meas_gt              ? 
_exptl_crystal.density_meas_lt              ? 
_exptl_crystal.density_meas_temp            ? 
_exptl_crystal.density_meas_temp_esd        ? 
_exptl_crystal.density_meas_temp_gt         ? 
_exptl_crystal.density_meas_temp_lt         ? 
_exptl_crystal.pdbx_crystal_image_url       ? 
_exptl_crystal.pdbx_crystal_image_format    ? 
_exptl_crystal.pdbx_mosaicity               ? 
_exptl_crystal.pdbx_mosaicity_esd           ? 
_exptl_crystal.pdbx_mosaic_method           ? 
_exptl_crystal.pdbx_mosaic_block_size       ? 
_exptl_crystal.pdbx_mosaic_block_size_esd   ? 
# 
_exptl_crystal_grow.apparatus       ? 
_exptl_crystal_grow.atmosphere      ? 
_exptl_crystal_grow.crystal_id      1 
_exptl_crystal_grow.details         ? 
_exptl_crystal_grow.method          'VAPOR DIFFUSION, SITTING DROP' 
_exptl_crystal_grow.method_ref      ? 
_exptl_crystal_grow.pH              6 
_exptl_crystal_grow.pressure        ? 
_exptl_crystal_grow.pressure_esd    ? 
_exptl_crystal_grow.seeding         ? 
_exptl_crystal_grow.seeding_ref     ? 
_exptl_crystal_grow.temp_details    ? 
_exptl_crystal_grow.temp_esd        ? 
_exptl_crystal_grow.time            ? 
_exptl_crystal_grow.pdbx_details    'ammonium sulfate, sodium acetate' 
_exptl_crystal_grow.pdbx_pH_range   ? 
_exptl_crystal_grow.temp            293 
# 
_diffrn.ambient_environment              ? 
_diffrn.ambient_temp                     100 
_diffrn.ambient_temp_details             ? 
_diffrn.ambient_temp_esd                 ? 
_diffrn.crystal_id                       1 
_diffrn.crystal_support                  ? 
_diffrn.crystal_treatment                ? 
_diffrn.details                          ? 
_diffrn.id                               1 
_diffrn.ambient_pressure                 ? 
_diffrn.ambient_pressure_esd             ? 
_diffrn.ambient_pressure_gt              ? 
_diffrn.ambient_pressure_lt              ? 
_diffrn.ambient_temp_gt                  ? 
_diffrn.ambient_temp_lt                  ? 
_diffrn.pdbx_serial_crystal_experiment   N 
# 
_diffrn_detector.details                      ? 
_diffrn_detector.detector                     PIXEL 
_diffrn_detector.diffrn_id                    1 
_diffrn_detector.type                         'DECTRIS PILATUS 2M' 
_diffrn_detector.area_resol_mean              ? 
_diffrn_detector.dtime                        ? 
_diffrn_detector.pdbx_frames_total            ? 
_diffrn_detector.pdbx_collection_time_total   ? 
_diffrn_detector.pdbx_collection_date         2024-10-28 
_diffrn_detector.pdbx_frequency               ? 
_diffrn_detector.id                           ? 
_diffrn_detector.number_of_axes               ? 
# 
_diffrn_radiation.collimation                      ? 
_diffrn_radiation.diffrn_id                        1 
_diffrn_radiation.filter_edge                      ? 
_diffrn_radiation.inhomogeneity                    ? 
_diffrn_radiation.monochromator                    ? 
_diffrn_radiation.polarisn_norm                    ? 
_diffrn_radiation.polarisn_ratio                   ? 
_diffrn_radiation.probe                            ? 
_diffrn_radiation.type                             ? 
_diffrn_radiation.xray_symbol                      ? 
_diffrn_radiation.wavelength_id                    1 
_diffrn_radiation.pdbx_monochromatic_or_laue_m_l   M 
_diffrn_radiation.pdbx_wavelength_list             ? 
_diffrn_radiation.pdbx_wavelength                  ? 
_diffrn_radiation.pdbx_diffrn_protocol             'SINGLE WAVELENGTH' 
_diffrn_radiation.pdbx_analyzer                    ? 
_diffrn_radiation.pdbx_scattering_type             x-ray 
# 
_diffrn_radiation_wavelength.id           1 
_diffrn_radiation_wavelength.wavelength   0.97741 
_diffrn_radiation_wavelength.wt           1.0 
# 
_diffrn_source.current                     ? 
_diffrn_source.details                     ? 
_diffrn_source.diffrn_id                   1 
_diffrn_source.power                       ? 
_diffrn_source.size                        ? 
_diffrn_source.source                      SYNCHROTRON 
_diffrn_source.target                      ? 
_diffrn_source.type                        'ALS BEAMLINE 5.0.1' 
_diffrn_source.voltage                     ? 
_diffrn_source.take-off_angle              ? 
_diffrn_source.pdbx_wavelength_list        0.97741 
_diffrn_source.pdbx_wavelength             ? 
_diffrn_source.pdbx_synchrotron_beamline   5.0.1 
_diffrn_source.pdbx_synchrotron_site       ALS 
# 
_reflns.B_iso_Wilson_estimate                          9.08 
_reflns.entry_id                                       9EC5 
_reflns.data_reduction_details                         ? 
_reflns.data_reduction_method                          ? 
_reflns.d_resolution_high                              1.40 
_reflns.d_resolution_low                               45.98 
_reflns.details                                        ? 
_reflns.limit_h_max                                    ? 
_reflns.limit_h_min                                    ? 
_reflns.limit_k_max                                    ? 
_reflns.limit_k_min                                    ? 
_reflns.limit_l_max                                    ? 
_reflns.limit_l_min                                    ? 
_reflns.number_all                                     ? 
_reflns.number_obs                                     31164 
_reflns.observed_criterion                             ? 
_reflns.observed_criterion_F_max                       ? 
_reflns.observed_criterion_F_min                       ? 
_reflns.observed_criterion_I_max                       ? 
_reflns.observed_criterion_I_min                       ? 
_reflns.observed_criterion_sigma_F                     ? 
_reflns.observed_criterion_sigma_I                     ? 
_reflns.percent_possible_obs                           97.84 
_reflns.R_free_details                                 ? 
_reflns.Rmerge_F_all                                   ? 
_reflns.Rmerge_F_obs                                   ? 
_reflns.Friedel_coverage                               ? 
_reflns.number_gt                                      ? 
_reflns.threshold_expression                           ? 
_reflns.pdbx_redundancy                                20.1 
_reflns.pdbx_netI_over_av_sigmaI                       ? 
_reflns.pdbx_netI_over_sigmaI                          23.25 
_reflns.pdbx_res_netI_over_av_sigmaI_2                 ? 
_reflns.pdbx_res_netI_over_sigmaI_2                    ? 
_reflns.pdbx_chi_squared                               ? 
_reflns.pdbx_scaling_rejects                           ? 
_reflns.pdbx_d_res_high_opt                            ? 
_reflns.pdbx_d_res_low_opt                             ? 
_reflns.pdbx_d_res_opt_method                          ? 
_reflns.phase_calculation_details                      ? 
_reflns.pdbx_Rrim_I_all                                ? 
_reflns.pdbx_Rpim_I_all                                0.02387 
_reflns.pdbx_d_opt                                     ? 
_reflns.pdbx_number_measured_all                       ? 
_reflns.pdbx_diffrn_id                                 1 
_reflns.pdbx_ordinal                                   1 
_reflns.pdbx_CC_half                                   0.999 
_reflns.pdbx_CC_star                                   ? 
_reflns.pdbx_R_split                                   ? 
_reflns.pdbx_Rmerge_I_obs                              0.1057 
_reflns.pdbx_Rmerge_I_all                              ? 
_reflns.pdbx_Rsym_value                                ? 
_reflns.pdbx_CC_split_method                           ? 
_reflns.pdbx_aniso_diffraction_limit_axis_1_ortho[1]   ? 
_reflns.pdbx_aniso_diffraction_limit_axis_1_ortho[2]   ? 
_reflns.pdbx_aniso_diffraction_limit_axis_1_ortho[3]   ? 
_reflns.pdbx_aniso_diffraction_limit_axis_2_ortho[1]   ? 
_reflns.pdbx_aniso_diffraction_limit_axis_2_ortho[2]   ? 
_reflns.pdbx_aniso_diffraction_limit_axis_2_ortho[3]   ? 
_reflns.pdbx_aniso_diffraction_limit_axis_3_ortho[1]   ? 
_reflns.pdbx_aniso_diffraction_limit_axis_3_ortho[2]   ? 
_reflns.pdbx_aniso_diffraction_limit_axis_3_ortho[3]   ? 
_reflns.pdbx_aniso_diffraction_limit_1                 ? 
_reflns.pdbx_aniso_diffraction_limit_2                 ? 
_reflns.pdbx_aniso_diffraction_limit_3                 ? 
_reflns.pdbx_aniso_B_tensor_eigenvector_1_ortho[1]     ? 
_reflns.pdbx_aniso_B_tensor_eigenvector_1_ortho[2]     ? 
_reflns.pdbx_aniso_B_tensor_eigenvector_1_ortho[3]     ? 
_reflns.pdbx_aniso_B_tensor_eigenvector_2_ortho[1]     ? 
_reflns.pdbx_aniso_B_tensor_eigenvector_2_ortho[2]     ? 
_reflns.pdbx_aniso_B_tensor_eigenvector_2_ortho[3]     ? 
_reflns.pdbx_aniso_B_tensor_eigenvector_3_ortho[1]     ? 
_reflns.pdbx_aniso_B_tensor_eigenvector_3_ortho[2]     ? 
_reflns.pdbx_aniso_B_tensor_eigenvector_3_ortho[3]     ? 
_reflns.pdbx_aniso_B_tensor_eigenvalue_1               ? 
_reflns.pdbx_aniso_B_tensor_eigenvalue_2               ? 
_reflns.pdbx_aniso_B_tensor_eigenvalue_3               ? 
_reflns.pdbx_orthogonalization_convention              ? 
_reflns.pdbx_percent_possible_ellipsoidal              ? 
_reflns.pdbx_percent_possible_spherical                ? 
_reflns.pdbx_percent_possible_ellipsoidal_anomalous    ? 
_reflns.pdbx_percent_possible_spherical_anomalous      ? 
_reflns.pdbx_redundancy_anomalous                      ? 
_reflns.pdbx_CC_half_anomalous                         ? 
_reflns.pdbx_absDiff_over_sigma_anomalous              ? 
_reflns.pdbx_percent_possible_anomalous                ? 
_reflns.pdbx_observed_signal_threshold                 ? 
_reflns.pdbx_signal_type                               ? 
_reflns.pdbx_signal_details                            ? 
_reflns.pdbx_signal_software_id                        ? 
# 
_reflns_shell.d_res_high                                    1.4 
_reflns_shell.d_res_low                                     1.45 
_reflns_shell.meanI_over_sigI_all                           ? 
_reflns_shell.meanI_over_sigI_obs                           5.82 
_reflns_shell.number_measured_all                           ? 
_reflns_shell.number_measured_obs                           ? 
_reflns_shell.number_possible                               ? 
_reflns_shell.number_unique_all                             ? 
_reflns_shell.number_unique_obs                             3045 
_reflns_shell.percent_possible_obs                          ? 
_reflns_shell.Rmerge_F_all                                  ? 
_reflns_shell.Rmerge_F_obs                                  ? 
_reflns_shell.meanI_over_sigI_gt                            ? 
_reflns_shell.meanI_over_uI_all                             ? 
_reflns_shell.meanI_over_uI_gt                              ? 
_reflns_shell.number_measured_gt                            ? 
_reflns_shell.number_unique_gt                              ? 
_reflns_shell.percent_possible_gt                           ? 
_reflns_shell.Rmerge_F_gt                                   ? 
_reflns_shell.Rmerge_I_gt                                   ? 
_reflns_shell.pdbx_redundancy                               ? 
_reflns_shell.pdbx_chi_squared                              ? 
_reflns_shell.pdbx_netI_over_sigmaI_all                     ? 
_reflns_shell.pdbx_netI_over_sigmaI_obs                     ? 
_reflns_shell.pdbx_Rrim_I_all                               0.9528 
_reflns_shell.pdbx_Rpim_I_all                               0.2238 
_reflns_shell.pdbx_rejects                                  ? 
_reflns_shell.pdbx_ordinal                                  1 
_reflns_shell.pdbx_diffrn_id                                1 
_reflns_shell.pdbx_CC_half                                  0.917 
_reflns_shell.pdbx_CC_star                                  ? 
_reflns_shell.pdbx_R_split                                  ? 
_reflns_shell.percent_possible_all                          ? 
_reflns_shell.Rmerge_I_all                                  ? 
_reflns_shell.Rmerge_I_obs                                  0.9254 
_reflns_shell.pdbx_Rsym_value                               ? 
_reflns_shell.pdbx_percent_possible_ellipsoidal             ? 
_reflns_shell.pdbx_percent_possible_spherical               ? 
_reflns_shell.pdbx_percent_possible_ellipsoidal_anomalous   ? 
_reflns_shell.pdbx_percent_possible_spherical_anomalous     ? 
_reflns_shell.pdbx_redundancy_anomalous                     ? 
_reflns_shell.pdbx_CC_half_anomalous                        ? 
_reflns_shell.pdbx_absDiff_over_sigma_anomalous             ? 
_reflns_shell.pdbx_percent_possible_anomalous               ? 
# 
_refine.aniso_B[1][1]                            ? 
_refine.aniso_B[1][2]                            ? 
_refine.aniso_B[1][3]                            ? 
_refine.aniso_B[2][2]                            ? 
_refine.aniso_B[2][3]                            ? 
_refine.aniso_B[3][3]                            ? 
_refine.B_iso_max                                ? 
_refine.B_iso_mean                               15.48 
_refine.B_iso_min                                ? 
_refine.correlation_coeff_Fo_to_Fc               ? 
_refine.correlation_coeff_Fo_to_Fc_free          ? 
_refine.details                                  ? 
_refine.diff_density_max                         ? 
_refine.diff_density_max_esd                     ? 
_refine.diff_density_min                         ? 
_refine.diff_density_min_esd                     ? 
_refine.diff_density_rms                         ? 
_refine.diff_density_rms_esd                     ? 
_refine.entry_id                                 9EC5 
_refine.pdbx_refine_id                           'X-RAY DIFFRACTION' 
_refine.ls_abs_structure_details                 ? 
_refine.ls_abs_structure_Flack                   ? 
_refine.ls_abs_structure_Flack_esd               ? 
_refine.ls_abs_structure_Rogers                  ? 
_refine.ls_abs_structure_Rogers_esd              ? 
_refine.ls_d_res_high                            1.40 
_refine.ls_d_res_low                             45.98 
_refine.ls_extinction_coef                       ? 
_refine.ls_extinction_coef_esd                   ? 
_refine.ls_extinction_expression                 ? 
_refine.ls_extinction_method                     ? 
_refine.ls_goodness_of_fit_all                   ? 
_refine.ls_goodness_of_fit_all_esd               ? 
_refine.ls_goodness_of_fit_obs                   ? 
_refine.ls_goodness_of_fit_obs_esd               ? 
_refine.ls_hydrogen_treatment                    ? 
_refine.ls_matrix_type                           ? 
_refine.ls_number_constraints                    ? 
_refine.ls_number_parameters                     ? 
_refine.ls_number_reflns_all                     ? 
_refine.ls_number_reflns_obs                     30495 
_refine.ls_number_reflns_R_free                  1504 
_refine.ls_number_reflns_R_work                  28991 
_refine.ls_number_restraints                     ? 
_refine.ls_percent_reflns_obs                    97.84 
_refine.ls_percent_reflns_R_free                 4.93 
_refine.ls_R_factor_all                          ? 
_refine.ls_R_factor_obs                          0.1977 
_refine.ls_R_factor_R_free                       0.2282 
_refine.ls_R_factor_R_free_error                 ? 
_refine.ls_R_factor_R_free_error_details         ? 
_refine.ls_R_factor_R_work                       0.1962 
_refine.ls_R_Fsqd_factor_obs                     ? 
_refine.ls_R_I_factor_obs                        ? 
_refine.ls_redundancy_reflns_all                 ? 
_refine.ls_redundancy_reflns_obs                 ? 
_refine.ls_restrained_S_all                      ? 
_refine.ls_restrained_S_obs                      ? 
_refine.ls_shift_over_esd_max                    ? 
_refine.ls_shift_over_esd_mean                   ? 
_refine.ls_structure_factor_coef                 ? 
_refine.ls_weighting_details                     ? 
_refine.ls_weighting_scheme                      ? 
_refine.ls_wR_factor_all                         ? 
_refine.ls_wR_factor_obs                         ? 
_refine.ls_wR_factor_R_free                      ? 
_refine.ls_wR_factor_R_work                      ? 
_refine.occupancy_max                            ? 
_refine.occupancy_min                            ? 
_refine.solvent_model_details                    'FLAT BULK SOLVENT MODEL' 
_refine.solvent_model_param_bsol                 ? 
_refine.solvent_model_param_ksol                 ? 
_refine.pdbx_R_complete                          ? 
_refine.ls_R_factor_gt                           ? 
_refine.ls_goodness_of_fit_gt                    ? 
_refine.ls_goodness_of_fit_ref                   ? 
_refine.ls_shift_over_su_max                     ? 
_refine.ls_shift_over_su_max_lt                  ? 
_refine.ls_shift_over_su_mean                    ? 
_refine.ls_shift_over_su_mean_lt                 ? 
_refine.pdbx_ls_sigma_I                          ? 
_refine.pdbx_ls_sigma_F                          1.34 
_refine.pdbx_ls_sigma_Fsqd                       ? 
_refine.pdbx_data_cutoff_high_absF               ? 
_refine.pdbx_data_cutoff_high_rms_absF           ? 
_refine.pdbx_data_cutoff_low_absF                ? 
_refine.pdbx_isotropic_thermal_model             ? 
_refine.pdbx_ls_cross_valid_method               'FREE R-VALUE' 
_refine.pdbx_method_to_determine_struct          'MOLECULAR REPLACEMENT' 
_refine.pdbx_starting_model                      ? 
_refine.pdbx_stereochemistry_target_values       'GeoStd + Monomer Library + CDL v1.2' 
_refine.pdbx_R_Free_selection_details            ? 
_refine.pdbx_stereochem_target_val_spec_case     ? 
_refine.pdbx_overall_ESU_R                       ? 
_refine.pdbx_overall_ESU_R_Free                  ? 
_refine.pdbx_solvent_vdw_probe_radii             1.1000 
_refine.pdbx_solvent_ion_probe_radii             ? 
_refine.pdbx_solvent_shrinkage_radii             0.9000 
_refine.pdbx_real_space_R                        ? 
_refine.pdbx_density_correlation                 ? 
_refine.pdbx_pd_number_of_powder_patterns        ? 
_refine.pdbx_pd_number_of_points                 ? 
_refine.pdbx_pd_meas_number_of_points            ? 
_refine.pdbx_pd_proc_ls_prof_R_factor            ? 
_refine.pdbx_pd_proc_ls_prof_wR_factor           ? 
_refine.pdbx_pd_Marquardt_correlation_coeff      ? 
_refine.pdbx_pd_Fsqrd_R_factor                   ? 
_refine.pdbx_pd_ls_matrix_band_width             ? 
_refine.pdbx_overall_phase_error                 22.4470 
_refine.pdbx_overall_SU_R_free_Cruickshank_DPI   ? 
_refine.pdbx_overall_SU_R_free_Blow_DPI          ? 
_refine.pdbx_overall_SU_R_Blow_DPI               ? 
_refine.pdbx_TLS_residual_ADP_flag               ? 
_refine.pdbx_diffrn_id                           1 
_refine.overall_SU_B                             ? 
_refine.overall_SU_ML                            0.1628 
_refine.overall_SU_R_Cruickshank_DPI             ? 
_refine.overall_SU_R_free                        ? 
_refine.overall_FOM_free_R_set                   ? 
_refine.overall_FOM_work_R_set                   ? 
_refine.pdbx_average_fsc_overall                 ? 
_refine.pdbx_average_fsc_work                    ? 
_refine.pdbx_average_fsc_free                    ? 
# 
_refine_hist.pdbx_refine_id                   'X-RAY DIFFRACTION' 
_refine_hist.cycle_id                         LAST 
_refine_hist.details                          ? 
_refine_hist.d_res_high                       1.40 
_refine_hist.d_res_low                        45.98 
_refine_hist.number_atoms_solvent             139 
_refine_hist.number_atoms_total               1115 
_refine_hist.number_reflns_all                ? 
_refine_hist.number_reflns_obs                ? 
_refine_hist.number_reflns_R_free             ? 
_refine_hist.number_reflns_R_work             ? 
_refine_hist.R_factor_all                     ? 
_refine_hist.R_factor_obs                     ? 
_refine_hist.R_factor_R_free                  ? 
_refine_hist.R_factor_R_work                  ? 
_refine_hist.pdbx_number_residues_total       ? 
_refine_hist.pdbx_B_iso_mean_ligand           ? 
_refine_hist.pdbx_B_iso_mean_solvent          ? 
_refine_hist.pdbx_number_atoms_protein        933 
_refine_hist.pdbx_number_atoms_nucleic_acid   0 
_refine_hist.pdbx_number_atoms_ligand         43 
_refine_hist.pdbx_number_atoms_lipid          ? 
_refine_hist.pdbx_number_atoms_carb           ? 
_refine_hist.pdbx_pseudo_atom_details         ? 
# 
loop_
_refine_ls_restr.pdbx_refine_id 
_refine_ls_restr.criterion 
_refine_ls_restr.dev_ideal 
_refine_ls_restr.dev_ideal_target 
_refine_ls_restr.number 
_refine_ls_restr.rejects 
_refine_ls_restr.type 
_refine_ls_restr.weight 
_refine_ls_restr.pdbx_restraint_function 
'X-RAY DIFFRACTION' ? 0.0064  ? 1045 ? f_bond_d           ? ? 
'X-RAY DIFFRACTION' ? 1.0851  ? 1431 ? f_angle_d          ? ? 
'X-RAY DIFFRACTION' ? 0.0865  ? 153  ? f_chiral_restr     ? ? 
'X-RAY DIFFRACTION' ? 0.0065  ? 181  ? f_plane_restr      ? ? 
'X-RAY DIFFRACTION' ? 17.0388 ? 343  ? f_dihedral_angle_d ? ? 
# 
loop_
_refine_ls_shell.pdbx_refine_id 
_refine_ls_shell.d_res_high 
_refine_ls_shell.d_res_low 
_refine_ls_shell.number_reflns_all 
_refine_ls_shell.number_reflns_obs 
_refine_ls_shell.number_reflns_R_free 
_refine_ls_shell.number_reflns_R_work 
_refine_ls_shell.percent_reflns_obs 
_refine_ls_shell.percent_reflns_R_free 
_refine_ls_shell.R_factor_all 
_refine_ls_shell.R_factor_obs 
_refine_ls_shell.R_factor_R_free_error 
_refine_ls_shell.R_factor_R_work 
_refine_ls_shell.redundancy_reflns_all 
_refine_ls_shell.redundancy_reflns_obs 
_refine_ls_shell.wR_factor_all 
_refine_ls_shell.wR_factor_obs 
_refine_ls_shell.wR_factor_R_free 
_refine_ls_shell.wR_factor_R_work 
_refine_ls_shell.pdbx_R_complete 
_refine_ls_shell.pdbx_total_number_of_bins_used 
_refine_ls_shell.pdbx_phase_error 
_refine_ls_shell.pdbx_fsc_work 
_refine_ls_shell.pdbx_fsc_free 
_refine_ls_shell.R_factor_R_free 
'X-RAY DIFFRACTION' 1.40 1.45  . . 150 2630 99.93  . . . . 0.2880 . . . . . . . . . . . 0.3190 
'X-RAY DIFFRACTION' 1.45 1.50  . . 128 2635 100.00 . . . . 0.2612 . . . . . . . . . . . 0.2793 
'X-RAY DIFFRACTION' 1.50 1.56  . . 142 2650 99.86  . . . . 0.2423 . . . . . . . . . . . 0.2684 
'X-RAY DIFFRACTION' 1.56 1.63  . . 145 2619 99.42  . . . . 0.2369 . . . . . . . . . . . 0.2709 
'X-RAY DIFFRACTION' 1.63 1.71  . . 120 2611 98.13  . . . . 0.2339 . . . . . . . . . . . 0.2678 
'X-RAY DIFFRACTION' 1.71 1.82  . . 140 2611 97.48  . . . . 0.2216 . . . . . . . . . . . 0.2423 
'X-RAY DIFFRACTION' 1.82 1.96  . . 158 2470 93.26  . . . . 0.2118 . . . . . . . . . . . 0.2466 
'X-RAY DIFFRACTION' 1.96 2.16  . . 130 2574 95.65  . . . . 0.1937 . . . . . . . . . . . 0.2012 
'X-RAY DIFFRACTION' 2.16 2.47  . . 117 2644 96.81  . . . . 0.1801 . . . . . . . . . . . 0.1801 
'X-RAY DIFFRACTION' 2.47 3.11  . . 131 2696 97.96  . . . . 0.1735 . . . . . . . . . . . 0.2276 
'X-RAY DIFFRACTION' 3.12 45.98 . . 143 2851 97.94  . . . . 0.1592 . . . . . . . . . . . 0.1983 
# 
_struct.entry_id                     9EC5 
_struct.title                        
'Streptavidin-S112C-L124F bound to Cu(II)dpea cofactor, containing S-nitrosocysteine modification' 
_struct.pdbx_model_details           ? 
_struct.pdbx_formula_weight          ? 
_struct.pdbx_formula_weight_method   ? 
_struct.pdbx_model_type_details      ? 
_struct.pdbx_CASP_flag               N 
# 
_struct_keywords.entry_id        9EC5 
_struct_keywords.text            'biotin-streptavidin complex, artificial metalloprotein, METAL BINDING PROTEIN' 
_struct_keywords.pdbx_keywords   'METAL BINDING PROTEIN' 
# 
loop_
_struct_asym.id 
_struct_asym.pdbx_blank_PDB_chainid_flag 
_struct_asym.pdbx_modified 
_struct_asym.entity_id 
_struct_asym.details 
A N N 1 ? 
B N N 2 ? 
C N N 3 ? 
D N N 3 ? 
E N N 4 ? 
F N N 5 ? 
# 
_struct_ref.id                         1 
_struct_ref.db_name                    UNP 
_struct_ref.db_code                    SAV_STRAV 
_struct_ref.pdbx_db_accession          P22629 
_struct_ref.pdbx_db_isoform            ? 
_struct_ref.entity_id                  1 
_struct_ref.pdbx_seq_one_letter_code   
;EAGITGTWYNQLGSTFIVTAGADGALTGTYESAVGNAESRYVLTGRYDSAPATDGSGTALGWTVAWKNNYRNAHSATTWS
GQYVGGAEARINTQWLLTSGTTEANAWKSTLVGHDTFTKVKPSAASIDAAKKAGVNNGNPLDAVQQ
;
_struct_ref.pdbx_align_begin           38 
# 
_struct_ref_seq.align_id                      1 
_struct_ref_seq.ref_id                        1 
_struct_ref_seq.pdbx_PDB_id_code              9EC5 
_struct_ref_seq.pdbx_strand_id                A 
_struct_ref_seq.seq_align_beg                 14 
_struct_ref_seq.pdbx_seq_align_beg_ins_code   ? 
_struct_ref_seq.seq_align_end                 159 
_struct_ref_seq.pdbx_seq_align_end_ins_code   ? 
_struct_ref_seq.pdbx_db_accession             P22629 
_struct_ref_seq.db_align_beg                  38 
_struct_ref_seq.pdbx_db_align_beg_ins_code    ? 
_struct_ref_seq.db_align_end                  183 
_struct_ref_seq.pdbx_db_align_end_ins_code    ? 
_struct_ref_seq.pdbx_auth_seq_align_beg       14 
_struct_ref_seq.pdbx_auth_seq_align_end       159 
# 
loop_
_struct_ref_seq_dif.align_id 
_struct_ref_seq_dif.pdbx_pdb_id_code 
_struct_ref_seq_dif.mon_id 
_struct_ref_seq_dif.pdbx_pdb_strand_id 
_struct_ref_seq_dif.seq_num 
_struct_ref_seq_dif.pdbx_pdb_ins_code 
_struct_ref_seq_dif.pdbx_seq_db_name 
_struct_ref_seq_dif.pdbx_seq_db_accession_code 
_struct_ref_seq_dif.db_mon_id 
_struct_ref_seq_dif.pdbx_seq_db_seq_num 
_struct_ref_seq_dif.details 
_struct_ref_seq_dif.pdbx_auth_seq_num 
_struct_ref_seq_dif.pdbx_ordinal 
1 9EC5 MET A 1   ? UNP P22629 ?   ?   'expression tag'      1   1  
1 9EC5 ALA A 2   ? UNP P22629 ?   ?   'expression tag'      2   2  
1 9EC5 SER A 3   ? UNP P22629 ?   ?   'expression tag'      3   3  
1 9EC5 MET A 4   ? UNP P22629 ?   ?   'expression tag'      4   4  
1 9EC5 THR A 5   ? UNP P22629 ?   ?   'expression tag'      5   5  
1 9EC5 GLY A 6   ? UNP P22629 ?   ?   'expression tag'      6   6  
1 9EC5 GLY A 7   ? UNP P22629 ?   ?   'expression tag'      7   7  
1 9EC5 GLN A 8   ? UNP P22629 ?   ?   'expression tag'      8   8  
1 9EC5 GLN A 9   ? UNP P22629 ?   ?   'expression tag'      9   9  
1 9EC5 MET A 10  ? UNP P22629 ?   ?   'expression tag'      10  10 
1 9EC5 GLY A 11  ? UNP P22629 ?   ?   'expression tag'      11  11 
1 9EC5 ARG A 12  ? UNP P22629 ?   ?   'expression tag'      12  12 
1 9EC5 ASP A 13  ? UNP P22629 ?   ?   'expression tag'      13  13 
1 9EC5 GLN A 14  ? UNP P22629 GLU 38  'engineered mutation' 14  14 
1 9EC5 SNC A 112 ? UNP P22629 SER 136 'engineered mutation' 112 15 
1 9EC5 PHE A 124 ? UNP P22629 LEU 148 'engineered mutation' 124 16 
# 
_pdbx_struct_assembly.id                   1 
_pdbx_struct_assembly.details              author_and_software_defined_assembly 
_pdbx_struct_assembly.method_details       PISA 
_pdbx_struct_assembly.oligomeric_details   tetrameric 
_pdbx_struct_assembly.oligomeric_count     4 
# 
loop_
_pdbx_struct_assembly_prop.biol_id 
_pdbx_struct_assembly_prop.type 
_pdbx_struct_assembly_prop.value 
_pdbx_struct_assembly_prop.details 
1 'ABSA (A^2)' 14570 ? 
1 MORE         -131  ? 
1 'SSA (A^2)'  18290 ? 
# 
_pdbx_struct_assembly_gen.assembly_id       1 
_pdbx_struct_assembly_gen.oper_expression   1,2,3,4 
_pdbx_struct_assembly_gen.asym_id_list      A,B,C,D,E,F 
# 
_pdbx_struct_assembly_auth_evidence.id                     1 
_pdbx_struct_assembly_auth_evidence.assembly_id            1 
_pdbx_struct_assembly_auth_evidence.experimental_support   'gel filtration' 
_pdbx_struct_assembly_auth_evidence.details                ? 
# 
loop_
_pdbx_struct_oper_list.id 
_pdbx_struct_oper_list.type 
_pdbx_struct_oper_list.name 
_pdbx_struct_oper_list.symmetry_operation 
_pdbx_struct_oper_list.matrix[1][1] 
_pdbx_struct_oper_list.matrix[1][2] 
_pdbx_struct_oper_list.matrix[1][3] 
_pdbx_struct_oper_list.vector[1] 
_pdbx_struct_oper_list.matrix[2][1] 
_pdbx_struct_oper_list.matrix[2][2] 
_pdbx_struct_oper_list.matrix[2][3] 
_pdbx_struct_oper_list.vector[2] 
_pdbx_struct_oper_list.matrix[3][1] 
_pdbx_struct_oper_list.matrix[3][2] 
_pdbx_struct_oper_list.matrix[3][3] 
_pdbx_struct_oper_list.vector[3] 
1 'identity operation'         1_555  x,y,z        1.0000000000  0.0000000000  0.0000000000  0.0000000000  0.0000000000  1.0000000000  0.0000000000  0.0000000000  0.0000000000  0.0000000000  1.0000000000  0.0000000000  
2 'crystal symmetry operation' 8_665  -y+1,-x+1,-z -0.9826185492 0.1788214308  0.0498365585  26.9545918407 0.1788214308  0.8397258414  0.5127215688  -0.4935935004 0.0498365585  0.5127215688  -0.8571072922 -7.6298369328 
3 'crystal symmetry operation' 10_665 -x+1,-y+1,z  -0.9647526729 -0.0738219875 0.2525917544  28.8405771335 -0.0738219875 -0.8453872597 -0.5290280666 13.0853336178 0.2525917544  -0.5290280666 0.8101399326  -0.2001962529 
4 'crystal symmetry operation' 15_555 y,x,-z       0.9473712221  -0.1049994433 -0.3024283129 0.9452667662  -0.1049994433 -0.9943385817 0.0163064978  15.5491676137 -0.3024283129 0.0163064978  -0.9530326404 0.6882006258 
# 
loop_
_struct_conf.conf_type_id 
_struct_conf.id 
_struct_conf.pdbx_PDB_helix_id 
_struct_conf.beg_label_comp_id 
_struct_conf.beg_label_asym_id 
_struct_conf.beg_label_seq_id 
_struct_conf.pdbx_beg_PDB_ins_code 
_struct_conf.end_label_comp_id 
_struct_conf.end_label_asym_id 
_struct_conf.end_label_seq_id 
_struct_conf.pdbx_end_PDB_ins_code 
_struct_conf.beg_auth_comp_id 
_struct_conf.beg_auth_asym_id 
_struct_conf.beg_auth_seq_id 
_struct_conf.end_auth_comp_id 
_struct_conf.end_auth_asym_id 
_struct_conf.end_auth_seq_id 
_struct_conf.pdbx_PDB_helix_class 
_struct_conf.details 
_struct_conf.pdbx_PDB_helix_length 
HELX_P HELX_P1 AA1 ASP A 13  ? THR A 18  ? ASP A 13  THR A 18  1 ? 6 
HELX_P HELX_P2 AA2 THR A 115 ? LYS A 121 ? THR A 115 LYS A 121 5 ? 7 
# 
_struct_conf_type.id          HELX_P 
_struct_conf_type.criteria    ? 
_struct_conf_type.reference   ? 
# 
loop_
_struct_conn.id 
_struct_conn.conn_type_id 
_struct_conn.pdbx_leaving_atom_flag 
_struct_conn.pdbx_PDB_id 
_struct_conn.ptnr1_label_asym_id 
_struct_conn.ptnr1_label_comp_id 
_struct_conn.ptnr1_label_seq_id 
_struct_conn.ptnr1_label_atom_id 
_struct_conn.pdbx_ptnr1_label_alt_id 
_struct_conn.pdbx_ptnr1_PDB_ins_code 
_struct_conn.pdbx_ptnr1_standard_comp_id 
_struct_conn.ptnr1_symmetry 
_struct_conn.ptnr2_label_asym_id 
_struct_conn.ptnr2_label_comp_id 
_struct_conn.ptnr2_label_seq_id 
_struct_conn.ptnr2_label_atom_id 
_struct_conn.pdbx_ptnr2_label_alt_id 
_struct_conn.pdbx_ptnr2_PDB_ins_code 
_struct_conn.ptnr1_auth_asym_id 
_struct_conn.ptnr1_auth_comp_id 
_struct_conn.ptnr1_auth_seq_id 
_struct_conn.ptnr2_auth_asym_id 
_struct_conn.ptnr2_auth_comp_id 
_struct_conn.ptnr2_auth_seq_id 
_struct_conn.ptnr2_symmetry 
_struct_conn.pdbx_ptnr3_label_atom_id 
_struct_conn.pdbx_ptnr3_label_seq_id 
_struct_conn.pdbx_ptnr3_label_comp_id 
_struct_conn.pdbx_ptnr3_label_asym_id 
_struct_conn.pdbx_ptnr3_label_alt_id 
_struct_conn.pdbx_ptnr3_PDB_ins_code 
_struct_conn.details 
_struct_conn.pdbx_dist_value 
_struct_conn.pdbx_value_order 
_struct_conn.pdbx_role 
covale1 covale both ? A THR   111 C   ? ? ? 1_555 A SNC 112 N  ? ? A THR   111 A SNC 112 1_555 ? ? ? ? ? ? ? 1.335 ? ? 
covale2 covale both ? A SNC   112 C   ? ? ? 1_555 A GLY 113 N  ? ? A SNC   112 A GLY 113 1_555 ? ? ? ? ? ? ? 1.330 ? ? 
metalc1 metalc ?    ? A HIS   87  NE2 ? ? ? 1_555 C CU  .   CU ? ? A HIS   87  A CU  202 1_555 ? ? ? ? ? ? ? 2.700 ? ? 
metalc2 metalc ?    ? B A1BIA .   N4  ? ? ? 1_555 D CU  .   CU ? ? A A1BIA 201 A CU  203 1_555 ? ? ? ? ? ? ? 2.420 ? ? 
metalc3 metalc ?    ? B A1BIA .   N5  ? ? ? 1_555 D CU  .   CU ? ? A A1BIA 201 A CU  203 1_555 ? ? ? ? ? ? ? 2.190 ? ? 
metalc4 metalc ?    ? B A1BIA .   N6  ? ? ? 1_555 D CU  .   CU ? ? A A1BIA 201 A CU  203 1_555 ? ? ? ? ? ? ? 2.115 ? ? 
# 
loop_
_struct_conn_type.id 
_struct_conn_type.criteria 
_struct_conn_type.reference 
covale ? ? 
metalc ? ? 
# 
loop_
_pdbx_struct_conn_angle.id 
_pdbx_struct_conn_angle.ptnr1_label_atom_id 
_pdbx_struct_conn_angle.ptnr1_label_alt_id 
_pdbx_struct_conn_angle.ptnr1_label_asym_id 
_pdbx_struct_conn_angle.ptnr1_label_comp_id 
_pdbx_struct_conn_angle.ptnr1_label_seq_id 
_pdbx_struct_conn_angle.ptnr1_auth_atom_id 
_pdbx_struct_conn_angle.ptnr1_auth_asym_id 
_pdbx_struct_conn_angle.ptnr1_auth_comp_id 
_pdbx_struct_conn_angle.ptnr1_auth_seq_id 
_pdbx_struct_conn_angle.ptnr1_PDB_ins_code 
_pdbx_struct_conn_angle.ptnr1_symmetry 
_pdbx_struct_conn_angle.ptnr2_label_atom_id 
_pdbx_struct_conn_angle.ptnr2_label_alt_id 
_pdbx_struct_conn_angle.ptnr2_label_asym_id 
_pdbx_struct_conn_angle.ptnr2_label_comp_id 
_pdbx_struct_conn_angle.ptnr2_label_seq_id 
_pdbx_struct_conn_angle.ptnr2_auth_atom_id 
_pdbx_struct_conn_angle.ptnr2_auth_asym_id 
_pdbx_struct_conn_angle.ptnr2_auth_comp_id 
_pdbx_struct_conn_angle.ptnr2_auth_seq_id 
_pdbx_struct_conn_angle.ptnr2_PDB_ins_code 
_pdbx_struct_conn_angle.ptnr2_symmetry 
_pdbx_struct_conn_angle.ptnr3_label_atom_id 
_pdbx_struct_conn_angle.ptnr3_label_alt_id 
_pdbx_struct_conn_angle.ptnr3_label_asym_id 
_pdbx_struct_conn_angle.ptnr3_label_comp_id 
_pdbx_struct_conn_angle.ptnr3_label_seq_id 
_pdbx_struct_conn_angle.ptnr3_auth_atom_id 
_pdbx_struct_conn_angle.ptnr3_auth_asym_id 
_pdbx_struct_conn_angle.ptnr3_auth_comp_id 
_pdbx_struct_conn_angle.ptnr3_auth_seq_id 
_pdbx_struct_conn_angle.ptnr3_PDB_ins_code 
_pdbx_struct_conn_angle.ptnr3_symmetry 
_pdbx_struct_conn_angle.value 
_pdbx_struct_conn_angle.value_esd 
1 N4 ? B A1BIA . ? A A1BIA 201 ? 1_555 CU ? D CU . ? A CU 203 ? 1_555 N5 ? B A1BIA . ? A A1BIA 201 ? 1_555 77.6  ? 
2 N4 ? B A1BIA . ? A A1BIA 201 ? 1_555 CU ? D CU . ? A CU 203 ? 1_555 N6 ? B A1BIA . ? A A1BIA 201 ? 1_555 94.3  ? 
3 N5 ? B A1BIA . ? A A1BIA 201 ? 1_555 CU ? D CU . ? A CU 203 ? 1_555 N6 ? B A1BIA . ? A A1BIA 201 ? 1_555 140.3 ? 
# 
_pdbx_modification_feature.ordinal                            1 
_pdbx_modification_feature.label_comp_id                      SNC 
_pdbx_modification_feature.label_asym_id                      A 
_pdbx_modification_feature.label_seq_id                       112 
_pdbx_modification_feature.label_alt_id                       ? 
_pdbx_modification_feature.modified_residue_label_comp_id     . 
_pdbx_modification_feature.modified_residue_label_asym_id     . 
_pdbx_modification_feature.modified_residue_label_seq_id      . 
_pdbx_modification_feature.modified_residue_label_alt_id      . 
_pdbx_modification_feature.auth_comp_id                       SNC 
_pdbx_modification_feature.auth_asym_id                       A 
_pdbx_modification_feature.auth_seq_id                        112 
_pdbx_modification_feature.PDB_ins_code                       ? 
_pdbx_modification_feature.symmetry                           1_555 
_pdbx_modification_feature.modified_residue_auth_comp_id      . 
_pdbx_modification_feature.modified_residue_auth_asym_id      . 
_pdbx_modification_feature.modified_residue_auth_seq_id       . 
_pdbx_modification_feature.modified_residue_PDB_ins_code      . 
_pdbx_modification_feature.modified_residue_symmetry          . 
_pdbx_modification_feature.comp_id_linking_atom               . 
_pdbx_modification_feature.modified_residue_id_linking_atom   . 
_pdbx_modification_feature.modified_residue_id                CYS 
_pdbx_modification_feature.ref_pcm_id                         1 
_pdbx_modification_feature.ref_comp_id                        SNC 
_pdbx_modification_feature.type                               Nitrosylation 
_pdbx_modification_feature.category                           'Named protein modification' 
# 
_struct_sheet.id               AA1 
_struct_sheet.type             ? 
_struct_sheet.number_strands   9 
_struct_sheet.details          ? 
# 
loop_
_struct_sheet_order.sheet_id 
_struct_sheet_order.range_id_1 
_struct_sheet_order.range_id_2 
_struct_sheet_order.offset 
_struct_sheet_order.sense 
AA1 1 2 ? anti-parallel 
AA1 2 3 ? anti-parallel 
AA1 3 4 ? anti-parallel 
AA1 4 5 ? anti-parallel 
AA1 5 6 ? anti-parallel 
AA1 6 7 ? anti-parallel 
AA1 7 8 ? anti-parallel 
AA1 8 9 ? anti-parallel 
# 
loop_
_struct_sheet_range.sheet_id 
_struct_sheet_range.id 
_struct_sheet_range.beg_label_comp_id 
_struct_sheet_range.beg_label_asym_id 
_struct_sheet_range.beg_label_seq_id 
_struct_sheet_range.pdbx_beg_PDB_ins_code 
_struct_sheet_range.end_label_comp_id 
_struct_sheet_range.end_label_asym_id 
_struct_sheet_range.end_label_seq_id 
_struct_sheet_range.pdbx_end_PDB_ins_code 
_struct_sheet_range.beg_auth_comp_id 
_struct_sheet_range.beg_auth_asym_id 
_struct_sheet_range.beg_auth_seq_id 
_struct_sheet_range.end_auth_comp_id 
_struct_sheet_range.end_auth_asym_id 
_struct_sheet_range.end_auth_seq_id 
AA1 1 GLY A 19  ? ASN A 23  ? GLY A 19  ASN A 23  
AA1 2 THR A 28  ? ALA A 33  ? THR A 28  ALA A 33  
AA1 3 ALA A 38  ? GLU A 44  ? ALA A 38  GLU A 44  
AA1 4 TYR A 54  ? TYR A 60  ? TYR A 54  TYR A 60  
AA1 5 THR A 71  ? LYS A 80  ? THR A 71  LYS A 80  
AA1 6 ASN A 85  ? VAL A 97  ? ASN A 85  VAL A 97  
AA1 7 ARG A 103 ? SNC A 112 ? ARG A 103 SNC A 112 
AA1 8 THR A 123 ? THR A 131 ? THR A 123 THR A 131 
AA1 9 GLY A 19  ? ASN A 23  ? GLY A 19  ASN A 23  
# 
loop_
_pdbx_struct_sheet_hbond.sheet_id 
_pdbx_struct_sheet_hbond.range_id_1 
_pdbx_struct_sheet_hbond.range_id_2 
_pdbx_struct_sheet_hbond.range_1_label_atom_id 
_pdbx_struct_sheet_hbond.range_1_label_comp_id 
_pdbx_struct_sheet_hbond.range_1_label_asym_id 
_pdbx_struct_sheet_hbond.range_1_label_seq_id 
_pdbx_struct_sheet_hbond.range_1_PDB_ins_code 
_pdbx_struct_sheet_hbond.range_1_auth_atom_id 
_pdbx_struct_sheet_hbond.range_1_auth_comp_id 
_pdbx_struct_sheet_hbond.range_1_auth_asym_id 
_pdbx_struct_sheet_hbond.range_1_auth_seq_id 
_pdbx_struct_sheet_hbond.range_2_label_atom_id 
_pdbx_struct_sheet_hbond.range_2_label_comp_id 
_pdbx_struct_sheet_hbond.range_2_label_asym_id 
_pdbx_struct_sheet_hbond.range_2_label_seq_id 
_pdbx_struct_sheet_hbond.range_2_PDB_ins_code 
_pdbx_struct_sheet_hbond.range_2_auth_atom_id 
_pdbx_struct_sheet_hbond.range_2_auth_comp_id 
_pdbx_struct_sheet_hbond.range_2_auth_asym_id 
_pdbx_struct_sheet_hbond.range_2_auth_seq_id 
AA1 1 2 N TRP A 21  ? N TRP A 21  O PHE A 29  ? O PHE A 29  
AA1 2 3 N THR A 32  ? N THR A 32  O THR A 40  ? O THR A 40  
AA1 3 4 N LEU A 39  ? N LEU A 39  O GLY A 58  ? O GLY A 58  
AA1 4 5 N ARG A 59  ? N ARG A 59  O GLY A 74  ? O GLY A 74  
AA1 5 6 N LEU A 73  ? N LEU A 73  O GLY A 94  ? O GLY A 94  
AA1 6 7 N VAL A 97  ? N VAL A 97  O ARG A 103 ? O ARG A 103 
AA1 7 8 N LEU A 110 ? N LEU A 110 O PHE A 124 ? O PHE A 124 
AA1 8 9 O THR A 131 ? O THR A 131 N TYR A 22  ? N TYR A 22  
# 
_pdbx_entry_details.entry_id                   9EC5 
_pdbx_entry_details.nonpolymer_details         ? 
_pdbx_entry_details.sequence_details           ? 
_pdbx_entry_details.compound_details           ? 
_pdbx_entry_details.source_details             ? 
_pdbx_entry_details.has_ligand_of_interest     Y 
_pdbx_entry_details.has_protein_modification   Y 
# 
loop_
_pdbx_validate_torsion.id 
_pdbx_validate_torsion.PDB_model_num 
_pdbx_validate_torsion.auth_comp_id 
_pdbx_validate_torsion.auth_asym_id 
_pdbx_validate_torsion.auth_seq_id 
_pdbx_validate_torsion.PDB_ins_code 
_pdbx_validate_torsion.label_alt_id 
_pdbx_validate_torsion.phi 
_pdbx_validate_torsion.psi 
1 1 SER A 52  ? A 64.53   -156.17 
2 1 SER A 52  ? B 62.60   -162.29 
3 1 GLU A 101 ? ? -112.73 72.22   
# 
loop_
_pdbx_struct_special_symmetry.id 
_pdbx_struct_special_symmetry.PDB_model_num 
_pdbx_struct_special_symmetry.auth_asym_id 
_pdbx_struct_special_symmetry.auth_comp_id 
_pdbx_struct_special_symmetry.auth_seq_id 
_pdbx_struct_special_symmetry.PDB_ins_code 
_pdbx_struct_special_symmetry.label_asym_id 
_pdbx_struct_special_symmetry.label_comp_id 
_pdbx_struct_special_symmetry.label_seq_id 
1 1 A HOH 303 ? F HOH . 
2 1 A HOH 304 ? F HOH . 
3 1 A HOH 408 ? F HOH . 
# 
loop_
_space_group_symop.id 
_space_group_symop.operation_xyz 
1  x,y,z                
2  -y+1/2,x,z+3/4       
3  y+1/2,-x,z+3/4       
4  x+1/2,-y,-z+3/4      
5  -x+1/2,y,-z+3/4      
6  -x,-y,z              
7  y,x,-z               
8  -y,-x,-z             
9  x+1/2,y+1/2,z+1/2    
10 -y+1,x+1/2,z+5/4     
11 y+1,-x+1/2,z+5/4     
12 x+1,-y+1/2,-z+5/4    
13 -x+1,y+1/2,-z+5/4    
14 -x+1/2,-y+1/2,z+1/2  
15 y+1/2,x+1/2,-z+1/2   
16 -y+1/2,-x+1/2,-z+1/2 
# 
_pdbx_distant_solvent_atoms.id                                1 
_pdbx_distant_solvent_atoms.PDB_model_num                     1 
_pdbx_distant_solvent_atoms.auth_atom_id                      O 
_pdbx_distant_solvent_atoms.label_alt_id                      ? 
_pdbx_distant_solvent_atoms.auth_asym_id                      A 
_pdbx_distant_solvent_atoms.auth_comp_id                      HOH 
_pdbx_distant_solvent_atoms.auth_seq_id                       439 
_pdbx_distant_solvent_atoms.PDB_ins_code                      ? 
_pdbx_distant_solvent_atoms.neighbor_macromolecule_distance   6.00 
_pdbx_distant_solvent_atoms.neighbor_ligand_distance          . 
# 
loop_
_pdbx_unobs_or_zero_occ_residues.id 
_pdbx_unobs_or_zero_occ_residues.PDB_model_num 
_pdbx_unobs_or_zero_occ_residues.polymer_flag 
_pdbx_unobs_or_zero_occ_residues.occupancy_flag 
_pdbx_unobs_or_zero_occ_residues.auth_asym_id 
_pdbx_unobs_or_zero_occ_residues.auth_comp_id 
_pdbx_unobs_or_zero_occ_residues.auth_seq_id 
_pdbx_unobs_or_zero_occ_residues.PDB_ins_code 
_pdbx_unobs_or_zero_occ_residues.label_asym_id 
_pdbx_unobs_or_zero_occ_residues.label_comp_id 
_pdbx_unobs_or_zero_occ_residues.label_seq_id 
1  1 Y 1 A MET 1   ? A MET 1   
2  1 Y 1 A ALA 2   ? A ALA 2   
3  1 Y 1 A SER 3   ? A SER 3   
4  1 Y 1 A MET 4   ? A MET 4   
5  1 Y 1 A THR 5   ? A THR 5   
6  1 Y 1 A GLY 6   ? A GLY 6   
7  1 Y 1 A GLY 7   ? A GLY 7   
8  1 Y 1 A GLN 8   ? A GLN 8   
9  1 Y 1 A GLN 9   ? A GLN 9   
10 1 Y 1 A MET 10  ? A MET 10  
11 1 Y 1 A PRO 135 ? A PRO 135 
12 1 Y 1 A SER 136 ? A SER 136 
13 1 Y 1 A ALA 137 ? A ALA 137 
14 1 Y 1 A ALA 138 ? A ALA 138 
15 1 Y 1 A SER 139 ? A SER 139 
16 1 Y 1 A ILE 140 ? A ILE 140 
17 1 Y 1 A ASP 141 ? A ASP 141 
18 1 Y 1 A ALA 142 ? A ALA 142 
19 1 Y 1 A ALA 143 ? A ALA 143 
20 1 Y 1 A LYS 144 ? A LYS 144 
21 1 Y 1 A LYS 145 ? A LYS 145 
22 1 Y 1 A ALA 146 ? A ALA 146 
23 1 Y 1 A GLY 147 ? A GLY 147 
24 1 Y 1 A VAL 148 ? A VAL 148 
25 1 Y 1 A ASN 149 ? A ASN 149 
26 1 Y 1 A ASN 150 ? A ASN 150 
27 1 Y 1 A GLY 151 ? A GLY 151 
28 1 Y 1 A ASN 152 ? A ASN 152 
29 1 Y 1 A PRO 153 ? A PRO 153 
30 1 Y 1 A LEU 154 ? A LEU 154 
31 1 Y 1 A ASP 155 ? A ASP 155 
32 1 Y 1 A ALA 156 ? A ALA 156 
33 1 Y 1 A VAL 157 ? A VAL 157 
34 1 Y 1 A GLN 158 ? A GLN 158 
35 1 Y 1 A GLN 159 ? A GLN 159 
# 
loop_
_chem_comp_atom.comp_id 
_chem_comp_atom.atom_id 
_chem_comp_atom.type_symbol 
_chem_comp_atom.pdbx_aromatic_flag 
_chem_comp_atom.pdbx_stereo_config 
_chem_comp_atom.pdbx_ordinal 
A1BIA C1   C  N N 1   
A1BIA C2   C  N R 2   
A1BIA C3   C  N N 3   
A1BIA C4   C  N S 4   
A1BIA C5   C  N S 5   
A1BIA C6   C  N N 6   
A1BIA C7   C  N N 7   
A1BIA C8   C  N N 8   
A1BIA O1   O  N N 9   
A1BIA C9   C  N N 10  
A1BIA C10  C  N N 11  
A1BIA C11  C  N N 12  
A1BIA C12  C  N N 13  
A1BIA S1   S  N N 14  
A1BIA C13  C  N N 15  
A1BIA N1   N  N N 16  
A1BIA N2   N  N N 17  
A1BIA C14  C  N N 18  
A1BIA C15  C  Y N 19  
A1BIA N3   N  N N 20  
A1BIA N4   N  N N 21  
A1BIA C16  C  Y N 22  
A1BIA C17  C  Y N 23  
A1BIA C18  C  Y N 24  
A1BIA C19  C  Y N 25  
A1BIA C20  C  N N 26  
A1BIA C21  C  N N 27  
A1BIA C22  C  Y N 28  
A1BIA C23  C  Y N 29  
A1BIA C24  C  Y N 30  
A1BIA C25  C  Y N 31  
A1BIA C26  C  Y N 32  
A1BIA C27  C  N N 33  
A1BIA N5   N  Y N 34  
A1BIA N6   N  Y N 35  
A1BIA O2   O  N N 36  
A1BIA H02  H  N N 37  
A1BIA H05  H  N N 38  
A1BIA H04  H  N N 39  
A1BIA H07  H  N N 40  
A1BIA H08  H  N N 41  
A1BIA H10  H  N N 42  
A1BIA H09  H  N N 43  
A1BIA H11  H  N N 44  
A1BIA H12  H  N N 45  
A1BIA H14  H  N N 46  
A1BIA H13  H  N N 47  
A1BIA H16  H  N N 48  
A1BIA H15  H  N N 49  
A1BIA H17  H  N N 50  
A1BIA H18  H  N N 51  
A1BIA H20  H  N N 52  
A1BIA H19  H  N N 53  
A1BIA H21  H  N N 54  
A1BIA H22  H  N N 55  
A1BIA H01  H  N N 56  
A1BIA H03  H  N N 57  
A1BIA H23  H  N N 58  
A1BIA H24  H  N N 59  
A1BIA H06  H  N N 60  
A1BIA H25  H  N N 61  
A1BIA H26  H  N N 62  
A1BIA H27  H  N N 63  
A1BIA H28  H  N N 64  
A1BIA H30  H  N N 65  
A1BIA H29  H  N N 66  
A1BIA H32  H  N N 67  
A1BIA H31  H  N N 68  
A1BIA H33  H  N N 69  
A1BIA H34  H  N N 70  
A1BIA H35  H  N N 71  
A1BIA H36  H  N N 72  
A1BIA H38  H  N N 73  
A1BIA H37  H  N N 74  
ALA   N    N  N N 75  
ALA   CA   C  N S 76  
ALA   C    C  N N 77  
ALA   O    O  N N 78  
ALA   CB   C  N N 79  
ALA   OXT  O  N N 80  
ALA   H    H  N N 81  
ALA   H2   H  N N 82  
ALA   HA   H  N N 83  
ALA   HB1  H  N N 84  
ALA   HB2  H  N N 85  
ALA   HB3  H  N N 86  
ALA   HXT  H  N N 87  
ARG   N    N  N N 88  
ARG   CA   C  N S 89  
ARG   C    C  N N 90  
ARG   O    O  N N 91  
ARG   CB   C  N N 92  
ARG   CG   C  N N 93  
ARG   CD   C  N N 94  
ARG   NE   N  N N 95  
ARG   CZ   C  N N 96  
ARG   NH1  N  N N 97  
ARG   NH2  N  N N 98  
ARG   OXT  O  N N 99  
ARG   H    H  N N 100 
ARG   H2   H  N N 101 
ARG   HA   H  N N 102 
ARG   HB2  H  N N 103 
ARG   HB3  H  N N 104 
ARG   HG2  H  N N 105 
ARG   HG3  H  N N 106 
ARG   HD2  H  N N 107 
ARG   HD3  H  N N 108 
ARG   HE   H  N N 109 
ARG   HH11 H  N N 110 
ARG   HH12 H  N N 111 
ARG   HH21 H  N N 112 
ARG   HH22 H  N N 113 
ARG   HXT  H  N N 114 
ASN   N    N  N N 115 
ASN   CA   C  N S 116 
ASN   C    C  N N 117 
ASN   O    O  N N 118 
ASN   CB   C  N N 119 
ASN   CG   C  N N 120 
ASN   OD1  O  N N 121 
ASN   ND2  N  N N 122 
ASN   OXT  O  N N 123 
ASN   H    H  N N 124 
ASN   H2   H  N N 125 
ASN   HA   H  N N 126 
ASN   HB2  H  N N 127 
ASN   HB3  H  N N 128 
ASN   HD21 H  N N 129 
ASN   HD22 H  N N 130 
ASN   HXT  H  N N 131 
ASP   N    N  N N 132 
ASP   CA   C  N S 133 
ASP   C    C  N N 134 
ASP   O    O  N N 135 
ASP   CB   C  N N 136 
ASP   CG   C  N N 137 
ASP   OD1  O  N N 138 
ASP   OD2  O  N N 139 
ASP   OXT  O  N N 140 
ASP   H    H  N N 141 
ASP   H2   H  N N 142 
ASP   HA   H  N N 143 
ASP   HB2  H  N N 144 
ASP   HB3  H  N N 145 
ASP   HD2  H  N N 146 
ASP   HXT  H  N N 147 
CU    CU   CU N N 148 
GLN   N    N  N N 149 
GLN   CA   C  N S 150 
GLN   C    C  N N 151 
GLN   O    O  N N 152 
GLN   CB   C  N N 153 
GLN   CG   C  N N 154 
GLN   CD   C  N N 155 
GLN   OE1  O  N N 156 
GLN   NE2  N  N N 157 
GLN   OXT  O  N N 158 
GLN   H    H  N N 159 
GLN   H2   H  N N 160 
GLN   HA   H  N N 161 
GLN   HB2  H  N N 162 
GLN   HB3  H  N N 163 
GLN   HG2  H  N N 164 
GLN   HG3  H  N N 165 
GLN   HE21 H  N N 166 
GLN   HE22 H  N N 167 
GLN   HXT  H  N N 168 
GLU   N    N  N N 169 
GLU   CA   C  N S 170 
GLU   C    C  N N 171 
GLU   O    O  N N 172 
GLU   CB   C  N N 173 
GLU   CG   C  N N 174 
GLU   CD   C  N N 175 
GLU   OE1  O  N N 176 
GLU   OE2  O  N N 177 
GLU   OXT  O  N N 178 
GLU   H    H  N N 179 
GLU   H2   H  N N 180 
GLU   HA   H  N N 181 
GLU   HB2  H  N N 182 
GLU   HB3  H  N N 183 
GLU   HG2  H  N N 184 
GLU   HG3  H  N N 185 
GLU   HE2  H  N N 186 
GLU   HXT  H  N N 187 
GLY   N    N  N N 188 
GLY   CA   C  N N 189 
GLY   C    C  N N 190 
GLY   O    O  N N 191 
GLY   OXT  O  N N 192 
GLY   H    H  N N 193 
GLY   H2   H  N N 194 
GLY   HA2  H  N N 195 
GLY   HA3  H  N N 196 
GLY   HXT  H  N N 197 
HIS   N    N  N N 198 
HIS   CA   C  N S 199 
HIS   C    C  N N 200 
HIS   O    O  N N 201 
HIS   CB   C  N N 202 
HIS   CG   C  Y N 203 
HIS   ND1  N  Y N 204 
HIS   CD2  C  Y N 205 
HIS   CE1  C  Y N 206 
HIS   NE2  N  Y N 207 
HIS   OXT  O  N N 208 
HIS   H    H  N N 209 
HIS   H2   H  N N 210 
HIS   HA   H  N N 211 
HIS   HB2  H  N N 212 
HIS   HB3  H  N N 213 
HIS   HD1  H  N N 214 
HIS   HD2  H  N N 215 
HIS   HE1  H  N N 216 
HIS   HE2  H  N N 217 
HIS   HXT  H  N N 218 
HOH   O    O  N N 219 
HOH   H1   H  N N 220 
HOH   H2   H  N N 221 
ILE   N    N  N N 222 
ILE   CA   C  N S 223 
ILE   C    C  N N 224 
ILE   O    O  N N 225 
ILE   CB   C  N S 226 
ILE   CG1  C  N N 227 
ILE   CG2  C  N N 228 
ILE   CD1  C  N N 229 
ILE   OXT  O  N N 230 
ILE   H    H  N N 231 
ILE   H2   H  N N 232 
ILE   HA   H  N N 233 
ILE   HB   H  N N 234 
ILE   HG12 H  N N 235 
ILE   HG13 H  N N 236 
ILE   HG21 H  N N 237 
ILE   HG22 H  N N 238 
ILE   HG23 H  N N 239 
ILE   HD11 H  N N 240 
ILE   HD12 H  N N 241 
ILE   HD13 H  N N 242 
ILE   HXT  H  N N 243 
LEU   N    N  N N 244 
LEU   CA   C  N S 245 
LEU   C    C  N N 246 
LEU   O    O  N N 247 
LEU   CB   C  N N 248 
LEU   CG   C  N N 249 
LEU   CD1  C  N N 250 
LEU   CD2  C  N N 251 
LEU   OXT  O  N N 252 
LEU   H    H  N N 253 
LEU   H2   H  N N 254 
LEU   HA   H  N N 255 
LEU   HB2  H  N N 256 
LEU   HB3  H  N N 257 
LEU   HG   H  N N 258 
LEU   HD11 H  N N 259 
LEU   HD12 H  N N 260 
LEU   HD13 H  N N 261 
LEU   HD21 H  N N 262 
LEU   HD22 H  N N 263 
LEU   HD23 H  N N 264 
LEU   HXT  H  N N 265 
LYS   N    N  N N 266 
LYS   CA   C  N S 267 
LYS   C    C  N N 268 
LYS   O    O  N N 269 
LYS   CB   C  N N 270 
LYS   CG   C  N N 271 
LYS   CD   C  N N 272 
LYS   CE   C  N N 273 
LYS   NZ   N  N N 274 
LYS   OXT  O  N N 275 
LYS   H    H  N N 276 
LYS   H2   H  N N 277 
LYS   HA   H  N N 278 
LYS   HB2  H  N N 279 
LYS   HB3  H  N N 280 
LYS   HG2  H  N N 281 
LYS   HG3  H  N N 282 
LYS   HD2  H  N N 283 
LYS   HD3  H  N N 284 
LYS   HE2  H  N N 285 
LYS   HE3  H  N N 286 
LYS   HZ1  H  N N 287 
LYS   HZ2  H  N N 288 
LYS   HZ3  H  N N 289 
LYS   HXT  H  N N 290 
MET   N    N  N N 291 
MET   CA   C  N S 292 
MET   C    C  N N 293 
MET   O    O  N N 294 
MET   CB   C  N N 295 
MET   CG   C  N N 296 
MET   SD   S  N N 297 
MET   CE   C  N N 298 
MET   OXT  O  N N 299 
MET   H    H  N N 300 
MET   H2   H  N N 301 
MET   HA   H  N N 302 
MET   HB2  H  N N 303 
MET   HB3  H  N N 304 
MET   HG2  H  N N 305 
MET   HG3  H  N N 306 
MET   HE1  H  N N 307 
MET   HE2  H  N N 308 
MET   HE3  H  N N 309 
MET   HXT  H  N N 310 
PHE   N    N  N N 311 
PHE   CA   C  N S 312 
PHE   C    C  N N 313 
PHE   O    O  N N 314 
PHE   CB   C  N N 315 
PHE   CG   C  Y N 316 
PHE   CD1  C  Y N 317 
PHE   CD2  C  Y N 318 
PHE   CE1  C  Y N 319 
PHE   CE2  C  Y N 320 
PHE   CZ   C  Y N 321 
PHE   OXT  O  N N 322 
PHE   H    H  N N 323 
PHE   H2   H  N N 324 
PHE   HA   H  N N 325 
PHE   HB2  H  N N 326 
PHE   HB3  H  N N 327 
PHE   HD1  H  N N 328 
PHE   HD2  H  N N 329 
PHE   HE1  H  N N 330 
PHE   HE2  H  N N 331 
PHE   HZ   H  N N 332 
PHE   HXT  H  N N 333 
PRO   N    N  N N 334 
PRO   CA   C  N S 335 
PRO   C    C  N N 336 
PRO   O    O  N N 337 
PRO   CB   C  N N 338 
PRO   CG   C  N N 339 
PRO   CD   C  N N 340 
PRO   OXT  O  N N 341 
PRO   H    H  N N 342 
PRO   HA   H  N N 343 
PRO   HB2  H  N N 344 
PRO   HB3  H  N N 345 
PRO   HG2  H  N N 346 
PRO   HG3  H  N N 347 
PRO   HD2  H  N N 348 
PRO   HD3  H  N N 349 
PRO   HXT  H  N N 350 
SER   N    N  N N 351 
SER   CA   C  N S 352 
SER   C    C  N N 353 
SER   O    O  N N 354 
SER   CB   C  N N 355 
SER   OG   O  N N 356 
SER   OXT  O  N N 357 
SER   H    H  N N 358 
SER   H2   H  N N 359 
SER   HA   H  N N 360 
SER   HB2  H  N N 361 
SER   HB3  H  N N 362 
SER   HG   H  N N 363 
SER   HXT  H  N N 364 
SNC   N    N  N N 365 
SNC   CA   C  N R 366 
SNC   CB   C  N N 367 
SNC   SG   S  N N 368 
SNC   ND   N  N N 369 
SNC   OE   O  N N 370 
SNC   C    C  N N 371 
SNC   O    O  N N 372 
SNC   OXT  O  N N 373 
SNC   H    H  N N 374 
SNC   H2   H  N N 375 
SNC   HA   H  N N 376 
SNC   HB2  H  N N 377 
SNC   HB3  H  N N 378 
SNC   HXT  H  N N 379 
SO4   S    S  N N 380 
SO4   O1   O  N N 381 
SO4   O2   O  N N 382 
SO4   O3   O  N N 383 
SO4   O4   O  N N 384 
THR   N    N  N N 385 
THR   CA   C  N S 386 
THR   C    C  N N 387 
THR   O    O  N N 388 
THR   CB   C  N R 389 
THR   OG1  O  N N 390 
THR   CG2  C  N N 391 
THR   OXT  O  N N 392 
THR   H    H  N N 393 
THR   H2   H  N N 394 
THR   HA   H  N N 395 
THR   HB   H  N N 396 
THR   HG1  H  N N 397 
THR   HG21 H  N N 398 
THR   HG22 H  N N 399 
THR   HG23 H  N N 400 
THR   HXT  H  N N 401 
TRP   N    N  N N 402 
TRP   CA   C  N S 403 
TRP   C    C  N N 404 
TRP   O    O  N N 405 
TRP   CB   C  N N 406 
TRP   CG   C  Y N 407 
TRP   CD1  C  Y N 408 
TRP   CD2  C  Y N 409 
TRP   NE1  N  Y N 410 
TRP   CE2  C  Y N 411 
TRP   CE3  C  Y N 412 
TRP   CZ2  C  Y N 413 
TRP   CZ3  C  Y N 414 
TRP   CH2  C  Y N 415 
TRP   OXT  O  N N 416 
TRP   H    H  N N 417 
TRP   H2   H  N N 418 
TRP   HA   H  N N 419 
TRP   HB2  H  N N 420 
TRP   HB3  H  N N 421 
TRP   HD1  H  N N 422 
TRP   HE1  H  N N 423 
TRP   HE3  H  N N 424 
TRP   HZ2  H  N N 425 
TRP   HZ3  H  N N 426 
TRP   HH2  H  N N 427 
TRP   HXT  H  N N 428 
TYR   N    N  N N 429 
TYR   CA   C  N S 430 
TYR   C    C  N N 431 
TYR   O    O  N N 432 
TYR   CB   C  N N 433 
TYR   CG   C  Y N 434 
TYR   CD1  C  Y N 435 
TYR   CD2  C  Y N 436 
TYR   CE1  C  Y N 437 
TYR   CE2  C  Y N 438 
TYR   CZ   C  Y N 439 
TYR   OH   O  N N 440 
TYR   OXT  O  N N 441 
TYR   H    H  N N 442 
TYR   H2   H  N N 443 
TYR   HA   H  N N 444 
TYR   HB2  H  N N 445 
TYR   HB3  H  N N 446 
TYR   HD1  H  N N 447 
TYR   HD2  H  N N 448 
TYR   HE1  H  N N 449 
TYR   HE2  H  N N 450 
TYR   HH   H  N N 451 
TYR   HXT  H  N N 452 
VAL   N    N  N N 453 
VAL   CA   C  N S 454 
VAL   C    C  N N 455 
VAL   O    O  N N 456 
VAL   CB   C  N N 457 
VAL   CG1  C  N N 458 
VAL   CG2  C  N N 459 
VAL   OXT  O  N N 460 
VAL   H    H  N N 461 
VAL   H2   H  N N 462 
VAL   HA   H  N N 463 
VAL   HB   H  N N 464 
VAL   HG11 H  N N 465 
VAL   HG12 H  N N 466 
VAL   HG13 H  N N 467 
VAL   HG21 H  N N 468 
VAL   HG22 H  N N 469 
VAL   HG23 H  N N 470 
VAL   HXT  H  N N 471 
# 
loop_
_chem_comp_bond.comp_id 
_chem_comp_bond.atom_id_1 
_chem_comp_bond.atom_id_2 
_chem_comp_bond.value_order 
_chem_comp_bond.pdbx_aromatic_flag 
_chem_comp_bond.pdbx_stereo_config 
_chem_comp_bond.pdbx_ordinal 
A1BIA C1  N1   sing N N 1   
A1BIA C1  O1   doub N N 2   
A1BIA C1  N2   sing N N 3   
A1BIA N1  C2   sing N N 4   
A1BIA S1  C3   sing N N 5   
A1BIA S1  C5   sing N N 6   
A1BIA C2  C3   sing N N 7   
A1BIA C2  C4   sing N N 8   
A1BIA N2  C4   sing N N 9   
A1BIA O2  C10  doub N N 10  
A1BIA N3  C10  sing N N 11  
A1BIA N3  C11  sing N N 12  
A1BIA C4  C5   sing N N 13  
A1BIA N4  C12  sing N N 14  
A1BIA N4  C13  sing N N 15  
A1BIA N4  C20  sing N N 16  
A1BIA C5  C6   sing N N 17  
A1BIA N5  C15  doub Y N 18  
A1BIA N5  C16  sing Y N 19  
A1BIA C6  C7   sing N N 20  
A1BIA N6  C22  doub Y N 21  
A1BIA N6  C23  sing Y N 22  
A1BIA C7  C8   sing N N 23  
A1BIA C8  C9   sing N N 24  
A1BIA C9  C10  sing N N 25  
A1BIA C11 C27  sing N N 26  
A1BIA C12 C27  sing N N 27  
A1BIA C13 C14  sing N N 28  
A1BIA C14 C15  sing N N 29  
A1BIA C15 C19  sing Y N 30  
A1BIA C16 C17  doub Y N 31  
A1BIA C17 C18  sing Y N 32  
A1BIA C18 C19  doub Y N 33  
A1BIA C20 C21  sing N N 34  
A1BIA C21 C22  sing N N 35  
A1BIA C22 C26  sing Y N 36  
A1BIA C23 C24  doub Y N 37  
A1BIA C24 C25  sing Y N 38  
A1BIA C25 C26  doub Y N 39  
A1BIA C2  H02  sing N N 40  
A1BIA C3  H05  sing N N 41  
A1BIA C3  H04  sing N N 42  
A1BIA C4  H07  sing N N 43  
A1BIA C5  H08  sing N N 44  
A1BIA C6  H10  sing N N 45  
A1BIA C6  H09  sing N N 46  
A1BIA C7  H11  sing N N 47  
A1BIA C7  H12  sing N N 48  
A1BIA C8  H14  sing N N 49  
A1BIA C8  H13  sing N N 50  
A1BIA C9  H16  sing N N 51  
A1BIA C9  H15  sing N N 52  
A1BIA C11 H17  sing N N 53  
A1BIA C11 H18  sing N N 54  
A1BIA C12 H20  sing N N 55  
A1BIA C12 H19  sing N N 56  
A1BIA C13 H21  sing N N 57  
A1BIA C13 H22  sing N N 58  
A1BIA N1  H01  sing N N 59  
A1BIA N2  H03  sing N N 60  
A1BIA C14 H23  sing N N 61  
A1BIA C14 H24  sing N N 62  
A1BIA N3  H06  sing N N 63  
A1BIA C16 H25  sing N N 64  
A1BIA C17 H26  sing N N 65  
A1BIA C18 H27  sing N N 66  
A1BIA C19 H28  sing N N 67  
A1BIA C20 H30  sing N N 68  
A1BIA C20 H29  sing N N 69  
A1BIA C21 H32  sing N N 70  
A1BIA C21 H31  sing N N 71  
A1BIA C23 H33  sing N N 72  
A1BIA C24 H34  sing N N 73  
A1BIA C25 H35  sing N N 74  
A1BIA C26 H36  sing N N 75  
A1BIA C27 H38  sing N N 76  
A1BIA C27 H37  sing N N 77  
ALA   N   CA   sing N N 78  
ALA   N   H    sing N N 79  
ALA   N   H2   sing N N 80  
ALA   CA  C    sing N N 81  
ALA   CA  CB   sing N N 82  
ALA   CA  HA   sing N N 83  
ALA   C   O    doub N N 84  
ALA   C   OXT  sing N N 85  
ALA   CB  HB1  sing N N 86  
ALA   CB  HB2  sing N N 87  
ALA   CB  HB3  sing N N 88  
ALA   OXT HXT  sing N N 89  
ARG   N   CA   sing N N 90  
ARG   N   H    sing N N 91  
ARG   N   H2   sing N N 92  
ARG   CA  C    sing N N 93  
ARG   CA  CB   sing N N 94  
ARG   CA  HA   sing N N 95  
ARG   C   O    doub N N 96  
ARG   C   OXT  sing N N 97  
ARG   CB  CG   sing N N 98  
ARG   CB  HB2  sing N N 99  
ARG   CB  HB3  sing N N 100 
ARG   CG  CD   sing N N 101 
ARG   CG  HG2  sing N N 102 
ARG   CG  HG3  sing N N 103 
ARG   CD  NE   sing N N 104 
ARG   CD  HD2  sing N N 105 
ARG   CD  HD3  sing N N 106 
ARG   NE  CZ   sing N N 107 
ARG   NE  HE   sing N N 108 
ARG   CZ  NH1  sing N N 109 
ARG   CZ  NH2  doub N N 110 
ARG   NH1 HH11 sing N N 111 
ARG   NH1 HH12 sing N N 112 
ARG   NH2 HH21 sing N N 113 
ARG   NH2 HH22 sing N N 114 
ARG   OXT HXT  sing N N 115 
ASN   N   CA   sing N N 116 
ASN   N   H    sing N N 117 
ASN   N   H2   sing N N 118 
ASN   CA  C    sing N N 119 
ASN   CA  CB   sing N N 120 
ASN   CA  HA   sing N N 121 
ASN   C   O    doub N N 122 
ASN   C   OXT  sing N N 123 
ASN   CB  CG   sing N N 124 
ASN   CB  HB2  sing N N 125 
ASN   CB  HB3  sing N N 126 
ASN   CG  OD1  doub N N 127 
ASN   CG  ND2  sing N N 128 
ASN   ND2 HD21 sing N N 129 
ASN   ND2 HD22 sing N N 130 
ASN   OXT HXT  sing N N 131 
ASP   N   CA   sing N N 132 
ASP   N   H    sing N N 133 
ASP   N   H2   sing N N 134 
ASP   CA  C    sing N N 135 
ASP   CA  CB   sing N N 136 
ASP   CA  HA   sing N N 137 
ASP   C   O    doub N N 138 
ASP   C   OXT  sing N N 139 
ASP   CB  CG   sing N N 140 
ASP   CB  HB2  sing N N 141 
ASP   CB  HB3  sing N N 142 
ASP   CG  OD1  doub N N 143 
ASP   CG  OD2  sing N N 144 
ASP   OD2 HD2  sing N N 145 
ASP   OXT HXT  sing N N 146 
GLN   N   CA   sing N N 147 
GLN   N   H    sing N N 148 
GLN   N   H2   sing N N 149 
GLN   CA  C    sing N N 150 
GLN   CA  CB   sing N N 151 
GLN   CA  HA   sing N N 152 
GLN   C   O    doub N N 153 
GLN   C   OXT  sing N N 154 
GLN   CB  CG   sing N N 155 
GLN   CB  HB2  sing N N 156 
GLN   CB  HB3  sing N N 157 
GLN   CG  CD   sing N N 158 
GLN   CG  HG2  sing N N 159 
GLN   CG  HG3  sing N N 160 
GLN   CD  OE1  doub N N 161 
GLN   CD  NE2  sing N N 162 
GLN   NE2 HE21 sing N N 163 
GLN   NE2 HE22 sing N N 164 
GLN   OXT HXT  sing N N 165 
GLU   N   CA   sing N N 166 
GLU   N   H    sing N N 167 
GLU   N   H2   sing N N 168 
GLU   CA  C    sing N N 169 
GLU   CA  CB   sing N N 170 
GLU   CA  HA   sing N N 171 
GLU   C   O    doub N N 172 
GLU   C   OXT  sing N N 173 
GLU   CB  CG   sing N N 174 
GLU   CB  HB2  sing N N 175 
GLU   CB  HB3  sing N N 176 
GLU   CG  CD   sing N N 177 
GLU   CG  HG2  sing N N 178 
GLU   CG  HG3  sing N N 179 
GLU   CD  OE1  doub N N 180 
GLU   CD  OE2  sing N N 181 
GLU   OE2 HE2  sing N N 182 
GLU   OXT HXT  sing N N 183 
GLY   N   CA   sing N N 184 
GLY   N   H    sing N N 185 
GLY   N   H2   sing N N 186 
GLY   CA  C    sing N N 187 
GLY   CA  HA2  sing N N 188 
GLY   CA  HA3  sing N N 189 
GLY   C   O    doub N N 190 
GLY   C   OXT  sing N N 191 
GLY   OXT HXT  sing N N 192 
HIS   N   CA   sing N N 193 
HIS   N   H    sing N N 194 
HIS   N   H2   sing N N 195 
HIS   CA  C    sing N N 196 
HIS   CA  CB   sing N N 197 
HIS   CA  HA   sing N N 198 
HIS   C   O    doub N N 199 
HIS   C   OXT  sing N N 200 
HIS   CB  CG   sing N N 201 
HIS   CB  HB2  sing N N 202 
HIS   CB  HB3  sing N N 203 
HIS   CG  ND1  sing Y N 204 
HIS   CG  CD2  doub Y N 205 
HIS   ND1 CE1  doub Y N 206 
HIS   ND1 HD1  sing N N 207 
HIS   CD2 NE2  sing Y N 208 
HIS   CD2 HD2  sing N N 209 
HIS   CE1 NE2  sing Y N 210 
HIS   CE1 HE1  sing N N 211 
HIS   NE2 HE2  sing N N 212 
HIS   OXT HXT  sing N N 213 
HOH   O   H1   sing N N 214 
HOH   O   H2   sing N N 215 
ILE   N   CA   sing N N 216 
ILE   N   H    sing N N 217 
ILE   N   H2   sing N N 218 
ILE   CA  C    sing N N 219 
ILE   CA  CB   sing N N 220 
ILE   CA  HA   sing N N 221 
ILE   C   O    doub N N 222 
ILE   C   OXT  sing N N 223 
ILE   CB  CG1  sing N N 224 
ILE   CB  CG2  sing N N 225 
ILE   CB  HB   sing N N 226 
ILE   CG1 CD1  sing N N 227 
ILE   CG1 HG12 sing N N 228 
ILE   CG1 HG13 sing N N 229 
ILE   CG2 HG21 sing N N 230 
ILE   CG2 HG22 sing N N 231 
ILE   CG2 HG23 sing N N 232 
ILE   CD1 HD11 sing N N 233 
ILE   CD1 HD12 sing N N 234 
ILE   CD1 HD13 sing N N 235 
ILE   OXT HXT  sing N N 236 
LEU   N   CA   sing N N 237 
LEU   N   H    sing N N 238 
LEU   N   H2   sing N N 239 
LEU   CA  C    sing N N 240 
LEU   CA  CB   sing N N 241 
LEU   CA  HA   sing N N 242 
LEU   C   O    doub N N 243 
LEU   C   OXT  sing N N 244 
LEU   CB  CG   sing N N 245 
LEU   CB  HB2  sing N N 246 
LEU   CB  HB3  sing N N 247 
LEU   CG  CD1  sing N N 248 
LEU   CG  CD2  sing N N 249 
LEU   CG  HG   sing N N 250 
LEU   CD1 HD11 sing N N 251 
LEU   CD1 HD12 sing N N 252 
LEU   CD1 HD13 sing N N 253 
LEU   CD2 HD21 sing N N 254 
LEU   CD2 HD22 sing N N 255 
LEU   CD2 HD23 sing N N 256 
LEU   OXT HXT  sing N N 257 
LYS   N   CA   sing N N 258 
LYS   N   H    sing N N 259 
LYS   N   H2   sing N N 260 
LYS   CA  C    sing N N 261 
LYS   CA  CB   sing N N 262 
LYS   CA  HA   sing N N 263 
LYS   C   O    doub N N 264 
LYS   C   OXT  sing N N 265 
LYS   CB  CG   sing N N 266 
LYS   CB  HB2  sing N N 267 
LYS   CB  HB3  sing N N 268 
LYS   CG  CD   sing N N 269 
LYS   CG  HG2  sing N N 270 
LYS   CG  HG3  sing N N 271 
LYS   CD  CE   sing N N 272 
LYS   CD  HD2  sing N N 273 
LYS   CD  HD3  sing N N 274 
LYS   CE  NZ   sing N N 275 
LYS   CE  HE2  sing N N 276 
LYS   CE  HE3  sing N N 277 
LYS   NZ  HZ1  sing N N 278 
LYS   NZ  HZ2  sing N N 279 
LYS   NZ  HZ3  sing N N 280 
LYS   OXT HXT  sing N N 281 
MET   N   CA   sing N N 282 
MET   N   H    sing N N 283 
MET   N   H2   sing N N 284 
MET   CA  C    sing N N 285 
MET   CA  CB   sing N N 286 
MET   CA  HA   sing N N 287 
MET   C   O    doub N N 288 
MET   C   OXT  sing N N 289 
MET   CB  CG   sing N N 290 
MET   CB  HB2  sing N N 291 
MET   CB  HB3  sing N N 292 
MET   CG  SD   sing N N 293 
MET   CG  HG2  sing N N 294 
MET   CG  HG3  sing N N 295 
MET   SD  CE   sing N N 296 
MET   CE  HE1  sing N N 297 
MET   CE  HE2  sing N N 298 
MET   CE  HE3  sing N N 299 
MET   OXT HXT  sing N N 300 
PHE   N   CA   sing N N 301 
PHE   N   H    sing N N 302 
PHE   N   H2   sing N N 303 
PHE   CA  C    sing N N 304 
PHE   CA  CB   sing N N 305 
PHE   CA  HA   sing N N 306 
PHE   C   O    doub N N 307 
PHE   C   OXT  sing N N 308 
PHE   CB  CG   sing N N 309 
PHE   CB  HB2  sing N N 310 
PHE   CB  HB3  sing N N 311 
PHE   CG  CD1  doub Y N 312 
PHE   CG  CD2  sing Y N 313 
PHE   CD1 CE1  sing Y N 314 
PHE   CD1 HD1  sing N N 315 
PHE   CD2 CE2  doub Y N 316 
PHE   CD2 HD2  sing N N 317 
PHE   CE1 CZ   doub Y N 318 
PHE   CE1 HE1  sing N N 319 
PHE   CE2 CZ   sing Y N 320 
PHE   CE2 HE2  sing N N 321 
PHE   CZ  HZ   sing N N 322 
PHE   OXT HXT  sing N N 323 
PRO   N   CA   sing N N 324 
PRO   N   CD   sing N N 325 
PRO   N   H    sing N N 326 
PRO   CA  C    sing N N 327 
PRO   CA  CB   sing N N 328 
PRO   CA  HA   sing N N 329 
PRO   C   O    doub N N 330 
PRO   C   OXT  sing N N 331 
PRO   CB  CG   sing N N 332 
PRO   CB  HB2  sing N N 333 
PRO   CB  HB3  sing N N 334 
PRO   CG  CD   sing N N 335 
PRO   CG  HG2  sing N N 336 
PRO   CG  HG3  sing N N 337 
PRO   CD  HD2  sing N N 338 
PRO   CD  HD3  sing N N 339 
PRO   OXT HXT  sing N N 340 
SER   N   CA   sing N N 341 
SER   N   H    sing N N 342 
SER   N   H2   sing N N 343 
SER   CA  C    sing N N 344 
SER   CA  CB   sing N N 345 
SER   CA  HA   sing N N 346 
SER   C   O    doub N N 347 
SER   C   OXT  sing N N 348 
SER   CB  OG   sing N N 349 
SER   CB  HB2  sing N N 350 
SER   CB  HB3  sing N N 351 
SER   OG  HG   sing N N 352 
SER   OXT HXT  sing N N 353 
SNC   N   CA   sing N N 354 
SNC   N   H    sing N N 355 
SNC   N   H2   sing N N 356 
SNC   CA  CB   sing N N 357 
SNC   CA  C    sing N N 358 
SNC   CA  HA   sing N N 359 
SNC   CB  SG   sing N N 360 
SNC   CB  HB2  sing N N 361 
SNC   CB  HB3  sing N N 362 
SNC   SG  ND   sing N N 363 
SNC   ND  OE   doub N N 364 
SNC   C   O    doub N N 365 
SNC   C   OXT  sing N N 366 
SNC   OXT HXT  sing N N 367 
SO4   S   O1   doub N N 368 
SO4   S   O2   doub N N 369 
SO4   S   O3   sing N N 370 
SO4   S   O4   sing N N 371 
THR   N   CA   sing N N 372 
THR   N   H    sing N N 373 
THR   N   H2   sing N N 374 
THR   CA  C    sing N N 375 
THR   CA  CB   sing N N 376 
THR   CA  HA   sing N N 377 
THR   C   O    doub N N 378 
THR   C   OXT  sing N N 379 
THR   CB  OG1  sing N N 380 
THR   CB  CG2  sing N N 381 
THR   CB  HB   sing N N 382 
THR   OG1 HG1  sing N N 383 
THR   CG2 HG21 sing N N 384 
THR   CG2 HG22 sing N N 385 
THR   CG2 HG23 sing N N 386 
THR   OXT HXT  sing N N 387 
TRP   N   CA   sing N N 388 
TRP   N   H    sing N N 389 
TRP   N   H2   sing N N 390 
TRP   CA  C    sing N N 391 
TRP   CA  CB   sing N N 392 
TRP   CA  HA   sing N N 393 
TRP   C   O    doub N N 394 
TRP   C   OXT  sing N N 395 
TRP   CB  CG   sing N N 396 
TRP   CB  HB2  sing N N 397 
TRP   CB  HB3  sing N N 398 
TRP   CG  CD1  doub Y N 399 
TRP   CG  CD2  sing Y N 400 
TRP   CD1 NE1  sing Y N 401 
TRP   CD1 HD1  sing N N 402 
TRP   CD2 CE2  doub Y N 403 
TRP   CD2 CE3  sing Y N 404 
TRP   NE1 CE2  sing Y N 405 
TRP   NE1 HE1  sing N N 406 
TRP   CE2 CZ2  sing Y N 407 
TRP   CE3 CZ3  doub Y N 408 
TRP   CE3 HE3  sing N N 409 
TRP   CZ2 CH2  doub Y N 410 
TRP   CZ2 HZ2  sing N N 411 
TRP   CZ3 CH2  sing Y N 412 
TRP   CZ3 HZ3  sing N N 413 
TRP   CH2 HH2  sing N N 414 
TRP   OXT HXT  sing N N 415 
TYR   N   CA   sing N N 416 
TYR   N   H    sing N N 417 
TYR   N   H2   sing N N 418 
TYR   CA  C    sing N N 419 
TYR   CA  CB   sing N N 420 
TYR   CA  HA   sing N N 421 
TYR   C   O    doub N N 422 
TYR   C   OXT  sing N N 423 
TYR   CB  CG   sing N N 424 
TYR   CB  HB2  sing N N 425 
TYR   CB  HB3  sing N N 426 
TYR   CG  CD1  doub Y N 427 
TYR   CG  CD2  sing Y N 428 
TYR   CD1 CE1  sing Y N 429 
TYR   CD1 HD1  sing N N 430 
TYR   CD2 CE2  doub Y N 431 
TYR   CD2 HD2  sing N N 432 
TYR   CE1 CZ   doub Y N 433 
TYR   CE1 HE1  sing N N 434 
TYR   CE2 CZ   sing Y N 435 
TYR   CE2 HE2  sing N N 436 
TYR   CZ  OH   sing N N 437 
TYR   OH  HH   sing N N 438 
TYR   OXT HXT  sing N N 439 
VAL   N   CA   sing N N 440 
VAL   N   H    sing N N 441 
VAL   N   H2   sing N N 442 
VAL   CA  C    sing N N 443 
VAL   CA  CB   sing N N 444 
VAL   CA  HA   sing N N 445 
VAL   C   O    doub N N 446 
VAL   C   OXT  sing N N 447 
VAL   CB  CG1  sing N N 448 
VAL   CB  CG2  sing N N 449 
VAL   CB  HB   sing N N 450 
VAL   CG1 HG11 sing N N 451 
VAL   CG1 HG12 sing N N 452 
VAL   CG1 HG13 sing N N 453 
VAL   CG2 HG21 sing N N 454 
VAL   CG2 HG22 sing N N 455 
VAL   CG2 HG23 sing N N 456 
VAL   OXT HXT  sing N N 457 
# 
_pdbx_audit_support.funding_organization   
'National Institutes of Health/National Institute of General Medical Sciences (NIH/NIGMS)' 
_pdbx_audit_support.country                'United States' 
_pdbx_audit_support.grant_number           GM120349 
_pdbx_audit_support.ordinal                1 
# 
_pdbx_initial_refinement_model.id               1 
_pdbx_initial_refinement_model.entity_id_list   ? 
_pdbx_initial_refinement_model.type             'experimental model' 
_pdbx_initial_refinement_model.source_name      PDB 
_pdbx_initial_refinement_model.accession_code   2QCB 
_pdbx_initial_refinement_model.details          ? 
# 
_space_group.name_H-M_alt     'I 41 2 2' 
_space_group.name_Hall        'I 4bw 2bw' 
_space_group.IT_number        98 
_space_group.crystal_system   tetragonal 
_space_group.id               1 
# 
_atom_sites.entry_id                    9EC5 
_atom_sites.Cartn_transf_matrix[1][1]   ? 
_atom_sites.Cartn_transf_matrix[1][2]   ? 
_atom_sites.Cartn_transf_matrix[1][3]   ? 
_atom_sites.Cartn_transf_matrix[2][1]   ? 
_atom_sites.Cartn_transf_matrix[2][2]   ? 
_atom_sites.Cartn_transf_matrix[2][3]   ? 
_atom_sites.Cartn_transf_matrix[3][1]   ? 
_atom_sites.Cartn_transf_matrix[3][2]   ? 
_atom_sites.Cartn_transf_matrix[3][3]   ? 
_atom_sites.Cartn_transf_vector[1]      ? 
_atom_sites.Cartn_transf_vector[2]      ? 
_atom_sites.Cartn_transf_vector[3]      ? 
_atom_sites.Cartn_transform_axes        ? 
_atom_sites.fract_transf_matrix[1][1]   0.01324111 
_atom_sites.fract_transf_matrix[1][2]   0.01110669 
_atom_sites.fract_transf_matrix[1][3]   0.00139832 
_atom_sites.fract_transf_matrix[2][1]   0.01095516 
_atom_sites.fract_transf_matrix[2][2]   -0.01241132 
_atom_sites.fract_transf_matrix[2][3]   -0.00515602 
_atom_sites.fract_transf_matrix[3][1]   -0.00072178 
_atom_sites.fract_transf_matrix[3][2]   0.00151170 
_atom_sites.fract_transf_matrix[3][3]   -0.00517250 
_atom_sites.fract_transf_vector[1]      0.236545 
_atom_sites.fract_transf_vector[2]      0.422724 
_atom_sites.fract_transf_vector[3]      -0.009632 
_atom_sites.solution_primary            ? 
_atom_sites.solution_secondary          ? 
_atom_sites.solution_hydrogens          ? 
_atom_sites.special_details             ? 
# 
loop_
_atom_type.symbol 
_atom_type.scat_dispersion_real 
_atom_type.scat_dispersion_imag 
_atom_type.scat_Cromer_Mann_a1 
_atom_type.scat_Cromer_Mann_a2 
_atom_type.scat_Cromer_Mann_a3 
_atom_type.scat_Cromer_Mann_a4 
_atom_type.scat_Cromer_Mann_b1 
_atom_type.scat_Cromer_Mann_b2 
_atom_type.scat_Cromer_Mann_b3 
_atom_type.scat_Cromer_Mann_b4 
_atom_type.scat_Cromer_Mann_c 
_atom_type.scat_source 
_atom_type.scat_dispersion_source 
C  ? ? 3.54356  2.42580 ? ? 25.62398 1.50364  ? ? 0.0 
;2-Gaussian fit: Grosse-Kunstleve RW, Sauter NK, Adams PD: Newsletter of the IUCr Commission on Crystallographic Computing 2004, 3, 22-31.
;
? 
CU ? ? 23.42449 5.47274 ? ? 2.18335  24.96234 ? ? 0.0 
;2-Gaussian fit: Grosse-Kunstleve RW, Sauter NK, Adams PD: Newsletter of the IUCr Commission on Crystallographic Computing 2004, 3, 22-31.
;
? 
N  ? ? 4.01032  2.96436 ? ? 19.97189 1.75589  ? ? 0.0 
;2-Gaussian fit: Grosse-Kunstleve RW, Sauter NK, Adams PD: Newsletter of the IUCr Commission on Crystallographic Computing 2004, 3, 22-31.
;
? 
O  ? ? 4.49882  3.47563 ? ? 15.80542 1.70748  ? ? 0.0 
;2-Gaussian fit: Grosse-Kunstleve RW, Sauter NK, Adams PD: Newsletter of the IUCr Commission on Crystallographic Computing 2004, 3, 22-31.
;
? 
S  ? ? 9.55732  6.39887 ? ? 1.23737  29.19336 ? ? 0.0 
;2-Gaussian fit: Grosse-Kunstleve RW, Sauter NK, Adams PD: Newsletter of the IUCr Commission on Crystallographic Computing 2004, 3, 22-31.
;
? 
# 
loop_
_atom_site.group_PDB 
_atom_site.id 
_atom_site.type_symbol 
_atom_site.label_atom_id 
_atom_site.label_alt_id 
_atom_site.label_comp_id 
_atom_site.label_asym_id 
_atom_site.label_entity_id 
_atom_site.label_seq_id 
_atom_site.pdbx_PDB_ins_code 
_atom_site.Cartn_x 
_atom_site.Cartn_y 
_atom_site.Cartn_z 
_atom_site.occupancy 
_atom_site.B_iso_or_equiv 
_atom_site.pdbx_formal_charge 
_atom_site.auth_seq_id 
_atom_site.auth_comp_id 
_atom_site.auth_asym_id 
_atom_site.auth_atom_id 
_atom_site.pdbx_PDB_model_num 
ATOM   1    N  N   . GLY   A 1 11  ? -13.61606 2.49284   -13.29461 1.000 46.65000 ? 11  GLY   A N   1 
ATOM   2    C  CA  . GLY   A 1 11  ? -12.16880 2.50586   -13.42548 1.000 38.24000 ? 11  GLY   A CA  1 
ATOM   3    C  C   . GLY   A 1 11  ? -11.69134 1.33555   -14.26826 1.000 48.76000 ? 11  GLY   A C   1 
ATOM   4    O  O   . GLY   A 1 11  ? -12.20032 0.21586   -14.15763 1.000 38.49000 ? 11  GLY   A O   1 
ATOM   5    N  N   . ARG   A 1 12  ? -10.70398 1.60626   -15.12894 1.000 38.87000 ? 12  ARG   A N   1 
ATOM   6    C  CA  . ARG   A 1 12  ? -10.22190 0.59212   -16.06547 1.000 37.57000 ? 12  ARG   A CA  1 
ATOM   7    C  C   . ARG   A 1 12  ? -9.77315  -0.66852  -15.33607 1.000 38.44000 ? 12  ARG   A C   1 
ATOM   8    O  O   . ARG   A 1 12  ? -10.15320 -1.78451  -15.70695 1.000 42.47000 ? 12  ARG   A O   1 
ATOM   9    C  CB  . ARG   A 1 12  ? -9.07951  1.17086   -16.89770 1.000 38.47000 ? 12  ARG   A CB  1 
ATOM   10   C  CG  . ARG   A 1 12  ? -8.26240  0.16515   -17.70088 1.000 45.89000 ? 12  ARG   A CG  1 
ATOM   11   C  CD  . ARG   A 1 12  ? -9.08520  -0.48912  -18.79898 1.000 51.49000 ? 12  ARG   A CD  1 
ATOM   12   N  NE  . ARG   A 1 12  ? -8.41478  -1.64359  -19.38761 1.000 62.20000 ? 12  ARG   A NE  1 
ATOM   13   C  CZ  . ARG   A 1 12  ? -8.31875  -2.83693  -18.81636 1.000 66.42000 ? 12  ARG   A CZ  1 
ATOM   14   N  NH1 . ARG   A 1 12  ? -8.84746  -3.08057  -17.62811 1.000 61.67000 ? 12  ARG   A NH1 1 
ATOM   15   N  NH2 . ARG   A 1 12  ? -7.68151  -3.81391  -19.45885 1.000 68.18000 ? 12  ARG   A NH2 1 
ATOM   16   N  N   . ASP   A 1 13  ? -8.97169  -0.50610  -14.28308 1.000 34.17000 ? 13  ASP   A N   1 
ATOM   17   C  CA  . ASP   A 1 13  ? -8.46299  -1.62077  -13.49520 1.000 27.20000 ? 13  ASP   A CA  1 
ATOM   18   C  C   . ASP   A 1 13  ? -9.12677  -1.70285  -12.12526 1.000 24.75000 ? 13  ASP   A C   1 
ATOM   19   O  O   . ASP   A 1 13  ? -8.52125  -2.18777  -11.16790 1.000 23.04000 ? 13  ASP   A O   1 
ATOM   20   C  CB  . ASP   A 1 13  ? -6.94625  -1.52814  -13.35393 1.000 28.03000 ? 13  ASP   A CB  1 
ATOM   21   C  CG  . ASP   A 1 13  ? -6.26536  -1.23782  -14.66750 1.000 28.95000 ? 13  ASP   A CG  1 
ATOM   22   O  OD1 . ASP   A 1 13  ? -6.36345  -2.07513  -15.59438 1.000 31.95000 ? 13  ASP   A OD1 1 
ATOM   23   O  OD2 . ASP   A 1 13  ? -5.64685  -0.15971  -14.77824 1.000 26.03000 ? 13  ASP   A OD2 1 
ATOM   24   N  N   . GLN   A 1 14  ? -10.36907 -1.21927  -12.01450 1.000 23.48000 ? 14  GLN   A N   1 
ATOM   25   C  CA  . GLN   A 1 14  ? -11.08338 -1.29119  -10.74280 1.000 25.84000 ? 14  GLN   A CA  1 
ATOM   26   C  C   . GLN   A 1 14  ? -11.20200 -2.73550  -10.26225 1.000 27.25000 ? 14  GLN   A C   1 
ATOM   27   O  O   . GLN   A 1 14  ? -10.92311 -3.04609  -9.09694  1.000 17.46000 ? 14  GLN   A O   1 
ATOM   28   C  CB  . GLN   A 1 14  ? -12.45889 -0.64407  -10.90517 1.000 24.71000 ? 14  GLN   A CB  1 
ATOM   29   C  CG  . GLN   A 1 14  ? -13.09565 -0.20104  -9.62204  1.000 28.72000 ? 14  GLN   A CG  1 
ATOM   30   C  CD  . GLN   A 1 14  ? -14.53502 0.23670   -9.82302  1.000 30.81000 ? 14  GLN   A CD  1 
ATOM   31   O  OE1 . GLN   A 1 14  ? -14.88207 0.77601   -10.86993 1.000 28.59000 ? 14  GLN   A OE1 1 
ATOM   32   N  NE2 . GLN   A 1 14  ? -15.37070 0.01971   -8.81644  1.000 30.44000 ? 14  GLN   A NE2 1 
ATOM   33   N  N   . ALA   A 1 15  ? -11.59566 -3.63948  -11.15896 1.000 24.91000 ? 15  ALA   A N   1 
ATOM   34   C  CA  . ALA   A 1 15  ? -11.71752 -5.04812  -10.79472 1.000 22.49000 ? 15  ALA   A CA  1 
ATOM   35   C  C   . ALA   A 1 15  ? -10.35546 -5.68893  -10.55505 1.000 22.89000 ? 15  ALA   A C   1 
ATOM   36   O  O   . ALA   A 1 15  ? -10.20444 -6.52432  -9.65246  1.000 24.36000 ? 15  ALA   A O   1 
ATOM   37   C  CB  . ALA   A 1 15  ? -12.44723 -5.79599  -11.90689 1.000 31.05000 ? 15  ALA   A CB  1 
ATOM   38   N  N   . GLY   A 1 16  ? -9.36183  -5.33113  -11.37328 1.000 18.39000 ? 16  GLY   A N   1 
ATOM   39   C  CA  . GLY   A 1 16  ? -8.03405  -5.90304  -11.20750 1.000 16.58000 ? 16  GLY   A CA  1 
ATOM   40   C  C   . GLY   A 1 16  ? -7.40809  -5.57399  -9.86584  1.000 12.89000 ? 16  GLY   A C   1 
ATOM   41   O  O   . GLY   A 1 16  ? -6.73413  -6.41111  -9.26377  1.000 14.67000 ? 16  GLY   A O   1 
ATOM   42   N  N   . ILE   A 1 17  ? -7.62982  -4.35545  -9.37261  1.000 11.75000 ? 17  ILE   A N   1 
ATOM   43   C  CA  . ILE   A 1 17  ? -6.97000  -3.91476  -8.14705  1.000 10.05000 ? 17  ILE   A CA  1 
ATOM   44   C  C   . ILE   A 1 17  ? -7.71519  -4.39091  -6.90614  1.000 12.96000 ? 17  ILE   A C   1 
ATOM   45   O  O   . ILE   A 1 17  ? -7.09813  -4.77062  -5.90177  1.000 10.60000 ? 17  ILE   A O   1 
ATOM   46   C  CB  . ILE   A 1 17  ? -6.80323  -2.38502  -8.16261  1.000 10.38000 ? 17  ILE   A CB  1 
ATOM   47   C  CG1 . ILE   A 1 17  ? -5.80559  -1.97081  -9.25608  1.000 11.97000 ? 17  ILE   A CG1 1 
ATOM   48   C  CG2 . ILE   A 1 17  ? -6.36052  -1.88227  -6.78772  1.000 8.49000  ? 17  ILE   A CG2 1 
ATOM   49   C  CD1 . ILE   A 1 17  ? -5.78995  -0.45927  -9.51867  1.000 12.81000 ? 17  ILE   A CD1 1 
ATOM   50   N  N   . THR   A 1 18  ? -9.04305  -4.36170  -6.93936  1.000 10.91000 ? 18  THR   A N   1 
ATOM   51   C  CA  . THR   A 1 18  ? -9.82335  -4.71329  -5.76016  1.000 10.82000 ? 18  THR   A CA  1 
ATOM   52   C  C   . THR   A 1 18  ? -9.55656  -6.15604  -5.34555  1.000 11.31000 ? 18  THR   A C   1 
ATOM   53   O  O   . THR   A 1 18  ? -9.55788  -7.06924  -6.17672  1.000 14.12000 ? 18  THR   A O   1 
ATOM   54   C  CB  . THR   A 1 18  ? -11.30940 -4.51947  -6.06166  1.000 10.20000 ? 18  THR   A CB  1 
ATOM   55   O  OG1 . THR   A 1 18  ? -11.57136 -3.12190  -6.21265  1.000 11.79000 ? 18  THR   A OG1 1 
ATOM   56   C  CG2 . THR   A 1 18  ? -12.14357 -5.03326  -4.91919  1.000 13.24000 ? 18  THR   A CG2 1 
ATOM   57   N  N   . GLY   A 1 19  ? -9.32457  -6.36060  -4.05756  1.000 10.07000 ? 19  GLY   A N   1 
ATOM   58   C  CA  . GLY   A 1 19  ? -9.15145  -7.69047  -3.52857  1.000 12.69000 ? 19  GLY   A CA  1 
ATOM   59   C  C   . GLY   A 1 19  ? -8.05045  -7.72241  -2.49114  1.000 11.48000 ? 19  GLY   A C   1 
ATOM   60   O  O   . GLY   A 1 19  ? -7.64087  -6.68934  -1.95205  1.000 11.81000 ? 19  GLY   A O   1 
ATOM   61   N  N   . THR   A 1 20  ? -7.57201  -8.93201  -2.22503  1.000 11.46000 ? 20  THR   A N   1 
ATOM   62   C  CA  . THR   A 1 20  ? -6.55769  -9.18475  -1.21691  1.000 8.63000  ? 20  THR   A CA  1 
ATOM   63   C  C   . THR   A 1 20  ? -5.23481  -9.44473  -1.92002  1.000 10.39000 ? 20  THR   A C   1 
ATOM   64   O  O   . THR   A 1 20  ? -5.17135  -10.24208 -2.85881  1.000 13.86000 ? 20  THR   A O   1 
ATOM   65   C  CB  . THR   A 1 20  ? -6.95220  -10.40323 -0.37644  1.000 12.20000 ? 20  THR   A CB  1 
ATOM   66   O  OG1 . THR   A 1 20  ? -8.16807  -10.10402 0.32846   1.000 14.85000 ? 20  THR   A OG1 1 
ATOM   67   C  CG2 . THR   A 1 20  ? -5.86503  -10.75377 0.63182   1.000 12.16000 ? 20  THR   A CG2 1 
ATOM   68   N  N   . TRP   A 1 21  ? -4.18057  -8.76555  -1.46290  1.000 8.75000  ? 21  TRP   A N   1 
ATOM   69   C  CA  . TRP   A 1 21  ? -2.84839  -8.89223  -2.02323  1.000 8.96000  ? 21  TRP   A CA  1 
ATOM   70   C  C   . TRP   A 1 21  ? -1.88755  -9.22721  -0.89714  1.000 7.48000  ? 21  TRP   A C   1 
ATOM   71   O  O   . TRP   A 1 21  ? -2.13019  -8.90651  0.26686   1.000 9.13000  ? 21  TRP   A O   1 
ATOM   72   C  CB  . TRP   A 1 21  ? -2.39257  -7.56683  -2.64445  1.000 9.65000  ? 21  TRP   A CB  1 
ATOM   73   C  CG  . TRP   A 1 21  ? -3.19395  -7.13406  -3.82518  1.000 8.26000  ? 21  TRP   A CG  1 
ATOM   74   C  CD1 . TRP   A 1 21  ? -4.37626  -6.44987  -3.81762  1.000 12.17000 ? 21  TRP   A CD1 1 
ATOM   75   C  CD2 . TRP   A 1 21  ? -2.84448  -7.32185  -5.19649  1.000 7.19000  ? 21  TRP   A CD2 1 
ATOM   76   N  NE1 . TRP   A 1 21  ? -4.79707  -6.22142  -5.10696  1.000 10.28000 ? 21  TRP   A NE1 1 
ATOM   77   C  CE2 . TRP   A 1 21  ? -3.86738  -6.74159  -5.97210  1.000 8.86000  ? 21  TRP   A CE2 1 
ATOM   78   C  CE3 . TRP   A 1 21  ? -1.76291  -7.93319  -5.84564  1.000 8.88000  ? 21  TRP   A CE3 1 
ATOM   79   C  CZ2 . TRP   A 1 21  ? -3.84366  -6.75794  -7.36874  1.000 10.92000 ? 21  TRP   A CZ2 1 
ATOM   80   C  CZ3 . TRP   A 1 21  ? -1.73858  -7.93961  -7.22789  1.000 10.18000 ? 21  TRP   A CZ3 1 
ATOM   81   C  CH2 . TRP   A 1 21  ? -2.77029  -7.35732  -7.97329  1.000 10.97000 ? 21  TRP   A CH2 1 
ATOM   82   N  N   . TYR   A 1 22  ? -0.77061  -9.85727  -1.26132  1.000 7.24000  ? 22  TYR   A N   1 
ATOM   83   C  CA  . TYR   A 1 22  ? 0.23876   -10.28031 -0.30439  1.000 8.34000  ? 22  TYR   A CA  1 
ATOM   84   C  C   . TYR   A 1 22  ? 1.60937   -9.87613  -0.82005  1.000 7.66000  ? 22  TYR   A C   1 
ATOM   85   O  O   . TYR   A 1 22  ? 1.88687   -9.99636  -2.00917  1.000 8.83000  ? 22  TYR   A O   1 
ATOM   86   C  CB  . TYR   A 1 22  ? 0.22270   -11.81353 -0.13848  1.000 12.10000 ? 22  TYR   A CB  1 
ATOM   87   C  CG  . TYR   A 1 22  ? -1.15592  -12.39875 0.09309   1.000 10.09000 ? 22  TYR   A CG  1 
ATOM   88   C  CD1 . TYR   A 1 22  ? -1.66492  -12.51942 1.37024   1.000 12.90000 ? 22  TYR   A CD1 1 
ATOM   89   C  CD2 . TYR   A 1 22  ? -1.95918  -12.79237 -0.97887  1.000 13.88000 ? 22  TYR   A CD2 1 
ATOM   90   C  CE1 . TYR   A 1 22  ? -2.94102  -13.04598 1.59098   1.000 12.89000 ? 22  TYR   A CE1 1 
ATOM   91   C  CE2 . TYR   A 1 22  ? -3.23522  -13.31622 -0.76785  1.000 11.84000 ? 22  TYR   A CE2 1 
ATOM   92   C  CZ  . TYR   A 1 22  ? -3.70570  -13.44454 0.51535   1.000 14.26000 ? 22  TYR   A CZ  1 
ATOM   93   O  OH  . TYR   A 1 22  ? -4.96616  -13.96661 0.73838   1.000 14.34000 ? 22  TYR   A OH  1 
ATOM   94   N  N   . ASN   A 1 23  ? 2.46888   -9.40229  0.07409   1.000 7.90000  ? 23  ASN   A N   1 
ATOM   95   C  CA  . ASN   A 1 23  ? 3.81423   -9.04701  -0.34722  1.000 6.55000  ? 23  ASN   A CA  1 
ATOM   96   C  C   . ASN   A 1 23  ? 4.82376   -10.11396 0.06832   1.000 11.55000 ? 23  ASN   A C   1 
ATOM   97   O  O   . ASN   A 1 23  ? 4.48340   -11.14622 0.65293   1.000 11.41000 ? 23  ASN   A O   1 
ATOM   98   C  CB  . ASN   A 1 23  ? 4.18608   -7.61080  0.06268   1.000 8.27000  ? 23  ASN   A CB  1 
ATOM   99   C  CG  . ASN   A 1 23  ? 4.51760   -7.47136  1.54453   1.000 9.09000  ? 23  ASN   A CG  1 
ATOM   100  O  OD1 . ASN   A 1 23  ? 4.64383   -8.45710  2.28891   1.000 7.91000  ? 23  ASN   A OD1 1 
ATOM   101  N  ND2 . ASN   A 1 23  ? 4.66262   -6.22775  1.98655   1.000 6.82000  ? 23  ASN   A ND2 1 
ATOM   102  N  N   . GLN   A 1 24  ? 6.08988   -9.85373  -0.24884  1.000 9.26000  ? 24  GLN   A N   1 
ATOM   103  C  CA  . GLN   A 1 24  ? 7.16638   -10.81668 -0.02878  1.000 7.88000  ? 24  GLN   A CA  1 
ATOM   104  C  C   . GLN   A 1 24  ? 7.48261   -11.04357 1.44484   1.000 12.21000 ? 24  GLN   A C   1 
ATOM   105  O  O   . GLN   A 1 24  ? 8.19631   -12.00391 1.76885   1.000 14.37000 ? 24  GLN   A O   1 
ATOM   106  C  CB  . GLN   A 1 24  ? 8.40854   -10.33529 -0.78461  1.000 8.26000  ? 24  GLN   A CB  1 
ATOM   107  C  CG  . GLN   A 1 24  ? 9.17032   -9.20185  -0.07508  1.000 8.76000  ? 24  GLN   A CG  1 
ATOM   108  C  CD  . GLN   A 1 24  ? 8.50302   -7.83361  -0.20961  1.000 9.28000  ? 24  GLN   A CD  1 
ATOM   109  O  OE1 . GLN   A 1 24  ? 7.56529   -7.64809  -0.98738  1.000 9.88000  ? 24  GLN   A OE1 1 
ATOM   110  N  NE2 . GLN   A 1 24  ? 8.99566   -6.86933  0.56057   1.000 9.74000  ? 24  GLN   A NE2 1 
ATOM   111  N  N   . LEU   A 1 25  ? 6.98763   -10.18935 2.33538   1.000 8.76000  ? 25  LEU   A N   1 
ATOM   112  C  CA  . LEU   A 1 25  ? 7.15628   -10.34638 3.77118   1.000 9.51000  ? 25  LEU   A CA  1 
ATOM   113  C  C   . LEU   A 1 25  ? 6.01819   -11.12644 4.40102   1.000 10.59000 ? 25  LEU   A C   1 
ATOM   114  O  O   . LEU   A 1 25  ? 6.07445   -11.41657 5.60233   1.000 14.92000 ? 25  LEU   A O   1 
ATOM   115  C  CB  . LEU   A 1 25  ? 7.18628   -8.97370  4.43832   1.000 8.52000  ? 25  LEU   A CB  1 
ATOM   116  C  CG  . LEU   A 1 25  ? 8.35510   -8.06402  4.06281   1.000 11.96000 ? 25  LEU   A CG  1 
ATOM   117  C  CD1 . LEU   A 1 25  ? 8.15426   -6.65316  4.59147   1.000 9.32000  ? 25  LEU   A CD1 1 
ATOM   118  C  CD2 . LEU   A 1 25  ? 9.63884   -8.64543  4.62193   1.000 14.88000 ? 25  LEU   A CD2 1 
ATOM   119  N  N   . GLY   A 1 26  ? 4.98300   -11.43159 3.63220   1.000 10.88000 ? 26  GLY   A N   1 
ATOM   120  C  CA  . GLY   A 1 26  ? 3.79442   -12.03722 4.18552   1.000 12.39000 ? 26  GLY   A CA  1 
ATOM   121  C  C   . GLY   A 1 26  ? 2.76052   -11.05978 4.68693   1.000 13.42000 ? 26  GLY   A C   1 
ATOM   122  O  O   . GLY   A 1 26  ? 1.78368   -11.48858 5.31494   1.000 13.45000 ? 26  GLY   A O   1 
ATOM   123  N  N   . SER   A 1 27  ? 2.94115   -9.75985  4.44355   1.000 8.62000  ? 27  SER   A N   1 
ATOM   124  C  CA  . SER   A 1 27  ? 1.91105   -8.79197  4.81130   1.000 8.41000  ? 27  SER   A CA  1 
ATOM   125  C  C   . SER   A 1 27  ? 0.68882   -8.91725  3.90146   1.000 6.98000  ? 27  SER   A C   1 
ATOM   126  O  O   . SER   A 1 27  ? 0.78749   -9.37055  2.76083   1.000 10.01000 ? 27  SER   A O   1 
ATOM   127  C  CB  . SER   A 1 27  ? 2.48590   -7.37853  4.73213   1.000 7.51000  ? 27  SER   A CB  1 
ATOM   128  O  OG  . SER   A 1 27  ? 3.58413   -7.25985  5.61634   1.000 9.20000  ? 27  SER   A OG  1 
ATOM   129  N  N   . THR   A 1 28  ? -0.47843  -8.49097  4.41387   1.000 8.23000  ? 28  THR   A N   1 
ATOM   130  C  CA  . THR   A 1 28  ? -1.76257  -8.61105  3.72652   1.000 8.29000  ? 28  THR   A CA  1 
ATOM   131  C  C   . THR   A 1 28  ? -2.34845  -7.22667  3.47392   1.000 9.94000  ? 28  THR   A C   1 
ATOM   132  O  O   . THR   A 1 28  ? -2.57807  -6.45775  4.41392   1.000 10.24000 ? 28  THR   A O   1 
ATOM   133  C  CB  . THR   A 1 28  ? -2.75322  -9.44544  4.54485   1.000 10.84000 ? 28  THR   A CB  1 
ATOM   134  O  OG1 . THR   A 1 28  ? -2.15340  -10.69082 4.91285   1.000 14.57000 ? 28  THR   A OG1 1 
ATOM   135  C  CG2 . THR   A 1 28  ? -4.01544  -9.73687  3.72132   1.000 11.72000 ? 28  THR   A CG2 1 
ATOM   136  N  N   . PHE   A 1 29  ? -2.61483  -6.93206  2.20549   1.000 8.27000  ? 29  PHE   A N   1 
ATOM   137  C  CA  . PHE   A 1 29  ? -3.09614  -5.63967  1.73062   1.000 10.29000 ? 29  PHE   A CA  1 
ATOM   138  C  C   . PHE   A 1 29  ? -4.48873  -5.90935  1.16289   1.000 11.00000 ? 29  PHE   A C   1 
ATOM   139  O  O   . PHE   A 1 29  ? -4.62688  -6.60702  0.15103   1.000 11.01000 ? 29  PHE   A O   1 
ATOM   140  C  CB  . PHE   A 1 29  ? -2.09619  -5.13639  0.67652   1.000 9.78000  ? 29  PHE   A CB  1 
ATOM   141  C  CG  . PHE   A 1 29  ? -2.54781  -3.95493  -0.14079  1.000 9.91000  ? 29  PHE   A CG  1 
ATOM   142  C  CD1 . PHE   A 1 29  ? -3.15196  -2.84546  0.43805   1.000 10.70000 ? 29  PHE   A CD1 1 
ATOM   143  C  CD2 . PHE   A 1 29  ? -2.26176  -3.91225  -1.50212  1.000 11.35000 ? 29  PHE   A CD2 1 
ATOM   144  C  CE1 . PHE   A 1 29  ? -3.53203  -1.75309  -0.34906  1.000 8.73000  ? 29  PHE   A CE1 1 
ATOM   145  C  CE2 . PHE   A 1 29  ? -2.62096  -2.83189  -2.27989  1.000 11.88000 ? 29  PHE   A CE2 1 
ATOM   146  C  CZ  . PHE   A 1 29  ? -3.25645  -1.74801  -1.70941  1.000 7.24000  ? 29  PHE   A CZ  1 
ATOM   147  N  N   . ILE   A 1 30  ? -5.51718  -5.41922  1.85013   1.000 8.19000  ? 30  ILE   A N   1 
ATOM   148  C  CA  . ILE   A 1 30  ? -6.90573  -5.60393  1.44963   1.000 11.02000 ? 30  ILE   A CA  1 
ATOM   149  C  C   . ILE   A 1 30  ? -7.43835  -4.25739  0.98092   1.000 8.12000  ? 30  ILE   A C   1 
ATOM   150  O  O   . ILE   A 1 30  ? -7.47631  -3.29312  1.75366   1.000 12.50000 ? 30  ILE   A O   1 
ATOM   151  C  CB  . ILE   A 1 30  ? -7.74077  -6.16712  2.60826   1.000 15.22000 ? 30  ILE   A CB  1 
ATOM   152  C  CG1 . ILE   A 1 30  ? -7.27326  -7.59232  2.92956   1.000 15.49000 ? 30  ILE   A CG1 1 
ATOM   153  C  CG2 . ILE   A 1 30  ? -9.24414  -6.05019  2.30037   1.000 15.33000 ? 30  ILE   A CG2 1 
ATOM   154  C  CD1 . ILE   A 1 30  ? -7.87064  -8.18415  4.19802   1.000 15.72000 ? 30  ILE   A CD1 1 
ATOM   155  N  N   . VAL   A 1 31  ? -7.82794  -4.17600  -0.29163  1.000 8.98000  ? 31  VAL   A N   1 
ATOM   156  C  CA  . VAL   A 1 31  ? -8.12774  -2.88512  -0.89844  1.000 8.75000  ? 31  VAL   A CA  1 
ATOM   157  C  C   . VAL   A 1 31  ? -9.37341  -2.97337  -1.76896  1.000 12.24000 ? 31  VAL   A C   1 
ATOM   158  O  O   . VAL   A 1 31  ? -9.61309  -3.97316  -2.45762  1.000 11.74000 ? 31  VAL   A O   1 
ATOM   159  C  CB  . VAL   A 1 31  ? -6.90612  -2.36427  -1.69873  1.000 9.44000  ? 31  VAL   A CB  1 
ATOM   160  C  CG1 . VAL   A 1 31  ? -6.60917  -3.26255  -2.93085  1.000 9.60000  ? 31  VAL   A CG1 1 
ATOM   161  C  CG2 . VAL   A 1 31  ? -7.07069  -0.88358  -2.06816  1.000 12.84000 ? 31  VAL   A CG2 1 
ATOM   162  N  N   . THR   A 1 32  ? -10.15266 -1.89106  -1.75910  1.000 9.60000  ? 32  THR   A N   1 
ATOM   163  C  CA  . THR   A 1 32  ? -11.23347 -1.68344  -2.70911  1.000 12.68000 ? 32  THR   A CA  1 
ATOM   164  C  C   . THR   A 1 32  ? -10.90855 -0.44812  -3.53285  1.000 12.52000 ? 32  THR   A C   1 
ATOM   165  O  O   . THR   A 1 32  ? -10.62491 0.62063   -2.97732  1.000 10.79000 ? 32  THR   A O   1 
ATOM   166  C  CB  . THR   A 1 32  ? -12.56048 -1.48929  -1.97736  1.000 14.36000 ? 32  THR   A CB  1 
ATOM   167  O  OG1 . THR   A 1 32  ? -12.86420 -2.68556  -1.24293  1.000 16.24000 ? 32  THR   A OG1 1 
ATOM   168  C  CG2 . THR   A 1 32  ? -13.68541 -1.21574  -2.97132  1.000 17.76000 ? 32  THR   A CG2 1 
ATOM   169  N  N   . ALA   A 1 33  ? -10.90081 -0.60698  -4.84908  1.000 12.29000 ? 33  ALA   A N   1 
ATOM   170  C  CA  . ALA   A 1 33  ? -10.68517 0.50172   -5.76500  1.000 12.35000 ? 33  ALA   A CA  1 
ATOM   171  C  C   . ALA   A 1 33  ? -12.04590 1.03831   -6.18142  1.000 16.50000 ? 33  ALA   A C   1 
ATOM   172  O  O   . ALA   A 1 33  ? -12.89835 0.27713   -6.65808  1.000 14.17000 ? 33  ALA   A O   1 
ATOM   173  C  CB  . ALA   A 1 33  ? -9.87694  0.05069   -6.98400  1.000 13.01000 ? 33  ALA   A CB  1 
ATOM   174  N  N   . GLY   A 1 34  ? -12.25629 2.33070   -5.97302  1.000 14.17000 ? 34  GLY   A N   1 
ATOM   175  C  CA  . GLY   A 1 34  ? -13.50579 2.95078   -6.35744  1.000 14.98000 ? 34  GLY   A CA  1 
ATOM   176  C  C   . GLY   A 1 34  ? -13.47404 3.48356   -7.77761  1.000 15.26000 ? 34  GLY   A C   1 
ATOM   177  O  O   . GLY   A 1 34  ? -12.42591 3.71318   -8.36656  1.000 14.44000 ? 34  GLY   A O   1 
ATOM   178  N  N   . ALA   A 1 35  ? -14.66059 3.68374   -8.34924  1.000 14.03000 ? 35  ALA   A N   1 
ATOM   179  C  CA  . ALA   A 1 35  ? -14.72726 4.20911   -9.70844  1.000 19.43000 ? 35  ALA   A CA  1 
ATOM   180  C  C   . ALA   A 1 35  ? -14.15273 5.61543   -9.81487  1.000 22.74000 ? 35  ALA   A C   1 
ATOM   181  O  O   . ALA   A 1 35  ? -13.76802 6.03648   -10.91226 1.000 27.03000 ? 35  ALA   A O   1 
ATOM   182  C  CB  . ALA   A 1 35  ? -16.17198 4.19787   -10.19861 1.000 25.34000 ? 35  ALA   A CB  1 
ATOM   183  N  N   . ASP   A 1 36  ? -14.07676 6.33732   -8.70421  1.000 20.92000 ? 36  ASP   A N   1 
ATOM   184  C  CA  . ASP   A 1 36  ? -13.59767 7.71083   -8.67552  1.000 24.72000 ? 36  ASP   A CA  1 
ATOM   185  C  C   . ASP   A 1 36  ? -12.08423 7.81634   -8.51846  1.000 20.67000 ? 36  ASP   A C   1 
ATOM   186  O  O   . ASP   A 1 36  ? -11.56061 8.93358   -8.48785  1.000 23.02000 ? 36  ASP   A O   1 
ATOM   187  C  CB  . ASP   A 1 36  ? -14.27256 8.45537   -7.51653  1.000 28.96000 ? 36  ASP   A CB  1 
ATOM   188  C  CG  . ASP   A 1 36  ? -14.07679 7.74725   -6.17620  1.000 33.11000 ? 36  ASP   A CG  1 
ATOM   189  O  OD1 . ASP   A 1 36  ? -13.54888 6.61304   -6.17141  1.000 20.49000 ? 36  ASP   A OD1 1 
ATOM   190  O  OD2 . ASP   A 1 36  ? -14.46036 8.31788   -5.12972  1.000 29.98000 ? 36  ASP   A OD2 1 
ATOM   191  N  N   . GLY   A 1 37  ? -11.37237 6.69859   -8.41470  1.000 13.54000 ? 37  GLY   A N   1 
ATOM   192  C  CA  . GLY   A 1 37  ? -9.94553  6.72592   -8.15593  1.000 11.06000 ? 37  GLY   A CA  1 
ATOM   193  C  C   . GLY   A 1 37  ? -9.55481  6.50779   -6.71326  1.000 11.13000 ? 37  GLY   A C   1 
ATOM   194  O  O   . GLY   A 1 37  ? -8.36196  6.57422   -6.39675  1.000 7.08000  ? 37  GLY   A O   1 
ATOM   195  N  N   . ALA   A 1 38  ? -10.50901 6.23235   -5.83127  1.000 10.08000 ? 38  ALA   A N   1 
ATOM   196  C  CA  . ALA   A 1 38  ? -10.18776 6.02401   -4.42860  1.000 9.51000  ? 38  ALA   A CA  1 
ATOM   197  C  C   . ALA   A 1 38  ? -9.69226  4.60564   -4.17858  1.000 10.83000 ? 38  ALA   A C   1 
ATOM   198  O  O   . ALA   A 1 38  ? -10.11026 3.65607   -4.84240  1.000 10.19000 ? 38  ALA   A O   1 
ATOM   199  C  CB  . ALA   A 1 38  ? -11.42095 6.26897   -3.56266  1.000 14.71000 ? 38  ALA   A CB  1 
ATOM   200  N  N   . LEU   A 1 39  ? -8.79047  4.47567   -3.20403  1.000 8.98000  ? 39  LEU   A N   1 
ATOM   201  C  CA  . LEU   A 1 39  ? -8.40671  3.19510   -2.61854  1.000 8.14000  ? 39  LEU   A CA  1 
ATOM   202  C  C   . LEU   A 1 39  ? -8.73104  3.24341   -1.13382  1.000 7.80000  ? 39  LEU   A C   1 
ATOM   203  O  O   . LEU   A 1 39  ? -8.39293  4.21963   -0.45842  1.000 7.94000  ? 39  LEU   A O   1 
ATOM   204  C  CB  . LEU   A 1 39  ? -6.90375  2.94465   -2.78373  1.000 8.38000  ? 39  LEU   A CB  1 
ATOM   205  C  CG  . LEU   A 1 39  ? -6.34436  2.84801   -4.20080  1.000 8.78000  ? 39  LEU   A CG  1 
ATOM   206  C  CD1 . LEU   A 1 39  ? -4.82957  2.63479   -4.14129  1.000 9.56000  ? 39  LEU   A CD1 1 
ATOM   207  C  CD2 . LEU   A 1 39  ? -6.99383  1.71854   -4.96374  1.000 9.89000  ? 39  LEU   A CD2 1 
ATOM   208  N  N   A THR   A 1 40  ? -9.43989  2.23267   -0.64076  0.520 7.63000  ? 40  THR   A N   1 
ATOM   209  N  N   B THR   A 1 40  ? -9.36584  2.18320   -0.62665  0.480 7.67000  ? 40  THR   A N   1 
ATOM   210  C  CA  A THR   A 1 40  ? -9.70796  2.08447   0.78078   0.520 8.38000  ? 40  THR   A CA  1 
ATOM   211  C  CA  B THR   A 1 40  ? -9.79456  2.08377   0.76323   0.480 8.42000  ? 40  THR   A CA  1 
ATOM   212  C  C   A THR   A 1 40  ? -9.45434  0.63487   1.16369   0.520 9.94000  ? 40  THR   A C   1 
ATOM   213  C  C   B THR   A 1 40  ? -9.66446  0.63397   1.21377   0.480 9.88000  ? 40  THR   A C   1 
ATOM   214  O  O   A THR   A 1 40  ? -9.51650  -0.26948  0.32994   0.520 12.92000 ? 40  THR   A O   1 
ATOM   215  O  O   B THR   A 1 40  ? -10.03668 -0.27922  0.47221   0.480 12.41000 ? 40  THR   A O   1 
ATOM   216  C  CB  A THR   A 1 40  ? -11.16398 2.43672   1.14367   0.520 9.22000  ? 40  THR   A CB  1 
ATOM   217  C  CB  B THR   A 1 40  ? -11.27047 2.48329   0.88938   0.480 9.04000  ? 40  THR   A CB  1 
ATOM   218  O  OG1 A THR   A 1 40  ? -12.05972 1.65864   0.34331   0.520 9.40000  ? 40  THR   A OG1 1 
ATOM   219  O  OG1 B THR   A 1 40  ? -11.54258 3.61693   0.05407   0.480 10.87000 ? 40  THR   A OG1 1 
ATOM   220  C  CG2 A THR   A 1 40  ? -11.44933 3.92360   0.92639   0.520 9.39000  ? 40  THR   A CG2 1 
ATOM   221  C  CG2 B THR   A 1 40  ? -11.61554 2.80642   2.33433   0.480 12.96000 ? 40  THR   A CG2 1 
ATOM   222  N  N   . GLY   A 1 41  ? -9.16293  0.41810   2.43246   1.000 8.02000  ? 41  GLY   A N   1 
ATOM   223  C  CA  . GLY   A 1 41  ? -9.02771  -0.95344  2.90726   1.000 8.69000  ? 41  GLY   A CA  1 
ATOM   224  C  C   . GLY   A 1 41  ? -8.23111  -1.03798  4.19463   1.000 6.28000  ? 41  GLY   A C   1 
ATOM   225  O  O   . GLY   A 1 41  ? -8.23421  -0.11245  5.00690   1.000 7.55000  ? 41  GLY   A O   1 
ATOM   226  N  N   . THR   A 1 42  ? -7.54146  -2.16697  4.36233   1.000 8.27000  ? 42  THR   A N   1 
ATOM   227  C  CA  . THR   A 1 42  ? -6.77541  -2.42989  5.57030   1.000 9.68000  ? 42  THR   A CA  1 
ATOM   228  C  C   . THR   A 1 42  ? -5.44226  -3.05549  5.19407   1.000 6.12000  ? 42  THR   A C   1 
ATOM   229  O  O   . THR   A 1 42  ? -5.29825  -3.68279  4.13817   1.000 9.49000  ? 42  THR   A O   1 
ATOM   230  C  CB  . THR   A 1 42  ? -7.52409  -3.35727  6.53476   1.000 12.15000 ? 42  THR   A CB  1 
ATOM   231  O  OG1 . THR   A 1 42  ? -7.75351  -4.61374  5.89053   1.000 11.73000 ? 42  THR   A OG1 1 
ATOM   232  C  CG2 . THR   A 1 42  ? -8.85709  -2.73498  6.97307   1.000 14.57000 ? 42  THR   A CG2 1 
ATOM   233  N  N   . TYR   A 1 43  ? -4.46939  -2.87503  6.08021   1.000 6.66000  ? 43  TYR   A N   1 
ATOM   234  C  CA  . TYR   A 1 43  ? -3.12353  -3.39017  5.90898   1.000 6.51000  ? 43  TYR   A CA  1 
ATOM   235  C  C   . TYR   A 1 43  ? -2.72684  -4.09622  7.19034   1.000 8.20000  ? 43  TYR   A C   1 
ATOM   236  O  O   . TYR   A 1 43  ? -2.95179  -3.57435  8.28769   1.000 8.92000  ? 43  TYR   A O   1 
ATOM   237  C  CB  . TYR   A 1 43  ? -2.12784  -2.26311  5.60750   1.000 7.17000  ? 43  TYR   A CB  1 
ATOM   238  C  CG  . TYR   A 1 43  ? -0.86527  -2.76453  4.95051   1.000 6.61000  ? 43  TYR   A CG  1 
ATOM   239  C  CD1 . TYR   A 1 43  ? 0.18754   -3.27010  5.71749   1.000 6.42000  ? 43  TYR   A CD1 1 
ATOM   240  C  CD2 . TYR   A 1 43  ? -0.73111  -2.76213  3.56181   1.000 6.15000  ? 43  TYR   A CD2 1 
ATOM   241  C  CE1 . TYR   A 1 43  ? 1.34130   -3.74405  5.11630   1.000 7.40000  ? 43  TYR   A CE1 1 
ATOM   242  C  CE2 . TYR   A 1 43  ? 0.43503   -3.21456  2.94521   1.000 5.13000  ? 43  TYR   A CE2 1 
ATOM   243  C  CZ  . TYR   A 1 43  ? 1.45820   -3.71906  3.72399   1.000 6.35000  ? 43  TYR   A CZ  1 
ATOM   244  O  OH  . TYR   A 1 43  ? 2.58601   -4.16238  3.08808   1.000 6.51000  ? 43  TYR   A OH  1 
ATOM   245  N  N   . GLU   A 1 44  ? -2.14611  -5.28135  7.04990   1.000 7.64000  ? 44  GLU   A N   1 
ATOM   246  C  CA  . GLU   A 1 44  ? -1.63292  -6.04462  8.17846   1.000 8.92000  ? 44  GLU   A CA  1 
ATOM   247  C  C   . GLU   A 1 44  ? -0.18285  -6.36597  7.84961   1.000 8.07000  ? 44  GLU   A C   1 
ATOM   248  O  O   . GLU   A 1 44  ? 0.09780   -7.06234  6.86692   1.000 7.86000  ? 44  GLU   A O   1 
ATOM   249  C  CB  . GLU   A 1 44  ? -2.45195  -7.32403  8.36451   1.000 11.54000 ? 44  GLU   A CB  1 
ATOM   250  C  CG  . GLU   A 1 44  ? -1.89395  -8.26569  9.38212   1.000 13.78000 ? 44  GLU   A CG  1 
ATOM   251  C  CD  . GLU   A 1 44  ? -2.91114  -9.31393  9.83157   1.000 22.25000 ? 44  GLU   A CD  1 
ATOM   252  O  OE1 . GLU   A 1 44  ? -3.96237  -9.46990  9.17060   1.000 21.99000 ? 44  GLU   A OE1 1 
ATOM   253  O  OE2 . GLU   A 1 44  ? -2.65189  -9.98676  10.84855  1.000 29.44000 ? 44  GLU   A OE2 1 
ATOM   254  N  N   . SER   A 1 45  ? 0.74132   -5.79973  8.62508   1.000 7.05000  ? 45  SER   A N   1 
ATOM   255  C  CA  . SER   A 1 45  ? 2.16522   -6.02533  8.40355   1.000 7.52000  ? 45  SER   A CA  1 
ATOM   256  C  C   . SER   A 1 45  ? 2.64115   -7.26082  9.14702   1.000 11.91000 ? 45  SER   A C   1 
ATOM   257  O  O   . SER   A 1 45  ? 2.40993   -7.39625  10.35377  1.000 11.83000 ? 45  SER   A O   1 
ATOM   258  C  CB  . SER   A 1 45  ? 2.99422   -4.84763  8.89380   1.000 7.52000  ? 45  SER   A CB  1 
ATOM   259  O  OG  . SER   A 1 45  ? 4.35694   -5.12414  8.61442   1.000 8.45000  ? 45  SER   A OG  1 
ATOM   260  N  N   . ALA   A 1 46  ? 3.37088   -8.11342  8.43863   1.000 9.34000  ? 46  ALA   A N   1 
ATOM   261  C  CA  . ALA   A 1 46  ? 3.98033   -9.27546  9.07036   1.000 9.36000  ? 46  ALA   A CA  1 
ATOM   262  C  C   . ALA   A 1 46  ? 5.19828   -8.92344  9.90621   1.000 12.51000 ? 46  ALA   A C   1 
ATOM   263  O  O   . ALA   A 1 46  ? 5.68819   -9.78002  10.64495  1.000 13.71000 ? 46  ALA   A O   1 
ATOM   264  C  CB  . ALA   A 1 46  ? 4.36050   -10.30600 8.01397   1.000 11.49000 ? 46  ALA   A CB  1 
ATOM   265  N  N   . VAL   A 1 47  ? 5.70370   -7.69438  9.80386   1.000 9.07000  ? 47  VAL   A N   1 
ATOM   266  C  CA  . VAL   A 1 47  ? 6.93699   -7.29210  10.46726  1.000 10.03000 ? 47  VAL   A CA  1 
ATOM   267  C  C   . VAL   A 1 47  ? 6.73877   -5.92359  11.09670  1.000 10.38000 ? 47  VAL   A C   1 
ATOM   268  O  O   . VAL   A 1 47  ? 5.78814   -5.19773  10.78663  1.000 8.84000  ? 47  VAL   A O   1 
ATOM   269  C  CB  . VAL   A 1 47  ? 8.16096   -7.26238  9.51575   1.000 9.67000  ? 47  VAL   A CB  1 
ATOM   270  C  CG1 . VAL   A 1 47  ? 8.42192   -8.63184  8.94455   1.000 12.18000 ? 47  VAL   A CG1 1 
ATOM   271  C  CG2 . VAL   A 1 47  ? 7.96035   -6.24197  8.38194   1.000 9.44000  ? 47  VAL   A CG2 1 
ATOM   272  N  N   . GLY   A 1 48  ? 7.66724   -5.57980  11.98631  1.000 8.90000  ? 48  GLY   A N   1 
ATOM   273  C  CA  . GLY   A 1 48  ? 7.69016   -4.27292  12.59840  1.000 7.01000  ? 48  GLY   A CA  1 
ATOM   274  C  C   . GLY   A 1 48  ? 6.79992   -4.15969  13.81737  1.000 8.05000  ? 48  GLY   A C   1 
ATOM   275  O  O   . GLY   A 1 48  ? 6.27668   -5.13505  14.36740  1.000 9.89000  ? 48  GLY   A O   1 
ATOM   276  N  N   . ASN   A 1 49  ? 6.65746   -2.91141  14.26619  1.000 9.49000  ? 49  ASN   A N   1 
ATOM   277  C  CA  . ASN   A 1 49  ? 5.85215   -2.59457  15.44451  1.000 10.30000 ? 49  ASN   A CA  1 
ATOM   278  C  C   . ASN   A 1 49  ? 4.40117   -2.45480  15.00460  1.000 9.02000  ? 49  ASN   A C   1 
ATOM   279  O  O   . ASN   A 1 49  ? 3.85562   -1.35654  14.85722  1.000 9.11000  ? 49  ASN   A O   1 
ATOM   280  C  CB  . ASN   A 1 49  ? 6.35943   -1.33333  16.12285  1.000 13.35000 ? 49  ASN   A CB  1 
ATOM   281  C  CG  . ASN   A 1 49  ? 5.67111   -1.09053  17.43875  1.000 15.78000 ? 49  ASN   A CG  1 
ATOM   282  O  OD1 . ASN   A 1 49  ? 4.97309   -1.97686  17.94459  1.000 15.64000 ? 49  ASN   A OD1 1 
ATOM   283  N  ND2 . ASN   A 1 49  ? 5.83735   0.10266   17.99342  1.000 14.69000 ? 49  ASN   A ND2 1 
ATOM   284  N  N   . ALA   A 1 50  ? 3.76178   -3.60794  14.81777  1.000 8.58000  ? 50  ALA   A N   1 
ATOM   285  C  CA  . ALA   A 1 50  ? 2.45000   -3.66945  14.19975  1.000 8.22000  ? 50  ALA   A CA  1 
ATOM   286  C  C   . ALA   A 1 50  ? 1.76900   -4.95519  14.61696  1.000 9.56000  ? 50  ALA   A C   1 
ATOM   287  O  O   . ALA   A 1 50  ? 2.40324   -6.00350  14.71822  1.000 10.21000 ? 50  ALA   A O   1 
ATOM   288  C  CB  . ALA   A 1 50  ? 2.55435   -3.62781  12.67006  1.000 11.80000 ? 50  ALA   A CB  1 
ATOM   289  N  N   . GLU   A 1 51  ? 0.46646   -4.86420  14.84529  1.000 8.84000  ? 51  GLU   A N   1 
ATOM   290  C  CA  . GLU   A 1 51  ? -0.32654  -6.06914  15.01163  1.000 11.46000 ? 51  GLU   A CA  1 
ATOM   291  C  C   . GLU   A 1 51  ? -1.72913  -5.81028  14.48204  1.000 9.48000  ? 51  GLU   A C   1 
ATOM   292  O  O   . GLU   A 1 51  ? -2.25448  -4.69806  14.60291  1.000 10.39000 ? 51  GLU   A O   1 
ATOM   293  C  CB  . GLU   A 1 51  ? -0.33937  -6.53895  16.47174  1.000 20.08000 ? 51  GLU   A CB  1 
ATOM   294  C  CG  . GLU   A 1 51  ? -1.45088  -5.97881  17.31507  1.000 21.60000 ? 51  GLU   A CG  1 
ATOM   295  C  CD  . GLU   A 1 51  ? -1.34508  -6.40486  18.76721  1.000 27.31000 ? 51  GLU   A CD  1 
ATOM   296  O  OE1 . GLU   A 1 51  ? -0.41858  -5.94178  19.45965  1.000 23.93000 ? 51  GLU   A OE1 1 
ATOM   297  O  OE2 . GLU   A 1 51  ? -2.18575  -7.21292  19.20861  1.000 26.92000 ? 51  GLU   A OE2 1 
ATOM   298  N  N   A SER   A 1 52  ? -2.31859  -6.84566  13.87908  0.620 11.76000 ? 52  SER   A N   1 
ATOM   299  N  N   B SER   A 1 52  ? -2.31467  -6.84206  13.87539  0.380 11.76000 ? 52  SER   A N   1 
ATOM   300  C  CA  A SER   A 1 52  ? -3.66887  -6.80088  13.32693  0.620 12.56000 ? 52  SER   A CA  1 
ATOM   301  C  CA  B SER   A 1 52  ? -3.66484  -6.77219  13.33370  0.380 12.58000 ? 52  SER   A CA  1 
ATOM   302  C  C   A SER   A 1 52  ? -3.77180  -5.81697  12.16567  0.620 12.19000 ? 52  SER   A C   1 
ATOM   303  C  C   B SER   A 1 52  ? -3.75772  -5.73587  12.21894  0.380 12.16000 ? 52  SER   A C   1 
ATOM   304  O  O   A SER   A 1 52  ? -2.76663  -5.51265  11.51414  0.620 11.89000 ? 52  SER   A O   1 
ATOM   305  O  O   B SER   A 1 52  ? -2.73748  -5.31349  11.66499  0.380 11.34000 ? 52  SER   A O   1 
ATOM   306  C  CB  A SER   A 1 52  ? -4.70377  -6.49722  14.41571  0.620 13.07000 ? 52  SER   A CB  1 
ATOM   307  C  CB  B SER   A 1 52  ? -4.67930  -6.48963  14.44605  0.380 13.08000 ? 52  SER   A CB  1 
ATOM   308  O  OG  A SER   A 1 52  ? -6.01621  -6.74135  13.93992  0.620 16.73000 ? 52  SER   A OG  1 
ATOM   309  O  OG  B SER   A 1 52  ? -4.48253  -7.36912  15.53854  0.380 20.62000 ? 52  SER   A OG  1 
ATOM   310  N  N   . ARG   A 1 53  ? -4.97617  -5.31836  11.89712  1.000 10.52000 ? 53  ARG   A N   1 
ATOM   311  C  CA  . ARG   A 1 53  ? -5.24548  -4.48102  10.73516  1.000 12.01000 ? 53  ARG   A CA  1 
ATOM   312  C  C   . ARG   A 1 53  ? -5.16707  -2.99404  11.06525  1.000 9.70000  ? 53  ARG   A C   1 
ATOM   313  O  O   . ARG   A 1 53  ? -5.51103  -2.56172  12.16565  1.000 10.45000 ? 53  ARG   A O   1 
ATOM   314  C  CB  . ARG   A 1 53  ? -6.63194  -4.81767  10.17013  1.000 12.55000 ? 53  ARG   A CB  1 
ATOM   315  C  CG  . ARG   A 1 53  ? -6.64679  -6.15615  9.42258   1.000 15.02000 ? 53  ARG   A CG  1 
ATOM   316  C  CD  . ARG   A 1 53  ? -8.04475  -6.76713  9.21100   1.000 25.33000 ? 53  ARG   A CD  1 
ATOM   317  N  NE  A ARG   A 1 53  ? -8.92243  -6.66952  10.37319  0.500 29.15000 ? 53  ARG   A NE  1 
ATOM   318  N  NE  B ARG   A 1 53  ? -8.83675  -6.79380  10.43739  0.500 29.25000 ? 53  ARG   A NE  1 
ATOM   319  C  CZ  A ARG   A 1 53  ? -10.13778 -6.13514  10.35839  0.500 30.82000 ? 53  ARG   A CZ  1 
ATOM   320  C  CZ  B ARG   A 1 53  ? -8.55350  -7.52397  11.50889  0.500 29.49000 ? 53  ARG   A CZ  1 
ATOM   321  N  NH1 A ARG   A 1 53  ? -10.66388 -5.64152  9.24954   0.500 29.24000 ? 53  ARG   A NH1 1 
ATOM   322  N  NH1 B ARG   A 1 53  ? -9.25555  -7.41461  12.62584  0.500 31.12000 ? 53  ARG   A NH1 1 
ATOM   323  N  NH2 A ARG   A 1 53  ? -10.84948 -6.11491  11.48112  0.500 35.92000 ? 53  ARG   A NH2 1 
ATOM   324  N  NH2 B ARG   A 1 53  ? -7.55025  -8.39651  11.45656  0.500 30.46000 ? 53  ARG   A NH2 1 
ATOM   325  N  N   . TYR   A 1 54  ? -4.73776  -2.20957  10.06890  1.000 7.22000  ? 54  TYR   A N   1 
ATOM   326  C  CA  . TYR   A 1 54  ? -4.68581  -0.75543  10.12925  1.000 7.35000  ? 54  TYR   A CA  1 
ATOM   327  C  C   . TYR   A 1 54  ? -5.41244  -0.18241  8.92442   1.000 6.28000  ? 54  TYR   A C   1 
ATOM   328  O  O   . TYR   A 1 54  ? -5.35848  -0.75560  7.83278   1.000 8.50000  ? 54  TYR   A O   1 
ATOM   329  C  CB  . TYR   A 1 54  ? -3.22571  -0.27349  10.07056  1.000 5.98000  ? 54  TYR   A CB  1 
ATOM   330  C  CG  . TYR   A 1 54  ? -2.40557  -0.73179  11.25172  1.000 7.05000  ? 54  TYR   A CG  1 
ATOM   331  C  CD1 . TYR   A 1 54  ? -1.89540  -2.02970  11.32362  1.000 7.91000  ? 54  TYR   A CD1 1 
ATOM   332  C  CD2 . TYR   A 1 54  ? -2.16045  0.13876   12.32020  1.000 6.44000  ? 54  TYR   A CD2 1 
ATOM   333  C  CE1 . TYR   A 1 54  ? -1.16002  -2.44120  12.42727  1.000 7.19000  ? 54  TYR   A CE1 1 
ATOM   334  C  CE2 . TYR   A 1 54  ? -1.43127  -0.26846  13.42387  1.000 7.60000  ? 54  TYR   A CE2 1 
ATOM   335  C  CZ  . TYR   A 1 54  ? -0.93941  -1.55548  13.47103  1.000 8.47000  ? 54  TYR   A CZ  1 
ATOM   336  O  OH  . TYR   A 1 54  ? -0.22386  -1.97123  14.57305  1.000 9.56000  ? 54  TYR   A OH  1 
ATOM   337  N  N   . VAL   A 1 55  ? -6.08807  0.95138   9.13142   1.000 8.50000  ? 55  VAL   A N   1 
ATOM   338  C  CA  . VAL   A 1 55  ? -6.77932  1.63146   8.04335   1.000 6.96000  ? 55  VAL   A CA  1 
ATOM   339  C  C   . VAL   A 1 55  ? -5.77489  2.09963   7.00254   1.000 7.80000  ? 55  VAL   A C   1 
ATOM   340  O  O   . VAL   A 1 55  ? -4.70825  2.62626   7.33872   1.000 7.04000  ? 55  VAL   A O   1 
ATOM   341  C  CB  . VAL   A 1 55  ? -7.59029  2.81957   8.59204   1.000 10.03000 ? 55  VAL   A CB  1 
ATOM   342  C  CG1 . VAL   A 1 55  ? -8.21950  3.63416   7.45999   1.000 11.11000 ? 55  VAL   A CG1 1 
ATOM   343  C  CG2 . VAL   A 1 55  ? -8.66494  2.32108   9.54654   1.000 10.25000 ? 55  VAL   A CG2 1 
ATOM   344  N  N   . LEU   A 1 56  ? -6.11554  1.92465   5.72811   1.000 7.57000  ? 56  LEU   A N   1 
ATOM   345  C  CA  . LEU   A 1 56  ? -5.34527  2.55894   4.66762   1.000 9.71000  ? 56  LEU   A CA  1 
ATOM   346  C  C   . LEU   A 1 56  ? -6.26787  3.32448   3.73982   1.000 9.45000  ? 56  LEU   A C   1 
ATOM   347  O  O   . LEU   A 1 56  ? -7.44111  2.98064   3.58125   1.000 8.11000  ? 56  LEU   A O   1 
ATOM   348  C  CB  . LEU   A 1 56  ? -4.53818  1.56078   3.82496   1.000 9.21000  ? 56  LEU   A CB  1 
ATOM   349  C  CG  . LEU   A 1 56  ? -5.28475  0.57623   2.91716   1.000 10.07000 ? 56  LEU   A CG  1 
ATOM   350  C  CD1 . LEU   A 1 56  ? -5.50481  1.13628   1.49490   1.000 7.24000  ? 56  LEU   A CD1 1 
ATOM   351  C  CD2 . LEU   A 1 56  ? -4.49517  -0.70220  2.82963   1.000 11.27000 ? 56  LEU   A CD2 1 
ATOM   352  N  N   A THR   A 1 57  ? -5.70168  4.33524   3.08482   0.590 7.55000  ? 57  THR   A N   1 
ATOM   353  N  N   B THR   A 1 57  ? -5.73197  4.38629   3.13971   0.410 7.56000  ? 57  THR   A N   1 
ATOM   354  C  CA  A THR   A 1 57  ? -6.42134  5.07815   2.06427   0.590 8.48000  ? 57  THR   A CA  1 
ATOM   355  C  CA  B THR   A 1 57  ? -6.41277  5.08012   2.05419   0.410 8.44000  ? 57  THR   A CA  1 
ATOM   356  C  C   A THR   A 1 57  ? -5.43125  5.56848   1.02038   0.590 6.07000  ? 57  THR   A C   1 
ATOM   357  C  C   B THR   A 1 57  ? -5.39560  5.44250   0.98910   0.410 6.08000  ? 57  THR   A C   1 
ATOM   358  O  O   A THR   A 1 57  ? -4.27434  5.86700   1.33406   0.590 6.34000  ? 57  THR   A O   1 
ATOM   359  O  O   B THR   A 1 57  ? -4.19716  5.55365   1.25693   0.410 6.16000  ? 57  THR   A O   1 
ATOM   360  C  CB  A THR   A 1 57  ? -7.22666  6.23525   2.66934   0.590 7.37000  ? 57  THR   A CB  1 
ATOM   361  C  CB  B THR   A 1 57  ? -7.14921  6.35808   2.49786   0.410 7.39000  ? 57  THR   A CB  1 
ATOM   362  O  OG1 A THR   A 1 57  ? -7.84244  6.99312   1.62500   0.590 7.80000  ? 57  THR   A OG1 1 
ATOM   363  O  OG1 B THR   A 1 57  ? -6.19687  7.34344   2.92625   0.410 8.19000  ? 57  THR   A OG1 1 
ATOM   364  C  CG2 A THR   A 1 57  ? -6.33686  7.14343   3.49699   0.590 8.09000  ? 57  THR   A CG2 1 
ATOM   365  C  CG2 B THR   A 1 57  ? -8.15249  6.07190   3.60746   0.410 10.06000 ? 57  THR   A CG2 1 
ATOM   366  N  N   . GLY   A 1 58  ? -5.88785  5.63377   -0.22126  1.000 6.30000  ? 58  GLY   A N   1 
ATOM   367  C  CA  . GLY   A 1 58  ? -5.02559  6.08881   -1.28705  1.000 5.92000  ? 58  GLY   A CA  1 
ATOM   368  C  C   . GLY   A 1 58  ? -5.79673  6.42852   -2.53599  1.000 5.52000  ? 58  GLY   A C   1 
ATOM   369  O  O   . GLY   A 1 58  ? -7.01866  6.60342   -2.50987  1.000 7.47000  ? 58  GLY   A O   1 
ATOM   370  N  N   . ARG   A 1 59  ? -5.05374  6.50260   -3.63762  1.000 7.88000  ? 59  ARG   A N   1 
ATOM   371  C  CA  . ARG   A 1 59  ? -5.59765  6.88810   -4.93431  1.000 6.88000  ? 59  ARG   A CA  1 
ATOM   372  C  C   . ARG   A 1 59  ? -4.92818  6.07500   -6.03059  1.000 6.16000  ? 59  ARG   A C   1 
ATOM   373  O  O   . ARG   A 1 59  ? -3.77945  5.64442   -5.89943  1.000 8.24000  ? 59  ARG   A O   1 
ATOM   374  C  CB  . ARG   A 1 59  ? -5.32360  8.37518   -5.25482  1.000 7.28000  ? 59  ARG   A CB  1 
ATOM   375  C  CG  . ARG   A 1 59  ? -5.83463  9.37615   -4.23715  1.000 6.09000  ? 59  ARG   A CG  1 
ATOM   376  C  CD  . ARG   A 1 59  ? -7.36401  9.48353   -4.24778  1.000 9.02000  ? 59  ARG   A CD  1 
ATOM   377  N  NE  . ARG   A 1 59  ? -7.80351  10.02481  -5.52613  1.000 9.71000  ? 59  ARG   A NE  1 
ATOM   378  C  CZ  . ARG   A 1 59  ? -9.05255  9.98819   -5.95643  1.000 9.17000  ? 59  ARG   A CZ  1 
ATOM   379  N  NH1 . ARG   A 1 59  ? -10.01961 9.48139   -5.21068  1.000 10.83000 ? 59  ARG   A NH1 1 
ATOM   380  N  NH2 . ARG   A 1 59  ? -9.33362  10.46031  -7.16883  1.000 10.08000 ? 59  ARG   A NH2 1 
ATOM   381  N  N   . TYR   A 1 60  ? -5.64277  5.90183   -7.13879  1.000 6.37000  ? 60  TYR   A N   1 
ATOM   382  C  CA  . TYR   A 1 60  ? -5.07039  5.24455   -8.30527  1.000 7.50000  ? 60  TYR   A CA  1 
ATOM   383  C  C   . TYR   A 1 60  ? -5.56719  5.95834   -9.55568  1.000 8.81000  ? 60  TYR   A C   1 
ATOM   384  O  O   . TYR   A 1 60  ? -6.59295  6.64016   -9.53598  1.000 8.79000  ? 60  TYR   A O   1 
ATOM   385  C  CB  . TYR   A 1 60  ? -5.38719  3.72631   -8.33688  1.000 7.22000  ? 60  TYR   A CB  1 
ATOM   386  C  CG  . TYR   A 1 60  ? -6.81579  3.39120   -8.76314  1.000 9.48000  ? 60  TYR   A CG  1 
ATOM   387  C  CD1 . TYR   A 1 60  ? -7.88768  3.62516   -7.91135  1.000 10.76000 ? 60  TYR   A CD1 1 
ATOM   388  C  CD2 . TYR   A 1 60  ? -7.07668  2.83245   -10.01370 1.000 8.99000  ? 60  TYR   A CD2 1 
ATOM   389  C  CE1 . TYR   A 1 60  ? -9.18169  3.31589   -8.29208  1.000 9.76000  ? 60  TYR   A CE1 1 
ATOM   390  C  CE2 . TYR   A 1 60  ? -8.37193  2.53453   -10.41091 1.000 11.26000 ? 60  TYR   A CE2 1 
ATOM   391  C  CZ  . TYR   A 1 60  ? -9.41499  2.77569   -9.54212  1.000 13.73000 ? 60  TYR   A CZ  1 
ATOM   392  O  OH  . TYR   A 1 60  ? -10.71490 2.48515   -9.91655  1.000 14.80000 ? 60  TYR   A OH  1 
ATOM   393  N  N   . ASP   A 1 61  ? -4.81458  5.80666   -10.64160 1.000 7.29000  ? 61  ASP   A N   1 
ATOM   394  C  CA  . ASP   A 1 61  ? -5.23082  6.34558   -11.93544 1.000 7.90000  ? 61  ASP   A CA  1 
ATOM   395  C  C   . ASP   A 1 61  ? -6.35902  5.48228   -12.48651 1.000 10.55000 ? 61  ASP   A C   1 
ATOM   396  O  O   . ASP   A 1 61  ? -6.12631  4.34544   -12.91430 1.000 9.82000  ? 61  ASP   A O   1 
ATOM   397  C  CB  . ASP   A 1 61  ? -4.03276  6.35217   -12.87959 1.000 9.66000  ? 61  ASP   A CB  1 
ATOM   398  C  CG  . ASP   A 1 61  ? -4.38690  6.80988   -14.28992 1.000 10.19000 ? 61  ASP   A CG  1 
ATOM   399  O  OD1 . ASP   A 1 61  ? -5.55979  7.21008   -14.53381 1.000 10.09000 ? 61  ASP   A OD1 1 
ATOM   400  O  OD2 . ASP   A 1 61  ? -3.47724  6.75947   -15.13796 1.000 10.06000 ? 61  ASP   A OD2 1 
ATOM   401  N  N   . SER   A 1 62  ? -7.57255  6.02652   -12.49763 1.000 9.49000  ? 62  SER   A N   1 
ATOM   402  C  CA  . SER   A 1 62  ? -8.73176  5.26482   -12.94215 1.000 10.46000 ? 62  SER   A CA  1 
ATOM   403  C  C   . SER   A 1 62  ? -8.92670  5.28044   -14.45660 1.000 14.95000 ? 62  SER   A C   1 
ATOM   404  O  O   . SER   A 1 62  ? -9.87135  4.64997   -14.94947 1.000 17.26000 ? 62  SER   A O   1 
ATOM   405  C  CB  . SER   A 1 62  ? -9.98959  5.75370   -12.21801 1.000 12.50000 ? 62  SER   A CB  1 
ATOM   406  O  OG  . SER   A 1 62  ? -10.15748 7.14686   -12.39392 1.000 15.77000 ? 62  SER   A OG  1 
ATOM   407  N  N   . ALA   A 1 63  ? -8.06754  5.97073   -15.20409 1.000 11.85000 ? 63  ALA   A N   1 
ATOM   408  C  CA  . ALA   A 1 63  ? -8.11803  5.96860   -16.66821 1.000 15.62000 ? 63  ALA   A CA  1 
ATOM   409  C  C   . ALA   A 1 63  ? -6.69670  5.85138   -17.19302 1.000 14.30000 ? 63  ALA   A C   1 
ATOM   410  O  O   . ALA   A 1 63  ? -6.15443  6.78569   -17.79555 1.000 15.50000 ? 63  ALA   A O   1 
ATOM   411  C  CB  . ALA   A 1 63  ? -8.81339  7.22496   -17.19837 1.000 15.55000 ? 63  ALA   A CB  1 
ATOM   412  N  N   . PRO   A 1 64  ? -6.05563  4.70492   -16.97214 1.000 15.18000 ? 64  PRO   A N   1 
ATOM   413  C  CA  . PRO   A 1 64  ? -4.64735  4.55649   -17.34869 1.000 17.43000 ? 64  PRO   A CA  1 
ATOM   414  C  C   . PRO   A 1 64  ? -4.48013  4.52543   -18.85900 1.000 21.28000 ? 64  PRO   A C   1 
ATOM   415  O  O   . PRO   A 1 64  ? -5.43927  4.41830   -19.62680 1.000 23.71000 ? 64  PRO   A O   1 
ATOM   416  C  CB  . PRO   A 1 64  ? -4.26053  3.21136   -16.72573 1.000 18.50000 ? 64  PRO   A CB  1 
ATOM   417  C  CG  . PRO   A 1 64  ? -5.54408  2.44491   -16.68653 1.000 18.70000 ? 64  PRO   A CG  1 
ATOM   418  C  CD  . PRO   A 1 64  ? -6.60087  3.46904   -16.37640 1.000 16.07000 ? 64  PRO   A CD  1 
ATOM   419  N  N   . ALA   A 1 65  ? -3.22626  4.62901   -19.27909 1.000 14.47000 ? 65  ALA   A N   1 
ATOM   420  C  CA  . ALA   A 1 65  ? -2.91109  4.52490   -20.69264 1.000 17.72000 ? 65  ALA   A CA  1 
ATOM   421  C  C   . ALA   A 1 65  ? -3.21893  3.11699   -21.18940 1.000 20.56000 ? 65  ALA   A C   1 
ATOM   422  O  O   . ALA   A 1 65  ? -3.28160  2.15492   -20.41910 1.000 21.97000 ? 65  ALA   A O   1 
ATOM   423  C  CB  . ALA   A 1 65  ? -1.44000  4.86393   -20.93549 1.000 19.87000 ? 65  ALA   A CB  1 
ATOM   424  N  N   . THR   A 1 66  ? -3.43601  3.00400   -22.50184 1.000 28.00000 ? 66  THR   A N   1 
ATOM   425  C  CA  . THR   A 1 66  ? -3.77902  1.73253   -23.12935 1.000 30.08000 ? 66  THR   A CA  1 
ATOM   426  C  C   . THR   A 1 66  ? -2.63898  1.18488   -23.98247 1.000 31.63000 ? 66  THR   A C   1 
ATOM   427  O  O   . THR   A 1 66  ? -2.87606  0.38109   -24.88856 1.000 36.61000 ? 66  THR   A O   1 
ATOM   428  C  CB  . THR   A 1 66  ? -5.05475  1.87654   -23.96038 1.000 30.84000 ? 66  THR   A CB  1 
ATOM   429  O  OG1 . THR   A 1 66  ? -4.91054  2.97819   -24.86314 1.000 39.32000 ? 66  THR   A OG1 1 
ATOM   430  C  CG2 . THR   A 1 66  ? -6.23645  2.14374   -23.05202 1.000 24.39000 ? 66  THR   A CG2 1 
ATOM   431  N  N   . ASP   A 1 67  ? -1.40703  1.60755   -23.70395 1.000 25.39000 ? 67  ASP   A N   1 
ATOM   432  C  CA  . ASP   A 1 67  ? -0.22969  1.22798   -24.47215 1.000 28.59000 ? 67  ASP   A CA  1 
ATOM   433  C  C   . ASP   A 1 67  ? 0.57466   0.11933   -23.80366 1.000 26.30000 ? 67  ASP   A C   1 
ATOM   434  O  O   . ASP   A 1 67  ? 1.74403   -0.08546  -24.14862 1.000 30.69000 ? 67  ASP   A O   1 
ATOM   435  C  CB  . ASP   A 1 67  ? 0.66069   2.45092   -24.68677 1.000 28.21000 ? 67  ASP   A CB  1 
ATOM   436  C  CG  . ASP   A 1 67  ? 1.13009   3.06754   -23.37796 1.000 30.27000 ? 67  ASP   A CG  1 
ATOM   437  O  OD1 . ASP   A 1 67  ? 0.81208   2.51464   -22.29899 1.000 23.94000 ? 67  ASP   A OD1 1 
ATOM   438  O  OD2 . ASP   A 1 67  ? 1.82080   4.10359   -23.42908 1.000 30.72000 ? 67  ASP   A OD2 1 
ATOM   439  N  N   . GLY   A 1 68  ? -0.00936  -0.57580  -22.83319 1.000 21.96000 ? 68  GLY   A N   1 
ATOM   440  C  CA  . GLY   A 1 68  ? 0.71074   -1.58018  -22.08358 1.000 25.33000 ? 68  GLY   A CA  1 
ATOM   441  C  C   . GLY   A 1 68  ? 1.34359   -1.09133  -20.79919 1.000 21.51000 ? 68  GLY   A C   1 
ATOM   442  O  O   . GLY   A 1 68  ? 1.87788   -1.91115  -20.04119 1.000 22.85000 ? 68  GLY   A O   1 
ATOM   443  N  N   . SER   A 1 69  ? 1.30534   0.21128   -20.52878 1.000 16.13000 ? 69  SER   A N   1 
ATOM   444  C  CA  . SER   A 1 69  ? 1.86340   0.73255   -19.28965 1.000 14.01000 ? 69  SER   A CA  1 
ATOM   445  C  C   . SER   A 1 69  ? 1.04456   0.26805   -18.08867 1.000 13.01000 ? 69  SER   A C   1 
ATOM   446  O  O   . SER   A 1 69  ? -0.14716  -0.03751  -18.19037 1.000 15.45000 ? 69  SER   A O   1 
ATOM   447  C  CB  . SER   A 1 69  ? 1.87323   2.25897   -19.31792 1.000 18.13000 ? 69  SER   A CB  1 
ATOM   448  O  OG  . SER   A 1 69  ? 2.71333   2.74798   -20.34442 1.000 23.55000 ? 69  SER   A OG  1 
ATOM   449  N  N   . GLY   A 1 70  ? 1.69894   0.23794   -16.92847 1.000 9.94000  ? 70  GLY   A N   1 
ATOM   450  C  CA  . GLY   A 1 70  ? 1.02158   -0.07028  -15.69210 1.000 9.45000  ? 70  GLY   A CA  1 
ATOM   451  C  C   . GLY   A 1 70  ? 0.12878   1.07395   -15.23521 1.000 10.08000 ? 70  GLY   A C   1 
ATOM   452  O  O   . GLY   A 1 70  ? 0.08296   2.15212   -15.82609 1.000 9.96000  ? 70  GLY   A O   1 
ATOM   453  N  N   . THR   A 1 71  ? -0.60029  0.81689   -14.15115 1.000 8.50000  ? 71  THR   A N   1 
ATOM   454  C  CA  . THR   A 1 71  ? -1.52644  1.77944   -13.55981 1.000 8.42000  ? 71  THR   A CA  1 
ATOM   455  C  C   . THR   A 1 71  ? -0.91622  2.33300   -12.27752 1.000 9.08000  ? 71  THR   A C   1 
ATOM   456  O  O   . THR   A 1 71  ? -0.72485  1.59108   -11.30910 1.000 8.17000  ? 71  THR   A O   1 
ATOM   457  C  CB  . THR   A 1 71  ? -2.84900  1.08177   -13.25120 1.000 10.33000 ? 71  THR   A CB  1 
ATOM   458  O  OG1 . THR   A 1 71  ? -3.40453  0.59214   -14.48038 1.000 12.66000 ? 71  THR   A OG1 1 
ATOM   459  C  CG2 . THR   A 1 71  ? -3.84395  2.04897   -12.57847 1.000 9.35000  ? 71  THR   A CG2 1 
ATOM   460  N  N   . ALA   A 1 72  ? -0.63422  3.63611   -12.26609 1.000 7.46000  ? 72  ALA   A N   1 
ATOM   461  C  CA  . ALA   A 1 72  ? 0.00755   4.26489   -11.11128 1.000 4.78000  ? 72  ALA   A CA  1 
ATOM   462  C  C   . ALA   A 1 72  ? -0.95293  4.36344   -9.92885  1.000 6.67000  ? 72  ALA   A C   1 
ATOM   463  O  O   . ALA   A 1 72  ? -2.14896  4.61497   -10.09943 1.000 7.80000  ? 72  ALA   A O   1 
ATOM   464  C  CB  . ALA   A 1 72  ? 0.45466   5.67788   -11.47759 1.000 7.98000  ? 72  ALA   A CB  1 
ATOM   465  N  N   A LEU   A 1 73  ? -0.42526  4.16427   -8.71839  0.500 6.33000  ? 73  LEU   A N   1 
ATOM   466  N  N   B LEU   A 1 73  ? -0.41803  4.18295   -8.72445  0.500 6.35000  ? 73  LEU   A N   1 
ATOM   467  C  CA  A LEU   A 1 73  ? -1.26422  4.21338   -7.52532  0.500 6.32000  ? 73  LEU   A CA  1 
ATOM   468  C  CA  B LEU   A 1 73  ? -1.24624  4.26420   -7.52874  0.500 6.31000  ? 73  LEU   A CA  1 
ATOM   469  C  C   A LEU   A 1 73  ? -0.38889  4.41057   -6.29483  0.500 6.02000  ? 73  LEU   A C   1 
ATOM   470  C  C   B LEU   A 1 73  ? -0.36684  4.59017   -6.33056  0.500 6.00000  ? 73  LEU   A C   1 
ATOM   471  O  O   A LEU   A 1 73  ? 0.82196   4.17507   -6.32976  0.500 6.11000  ? 73  LEU   A O   1 
ATOM   472  O  O   B LEU   A 1 73  ? 0.86391   4.62387   -6.42308  0.500 6.55000  ? 73  LEU   A O   1 
ATOM   473  C  CB  A LEU   A 1 73  ? -2.10314  2.93349   -7.37027  0.500 7.35000  ? 73  LEU   A CB  1 
ATOM   474  C  CB  B LEU   A 1 73  ? -2.03085  2.96064   -7.31566  0.500 7.41000  ? 73  LEU   A CB  1 
ATOM   475  C  CG  A LEU   A 1 73  ? -1.45786  1.69226   -6.73409  0.500 7.17000  ? 73  LEU   A CG  1 
ATOM   476  C  CG  B LEU   A 1 73  ? -1.25308  1.65200   -7.51023  0.500 8.09000  ? 73  LEU   A CG  1 
ATOM   477  C  CD1 A LEU   A 1 73  ? -2.48814  0.58729   -6.63997  0.500 8.64000  ? 73  LEU   A CD1 1 
ATOM   478  C  CD1 B LEU   A 1 73  ? -0.46114  1.25896   -6.27032  0.500 9.03000  ? 73  LEU   A CD1 1 
ATOM   479  C  CD2 A LEU   A 1 73  ? -0.24875  1.21367   -7.51254  0.500 8.44000  ? 73  LEU   A CD2 1 
ATOM   480  C  CD2 B LEU   A 1 73  ? -2.22535  0.55220   -7.90726  0.500 6.39000  ? 73  LEU   A CD2 1 
ATOM   481  N  N   . GLY   A 1 74  ? -1.02198  4.83264   -5.20229  1.000 6.49000  ? 74  GLY   A N   1 
ATOM   482  C  CA  . GLY   A 1 74  ? -0.33106  4.95448   -3.93340  1.000 3.77000  ? 74  GLY   A CA  1 
ATOM   483  C  C   . GLY   A 1 74  ? -1.32037  4.86533   -2.79760  1.000 3.47000  ? 74  GLY   A C   1 
ATOM   484  O  O   . GLY   A 1 74  ? -2.52238  5.07859   -2.97958  1.000 5.23000  ? 74  GLY   A O   1 
ATOM   485  N  N   . TRP   A 1 75  ? -0.79982  4.55025   -1.61582  1.000 4.66000  ? 75  TRP   A N   1 
ATOM   486  C  CA  . TRP   A 1 75  ? -1.62999  4.52435   -0.41856  1.000 4.69000  ? 75  TRP   A CA  1 
ATOM   487  C  C   . TRP   A 1 75  ? -0.76854  4.76113   0.81492   1.000 5.29000  ? 75  TRP   A C   1 
ATOM   488  O  O   . TRP   A 1 75  ? 0.45784   4.63218   0.77848   1.000 5.29000  ? 75  TRP   A O   1 
ATOM   489  C  CB  . TRP   A 1 75  ? -2.47404  3.23907   -0.30852  1.000 6.11000  ? 75  TRP   A CB  1 
ATOM   490  C  CG  . TRP   A 1 75  ? -1.67090  1.99317   -0.00162  1.000 6.18000  ? 75  TRP   A CG  1 
ATOM   491  C  CD1 . TRP   A 1 75  ? -1.40369  1.46979   1.24083   1.000 6.68000  ? 75  TRP   A CD1 1 
ATOM   492  C  CD2 . TRP   A 1 75  ? -1.07578  1.09683   -0.94788  1.000 4.17000  ? 75  TRP   A CD2 1 
ATOM   493  N  NE1 . TRP   A 1 75  ? -0.66608  0.31402   1.11756   1.000 6.89000  ? 75  TRP   A NE1 1 
ATOM   494  C  CE2 . TRP   A 1 75  ? -0.43899  0.07482   -0.21176  1.000 4.87000  ? 75  TRP   A CE2 1 
ATOM   495  C  CE3 . TRP   A 1 75  ? -0.99800  1.07116   -2.34848  1.000 4.98000  ? 75  TRP   A CE3 1 
ATOM   496  C  CZ2 . TRP   A 1 75  ? 0.26873   -0.97923  -0.83511  1.000 7.16000  ? 75  TRP   A CZ2 1 
ATOM   497  C  CZ3 . TRP   A 1 75  ? -0.30087  0.03650   -2.96363  1.000 7.93000  ? 75  TRP   A CZ3 1 
ATOM   498  C  CH2 . TRP   A 1 75  ? 0.32162   -0.98278  -2.20055  1.000 6.87000  ? 75  TRP   A CH2 1 
ATOM   499  N  N   . THR   A 1 76  ? -1.44070  5.12302   1.91214   1.000 4.53000  ? 76  THR   A N   1 
ATOM   500  C  CA  . THR   A 1 76  ? -0.82037  5.42079   3.19605   1.000 4.72000  ? 76  THR   A CA  1 
ATOM   501  C  C   . THR   A 1 76  ? -1.45191  4.58316   4.29758   1.000 4.35000  ? 76  THR   A C   1 
ATOM   502  O  O   . THR   A 1 76  ? -2.67827  4.38177   4.32891   1.000 6.22000  ? 76  THR   A O   1 
ATOM   503  C  CB  . THR   A 1 76  ? -1.04882  6.89626   3.58451   1.000 5.86000  ? 76  THR   A CB  1 
ATOM   504  O  OG1 . THR   A 1 76  ? -0.57738  7.74831   2.54527   1.000 6.40000  ? 76  THR   A OG1 1 
ATOM   505  C  CG2 . THR   A 1 76  ? -0.33128  7.22956   4.86838   1.000 6.43000  ? 76  THR   A CG2 1 
ATOM   506  N  N   . VAL   A 1 77  ? -0.60200  4.14900   5.22831   1.000 4.72000  ? 77  VAL   A N   1 
ATOM   507  C  CA  . VAL   A 1 77  ? -1.01113  3.59003   6.51164   1.000 4.83000  ? 77  VAL   A CA  1 
ATOM   508  C  C   . VAL   A 1 77  ? -0.32640  4.39384   7.60544   1.000 6.57000  ? 77  VAL   A C   1 
ATOM   509  O  O   . VAL   A 1 77  ? 0.90073   4.52953   7.59264   1.000 7.47000  ? 77  VAL   A O   1 
ATOM   510  C  CB  . VAL   A 1 77  ? -0.58785  2.11918   6.64708   1.000 5.81000  ? 77  VAL   A CB  1 
ATOM   511  C  CG1 . VAL   A 1 77  ? -0.80557  1.62840   8.06869   1.000 7.38000  ? 77  VAL   A CG1 1 
ATOM   512  C  CG2 . VAL   A 1 77  ? -1.34018  1.24713   5.68152   1.000 7.52000  ? 77  VAL   A CG2 1 
ATOM   513  N  N   . ALA   A 1 78  ? -1.10702  4.93229   8.53816   1.000 6.72000  ? 78  ALA   A N   1 
ATOM   514  C  CA  . ALA   A 1 78  ? -0.56462  5.40810   9.80298   1.000 5.50000  ? 78  ALA   A CA  1 
ATOM   515  C  C   . ALA   A 1 78  ? -0.64928  4.27223   10.81041  1.000 5.76000  ? 78  ALA   A C   1 
ATOM   516  O  O   . ALA   A 1 78  ? -1.71814  3.67424   10.98767  1.000 6.88000  ? 78  ALA   A O   1 
ATOM   517  C  CB  . ALA   A 1 78  ? -1.35037  6.61238   10.31925  1.000 6.99000  ? 78  ALA   A CB  1 
ATOM   518  N  N   . TRP   A 1 79  ? 0.46191   4.00173   11.48868  1.000 6.25000  ? 79  TRP   A N   1 
ATOM   519  C  CA  . TRP   A 1 79  ? 0.59062   2.76953   12.27001  1.000 5.64000  ? 79  TRP   A CA  1 
ATOM   520  C  C   . TRP   A 1 79  ? 0.01803   2.88881   13.68187  1.000 7.66000  ? 79  TRP   A C   1 
ATOM   521  O  O   . TRP   A 1 79  ? 0.65027   2.51904   14.67441  1.000 7.37000  ? 79  TRP   A O   1 
ATOM   522  C  CB  . TRP   A 1 79  ? 2.03669   2.29934   12.28083  1.000 8.11000  ? 79  TRP   A CB  1 
ATOM   523  C  CG  . TRP   A 1 79  ? 2.50999   1.95178   10.93173  1.000 6.21000  ? 79  TRP   A CG  1 
ATOM   524  C  CD1 . TRP   A 1 79  ? 3.33391   2.69731   10.14118  1.000 6.63000  ? 79  TRP   A CD1 1 
ATOM   525  C  CD2 . TRP   A 1 79  ? 2.15971   0.78814   10.17382  1.000 5.77000  ? 79  TRP   A CD2 1 
ATOM   526  N  NE1 . TRP   A 1 79  ? 3.54924   2.05572   8.94502   1.000 6.19000  ? 79  TRP   A NE1 1 
ATOM   527  C  CE2 . TRP   A 1 79  ? 2.83060   0.88234   8.93782   1.000 6.22000  ? 79  TRP   A CE2 1 
ATOM   528  C  CE3 . TRP   A 1 79  ? 1.36085   -0.33865  10.43215  1.000 6.68000  ? 79  TRP   A CE3 1 
ATOM   529  C  CZ2 . TRP   A 1 79  ? 2.73357   -0.09930  7.95705   1.000 5.64000  ? 79  TRP   A CZ2 1 
ATOM   530  C  CZ3 . TRP   A 1 79  ? 1.25928   -1.31077  9.45585   1.000 6.38000  ? 79  TRP   A CZ3 1 
ATOM   531  C  CH2 . TRP   A 1 79  ? 1.94261   -1.18737  8.22980   1.000 7.94000  ? 79  TRP   A CH2 1 
ATOM   532  N  N   . LYS   A 1 80  ? -1.22266  3.36487   13.75027  1.000 7.60000  ? 80  LYS   A N   1 
ATOM   533  C  CA  . LYS   A 1 80  ? -2.00614  3.41869   14.97587  1.000 7.73000  ? 80  LYS   A CA  1 
ATOM   534  C  C   . LYS   A 1 80  ? -3.29083  2.63862   14.74951  1.000 9.17000  ? 80  LYS   A C   1 
ATOM   535  O  O   . LYS   A 1 80  ? -3.96680  2.83981   13.73693  1.000 8.05000  ? 80  LYS   A O   1 
ATOM   536  C  CB  . LYS   A 1 80  ? -2.33649  4.86577   15.32716  1.000 8.92000  ? 80  LYS   A CB  1 
ATOM   537  C  CG  . LYS   A 1 80  ? -3.33499  5.00499   16.47212  1.000 10.23000 ? 80  LYS   A CG  1 
ATOM   538  C  CD  . LYS   A 1 80  ? -3.74007  6.46140   16.67574  1.000 13.52000 ? 80  LYS   A CD  1 
ATOM   539  C  CE  . LYS   A 1 80  ? -4.84740  6.59390   17.72671  1.000 18.22000 ? 80  LYS   A CE  1 
ATOM   540  N  NZ  . LYS   A 1 80  ? -6.18106  6.16427   17.20177  1.000 18.83000 ? 80  LYS   A NZ  1 
ATOM   541  N  N   . ASN   A 1 81  ? -3.60491  1.73295   15.66703  1.000 8.61000  ? 81  ASN   A N   1 
ATOM   542  C  CA  . ASN   A 1 81  ? -4.91632  1.09441   15.68548  1.000 8.01000  ? 81  ASN   A CA  1 
ATOM   543  C  C   . ASN   A 1 81  ? -5.32538  0.92986   17.14609  1.000 10.05000 ? 81  ASN   A C   1 
ATOM   544  O  O   . ASN   A 1 81  ? -4.76582  1.57092   18.03951  1.000 10.65000 ? 81  ASN   A O   1 
ATOM   545  C  CB  . ASN   A 1 81  ? -4.93356  -0.19748  14.85098  1.000 8.25000  ? 81  ASN   A CB  1 
ATOM   546  C  CG  . ASN   A 1 81  ? -4.01969  -1.27514  15.40182  1.000 8.37000  ? 81  ASN   A CG  1 
ATOM   547  O  OD1 . ASN   A 1 81  ? -3.46590  -1.14311  16.49941  1.000 10.42000 ? 81  ASN   A OD1 1 
ATOM   548  N  ND2 . ASN   A 1 81  ? -3.85245  -2.34922  14.63676  1.000 7.06000  ? 81  ASN   A ND2 1 
ATOM   549  N  N   . ASN   A 1 82  ? -6.29833  0.04995   17.40206  1.000 10.75000 ? 82  ASN   A N   1 
ATOM   550  C  CA  . ASN   A 1 82  ? -6.77021  -0.12393  18.77515  1.000 17.33000 ? 82  ASN   A CA  1 
ATOM   551  C  C   . ASN   A 1 82  ? -5.78697  -0.88368  19.65309  1.000 17.06000 ? 82  ASN   A C   1 
ATOM   552  O  O   . ASN   A 1 82  ? -5.95702  -0.89125  20.87711  1.000 17.24000 ? 82  ASN   A O   1 
ATOM   553  C  CB  . ASN   A 1 82  ? -8.14146  -0.80448  18.80124  1.000 17.10000 ? 82  ASN   A CB  1 
ATOM   554  C  CG  . ASN   A 1 82  ? -9.26508  0.14714   18.44780  1.000 27.46000 ? 82  ASN   A CG  1 
ATOM   555  O  OD1 . ASN   A 1 82  ? -9.09111  1.36765   18.48907  1.000 33.56000 ? 82  ASN   A OD1 1 
ATOM   556  N  ND2 . ASN   A 1 82  ? -10.42280 -0.39998  18.09522  1.000 30.27000 ? 82  ASN   A ND2 1 
ATOM   557  N  N   . TYR   A 1 83  ? -4.76837  -1.50448  19.06779  1.000 12.64000 ? 83  TYR   A N   1 
ATOM   558  C  CA  . TYR   A 1 83  ? -3.80434  -2.31811  19.79917  1.000 11.23000 ? 83  TYR   A CA  1 
ATOM   559  C  C   . TYR   A 1 83  ? -2.47947  -1.62166  20.03647  1.000 13.38000 ? 83  TYR   A C   1 
ATOM   560  O  O   . TYR   A 1 83  ? -1.86784  -1.80924  21.09144  1.000 12.79000 ? 83  TYR   A O   1 
ATOM   561  C  CB  . TYR   A 1 83  ? -3.53648  -3.61263  19.03869  1.000 14.65000 ? 83  TYR   A CB  1 
ATOM   562  C  CG  . TYR   A 1 83  ? -4.78040  -4.41596  18.75990  1.000 13.73000 ? 83  TYR   A CG  1 
ATOM   563  C  CD1 . TYR   A 1 83  ? -5.31751  -5.24539  19.73292  1.000 26.13000 ? 83  TYR   A CD1 1 
ATOM   564  C  CD2 . TYR   A 1 83  ? -5.41424  -4.35110  17.52605  1.000 19.12000 ? 83  TYR   A CD2 1 
ATOM   565  C  CE1 . TYR   A 1 83  ? -6.45433  -5.99432  19.48347  1.000 31.46000 ? 83  TYR   A CE1 1 
ATOM   566  C  CE2 . TYR   A 1 83  ? -6.55034  -5.09055  17.26876  1.000 28.66000 ? 83  TYR   A CE2 1 
ATOM   567  C  CZ  . TYR   A 1 83  ? -7.06756  -5.91053  18.25123  1.000 31.54000 ? 83  TYR   A CZ  1 
ATOM   568  O  OH  . TYR   A 1 83  ? -8.19841  -6.65243  18.00090  1.000 29.54000 ? 83  TYR   A OH  1 
ATOM   569  N  N   . ARG   A 1 84  ? -2.00456  -0.83071  19.07770  1.000 10.79000 ? 84  ARG   A N   1 
ATOM   570  C  CA  . ARG   A 1 84  ? -0.66633  -0.27559  19.18249  1.000 12.41000 ? 84  ARG   A CA  1 
ATOM   571  C  C   . ARG   A 1 84  ? -0.60808  1.02934   18.42156  1.000 8.47000  ? 84  ARG   A C   1 
ATOM   572  O  O   . ARG   A 1 84  ? -1.41024  1.28274   17.51963  1.000 9.41000  ? 84  ARG   A O   1 
ATOM   573  C  CB  . ARG   A 1 84  ? 0.37551   -1.16639  18.51293  1.000 16.11000 ? 84  ARG   A CB  1 
ATOM   574  C  CG  . ARG   A 1 84  ? 0.58261   -2.50225  19.15210  1.000 17.81000 ? 84  ARG   A CG  1 
ATOM   575  C  CD  . ARG   A 1 84  ? 1.74173   -3.15881  18.48734  1.000 20.16000 ? 84  ARG   A CD  1 
ATOM   576  N  NE  . ARG   A 1 84  ? 1.84404   -4.56846  18.83261  1.000 23.06000 ? 84  ARG   A NE  1 
ATOM   577  C  CZ  . ARG   A 1 84  ? 2.93603   -5.27965  18.61744  1.000 21.07000 ? 84  ARG   A CZ  1 
ATOM   578  N  NH1 . ARG   A 1 84  ? 4.02928   -4.72059  18.12163  1.000 15.14000 ? 84  ARG   A NH1 1 
ATOM   579  N  NH2 . ARG   A 1 84  ? 2.93468   -6.57644  18.91136  1.000 20.93000 ? 84  ARG   A NH2 1 
ATOM   580  N  N   . ASN   A 1 85  ? 0.40526   1.82170   18.75139  1.000 9.34000  ? 85  ASN   A N   1 
ATOM   581  C  CA  . ASN   A 1 85  ? 0.69936   3.04533   18.01473  1.000 9.77000  ? 85  ASN   A CA  1 
ATOM   582  C  C   . ASN   A 1 85  ? 2.21093   3.15794   17.88506  1.000 9.76000  ? 85  ASN   A C   1 
ATOM   583  O  O   . ASN   A 1 85  ? 2.90305   3.41823   18.87364  1.000 10.53000 ? 85  ASN   A O   1 
ATOM   584  C  CB  . ASN   A 1 85  ? 0.12550   4.26257   18.72805  1.000 9.55000  ? 85  ASN   A CB  1 
ATOM   585  C  CG  . ASN   A 1 85  ? 0.21689   5.51815   17.88396  1.000 10.63000 ? 85  ASN   A CG  1 
ATOM   586  O  OD1 . ASN   A 1 85  ? 0.88973   5.52824   16.85120  1.000 9.99000  ? 85  ASN   A OD1 1 
ATOM   587  N  ND2 . ASN   A 1 85  ? -0.46753  6.56855   18.30327  1.000 9.81000  ? 85  ASN   A ND2 1 
ATOM   588  N  N   . ALA   A 1 86  ? 2.71940   2.94786   16.67319  1.000 7.92000  ? 86  ALA   A N   1 
ATOM   589  C  CA  . ALA   A 1 86  ? 4.14764   2.99805   16.40237  1.000 9.03000  ? 86  ALA   A CA  1 
ATOM   590  C  C   . ALA   A 1 86  ? 4.61638   4.38636   15.99009  1.000 10.13000 ? 86  ALA   A C   1 
ATOM   591  O  O   . ALA   A 1 86  ? 5.76424   4.53268   15.56470  1.000 11.03000 ? 86  ALA   A O   1 
ATOM   592  C  CB  . ALA   A 1 86  ? 4.52914   1.97859   15.33221  1.000 10.00000 ? 86  ALA   A CB  1 
ATOM   593  N  N   . HIS   A 1 87  ? 3.75263   5.39241   16.09141  1.000 8.56000  ? 87  HIS   A N   1 
ATOM   594  C  CA  . HIS   A 1 87  ? 4.08945   6.79253   15.81767  1.000 9.95000  ? 87  HIS   A CA  1 
ATOM   595  C  C   . HIS   A 1 87  ? 4.85389   6.93663   14.50226  1.000 8.11000  ? 87  HIS   A C   1 
ATOM   596  O  O   . HIS   A 1 87  ? 5.95011   7.50010   14.43933  1.000 9.30000  ? 87  HIS   A O   1 
ATOM   597  C  CB  . HIS   A 1 87  ? 4.86941   7.39443   16.98107  1.000 10.67000 ? 87  HIS   A CB  1 
ATOM   598  C  CG  . HIS   A 1 87  ? 4.12098   7.34972   18.27284  1.000 10.85000 ? 87  HIS   A CG  1 
ATOM   599  N  ND1 . HIS   A 1 87  ? 2.83240   7.82260   18.39850  1.000 11.29000 ? 87  HIS   A ND1 1 
ATOM   600  C  CD2 . HIS   A 1 87  ? 4.46018   6.85201   19.48542  1.000 14.89000 ? 87  HIS   A CD2 1 
ATOM   601  C  CE1 . HIS   A 1 87  ? 2.41639   7.63323   19.63839  1.000 13.77000 ? 87  HIS   A CE1 1 
ATOM   602  N  NE2 . HIS   A 1 87  ? 3.38772   7.05162   20.31778  1.000 13.56000 ? 87  HIS   A NE2 1 
ATOM   603  N  N   . SER   A 1 88  ? 4.24201   6.41312   13.44342  1.000 8.54000  ? 88  SER   A N   1 
ATOM   604  C  CA  . SER   A 1 88  ? 4.90002   6.34165   12.14503  1.000 7.73000  ? 88  SER   A CA  1 
ATOM   605  C  C   . SER   A 1 88  ? 3.84268   6.13092   11.07158  1.000 8.15000  ? 88  SER   A C   1 
ATOM   606  O  O   . SER   A 1 88  ? 2.69924   5.76593   11.35677  1.000 8.45000  ? 88  SER   A O   1 
ATOM   607  C  CB  . SER   A 1 88  ? 5.98752   5.25691   12.09986  1.000 9.71000  ? 88  SER   A CB  1 
ATOM   608  O  OG  . SER   A 1 88  ? 5.49264   4.00442   12.53656  1.000 8.28000  ? 88  SER   A OG  1 
ATOM   609  N  N   . ALA   A 1 89  ? 4.23103   6.40149   9.83300   1.000 5.75000  ? 89  ALA   A N   1 
ATOM   610  C  CA  . ALA   A 1 89  ? 3.33781   6.17301   8.71044   1.000 5.04000  ? 89  ALA   A CA  1 
ATOM   611  C  C   . ALA   A 1 89  ? 4.16186   5.70838   7.52415   1.000 6.63000  ? 89  ALA   A C   1 
ATOM   612  O  O   . ALA   A 1 89  ? 5.30407   6.13998   7.34164   1.000 7.26000  ? 89  ALA   A O   1 
ATOM   613  C  CB  . ALA   A 1 89  ? 2.59254   7.46014   8.34655   1.000 4.98000  ? 89  ALA   A CB  1 
ATOM   614  N  N   . THR   A 1 90  ? 3.58749   4.82379   6.72140   1.000 5.13000  ? 90  THR   A N   1 
ATOM   615  C  CA  . THR   A 1 90  ? 4.23581   4.40408   5.49076   1.000 4.71000  ? 90  THR   A CA  1 
ATOM   616  C  C   . THR   A 1 90  ? 3.36455   4.79100   4.31900   1.000 4.01000  ? 90  THR   A C   1 
ATOM   617  O  O   . THR   A 1 90  ? 2.13907   4.64003   4.37546   1.000 5.76000  ? 90  THR   A O   1 
ATOM   618  C  CB  . THR   A 1 90  ? 4.40455   2.88589   5.49863   1.000 3.67000  ? 90  THR   A CB  1 
ATOM   619  O  OG1 . THR   A 1 90  ? 5.22875   2.50451   6.60079   1.000 4.87000  ? 90  THR   A OG1 1 
ATOM   620  C  CG2 . THR   A 1 90  ? 5.05065   2.39137   4.20124   1.000 6.16000  ? 90  THR   A CG2 1 
ATOM   621  N  N   . THR   A 1 91  ? 3.99358   5.29140   3.25381   1.000 4.11000  ? 91  THR   A N   1 
ATOM   622  C  CA  . THR   A 1 91  ? 3.31832   5.46020   1.97098   1.000 3.43000  ? 91  THR   A CA  1 
ATOM   623  C  C   . THR   A 1 91  ? 3.95419   4.53225   0.95198   1.000 5.72000  ? 91  THR   A C   1 
ATOM   624  O  O   . THR   A 1 91  ? 5.18119   4.45808   0.85895   1.000 5.93000  ? 91  THR   A O   1 
ATOM   625  C  CB  . THR   A 1 91  ? 3.39389   6.90515   1.47140   1.000 4.52000  ? 91  THR   A CB  1 
ATOM   626  O  OG1 . THR   A 1 91  ? 4.75775   7.25748   1.25791   1.000 5.69000  ? 91  THR   A OG1 1 
ATOM   627  C  CG2 . THR   A 1 91  ? 2.80158   7.85750   2.50406   1.000 6.31000  ? 91  THR   A CG2 1 
ATOM   628  N  N   . TRP   A 1 92  ? 3.12383   3.80255   0.21445   1.000 4.08000  ? 92  TRP   A N   1 
ATOM   629  C  CA  . TRP   A 1 92  ? 3.59237   3.01082   -0.90956  1.000 4.63000  ? 92  TRP   A CA  1 
ATOM   630  C  C   . TRP   A 1 92  ? 3.20869   3.73199   -2.18622  1.000 2.71000  ? 92  TRP   A C   1 
ATOM   631  O  O   . TRP   A 1 92  ? 2.06024   4.15954   -2.33303  1.000 5.18000  ? 92  TRP   A O   1 
ATOM   632  C  CB  . TRP   A 1 92  ? 2.91460   1.63517   -0.92481  1.000 4.68000  ? 92  TRP   A CB  1 
ATOM   633  C  CG  . TRP   A 1 92  ? 3.29655   0.67431   0.15169   1.000 3.33000  ? 92  TRP   A CG  1 
ATOM   634  C  CD1 . TRP   A 1 92  ? 4.12325   -0.40518  0.01726   1.000 5.82000  ? 92  TRP   A CD1 1 
ATOM   635  C  CD2 . TRP   A 1 92  ? 2.83500   0.64895   1.51209   1.000 4.04000  ? 92  TRP   A CD2 1 
ATOM   636  N  NE1 . TRP   A 1 92  ? 4.21809   -1.09057  1.20278   1.000 5.17000  ? 92  TRP   A NE1 1 
ATOM   637  C  CE2 . TRP   A 1 92  ? 3.42110   -0.47342  2.13660   1.000 3.71000  ? 92  TRP   A CE2 1 
ATOM   638  C  CE3 . TRP   A 1 92  ? 1.96038   1.45132   2.25546   1.000 5.49000  ? 92  TRP   A CE3 1 
ATOM   639  C  CZ2 . TRP   A 1 92  ? 3.18811   -0.79932  3.47188   1.000 5.25000  ? 92  TRP   A CZ2 1 
ATOM   640  C  CZ3 . TRP   A 1 92  ? 1.72898   1.12287   3.58346   1.000 6.30000  ? 92  TRP   A CZ3 1 
ATOM   641  C  CH2 . TRP   A 1 92  ? 2.32998   0.00101   4.17451   1.000 7.65000  ? 92  TRP   A CH2 1 
ATOM   642  N  N   . SER   A 1 93  ? 4.16283   3.83648   -3.11082  1.000 4.52000  ? 93  SER   A N   1 
ATOM   643  C  CA  . SER   A 1 93  ? 3.95687   4.45499   -4.41179  1.000 6.13000  ? 93  SER   A CA  1 
ATOM   644  C  C   . SER   A 1 93  ? 4.37378   3.43992   -5.46774  1.000 8.90000  ? 93  SER   A C   1 
ATOM   645  O  O   . SER   A 1 93  ? 5.45823   2.86145   -5.37608  1.000 7.29000  ? 93  SER   A O   1 
ATOM   646  C  CB  . SER   A 1 93  ? 4.83064   5.71825   -4.51665  1.000 4.63000  ? 93  SER   A CB  1 
ATOM   647  O  OG  . SER   A 1 93  ? 4.58229   6.40351   -5.73545  1.000 6.99000  ? 93  SER   A OG  1 
ATOM   648  N  N   . GLY   A 1 94  ? 3.51893   3.19301   -6.44757  1.000 5.53000  ? 94  GLY   A N   1 
ATOM   649  C  CA  . GLY   A 1 94  ? 3.81689   2.10798   -7.35916  1.000 6.77000  ? 94  GLY   A CA  1 
ATOM   650  C  C   . GLY   A 1 94  ? 2.90824   2.02985   -8.55020  1.000 6.95000  ? 94  GLY   A C   1 
ATOM   651  O  O   . GLY   A 1 94  ? 2.21847   2.99048   -8.90478  1.000 7.86000  ? 94  GLY   A O   1 
ATOM   652  N  N   . GLN   A 1 95  ? 2.92381   0.85539   -9.17732  1.000 6.59000  ? 95  GLN   A N   1 
ATOM   653  C  CA  . GLN   A 1 95  ? 2.02557   0.62706   -10.29072 1.000 7.74000  ? 95  GLN   A CA  1 
ATOM   654  C  C   . GLN   A 1 95  ? 1.49184   -0.79346  -10.27192 1.000 7.48000  ? 95  GLN   A C   1 
ATOM   655  O  O   . GLN   A 1 95  ? 2.19409   -1.74029  -9.89717  1.000 6.92000  ? 95  GLN   A O   1 
ATOM   656  C  CB  . GLN   A 1 95  ? 2.65748   0.99885   -11.63882 1.000 12.07000 ? 95  GLN   A CB  1 
ATOM   657  C  CG  . GLN   A 1 95  ? 3.91047   0.25127   -11.98590 1.000 10.52000 ? 95  GLN   A CG  1 
ATOM   658  C  CD  . GLN   A 1 95  ? 4.51988   0.75571   -13.29420 1.000 10.82000 ? 95  GLN   A CD  1 
ATOM   659  O  OE1 . GLN   A 1 95  ? 3.81229   0.98278   -14.27484 1.000 10.27000 ? 95  GLN   A OE1 1 
ATOM   660  N  NE2 . GLN   A 1 95  ? 5.84099   0.94743   -13.30269 1.000 13.12000 ? 95  GLN   A NE2 1 
ATOM   661  N  N   . TYR   A 1 96  ? 0.22071   -0.90974  -10.64148 1.000 8.24000  ? 96  TYR   A N   1 
ATOM   662  C  CA  . TYR   A 1 96  ? -0.44141  -2.18800  -10.83437 1.000 7.25000  ? 96  TYR   A CA  1 
ATOM   663  C  C   . TYR   A 1 96  ? -0.19097  -2.65171  -12.26305 1.000 8.29000  ? 96  TYR   A C   1 
ATOM   664  O  O   . TYR   A 1 96  ? -0.35147  -1.87954  -13.21853 1.000 9.98000  ? 96  TYR   A O   1 
ATOM   665  C  CB  . TYR   A 1 96  ? -1.93948  -1.99777  -10.58444 1.000 9.33000  ? 96  TYR   A CB  1 
ATOM   666  C  CG  . TYR   A 1 96  ? -2.80695  -3.06391  -11.19964 1.000 9.38000  ? 96  TYR   A CG  1 
ATOM   667  C  CD1 . TYR   A 1 96  ? -3.06320  -4.23897  -10.51293 1.000 10.58000 ? 96  TYR   A CD1 1 
ATOM   668  C  CD2 . TYR   A 1 96  ? -3.40001  -2.88106  -12.44254 1.000 13.33000 ? 96  TYR   A CD2 1 
ATOM   669  C  CE1 . TYR   A 1 96  ? -3.87328  -5.22684  -11.05335 1.000 13.60000 ? 96  TYR   A CE1 1 
ATOM   670  C  CE2 . TYR   A 1 96  ? -4.20992  -3.86746  -12.99621 1.000 16.70000 ? 96  TYR   A CE2 1 
ATOM   671  C  CZ  . TYR   A 1 96  ? -4.43973  -5.02946  -12.29150 1.000 12.78000 ? 96  TYR   A CZ  1 
ATOM   672  O  OH  . TYR   A 1 96  ? -5.24732  -6.02194  -12.81890 1.000 19.72000 ? 96  TYR   A OH  1 
ATOM   673  N  N   . VAL   A 1 97  ? 0.22953   -3.90919  -12.39492 1.000 10.73000 ? 97  VAL   A N   1 
ATOM   674  C  CA  . VAL   A 1 97  ? 0.49496   -4.55102  -13.67908 1.000 12.67000 ? 97  VAL   A CA  1 
ATOM   675  C  C   . VAL   A 1 97  ? -0.44227  -5.74620  -13.76200 1.000 15.16000 ? 97  VAL   A C   1 
ATOM   676  O  O   . VAL   A 1 97  ? -0.29601  -6.70299  -12.99093 1.000 13.97000 ? 97  VAL   A O   1 
ATOM   677  C  CB  . VAL   A 1 97  ? 1.96070   -4.99754  -13.79443 1.000 15.80000 ? 97  VAL   A CB  1 
ATOM   678  C  CG1 . VAL   A 1 97  ? 2.24035   -5.55159  -15.17896 1.000 22.94000 ? 97  VAL   A CG1 1 
ATOM   679  C  CG2 . VAL   A 1 97  ? 2.90725   -3.83436  -13.48355 1.000 16.41000 ? 97  VAL   A CG2 1 
ATOM   680  N  N   . GLY   A 1 98  ? -1.41287  -5.68874  -14.67457 1.000 16.12000 ? 98  GLY   A N   1 
ATOM   681  C  CA  . GLY   A 1 98  ? -2.36580  -6.76915  -14.83843 1.000 18.06000 ? 98  GLY   A CA  1 
ATOM   682  C  C   . GLY   A 1 98  ? -1.76707  -7.95680  -15.56340 1.000 21.65000 ? 98  GLY   A C   1 
ATOM   683  O  O   . GLY   A 1 98  ? -0.59835  -7.97082  -15.94186 1.000 23.29000 ? 98  GLY   A O   1 
ATOM   684  N  N   . GLY   A 1 99  ? -2.59422  -8.97600  -15.75531 1.000 33.73000 ? 99  GLY   A N   1 
ATOM   685  C  CA  . GLY   A 1 99  ? -2.19100  -10.18486 -16.44447 1.000 30.01000 ? 99  GLY   A CA  1 
ATOM   686  C  C   . GLY   A 1 99  ? -2.32579  -11.41065 -15.56250 1.000 33.28000 ? 99  GLY   A C   1 
ATOM   687  O  O   . GLY   A 1 99  ? -2.74979  -11.34081 -14.40866 1.000 33.75000 ? 99  GLY   A O   1 
ATOM   688  N  N   . ALA   A 1 100 ? -1.93249  -12.55200 -16.13595 1.000 35.91000 ? 100 ALA   A N   1 
ATOM   689  C  CA  . ALA   A 1 100 ? -2.10856  -13.83289 -15.45456 1.000 31.52000 ? 100 ALA   A CA  1 
ATOM   690  C  C   . ALA   A 1 100 ? -1.42819  -13.84456 -14.09183 1.000 35.69000 ? 100 ALA   A C   1 
ATOM   691  O  O   . ALA   A 1 100 ? -1.95490  -14.41945 -13.13101 1.000 37.88000 ? 100 ALA   A O   1 
ATOM   692  C  CB  . ALA   A 1 100 ? -1.57360  -14.96424 -16.33287 1.000 39.56000 ? 100 ALA   A CB  1 
ATOM   693  N  N   . GLU   A 1 101 ? -0.25764  -13.22647 -13.99044 1.000 32.69000 ? 101 GLU   A N   1 
ATOM   694  C  CA  . GLU   A 1 101 ? 0.43008   -13.05118 -12.71916 1.000 29.75000 ? 101 GLU   A CA  1 
ATOM   695  C  C   . GLU   A 1 101 ? 0.44494   -11.56309 -12.37882 1.000 24.34000 ? 101 GLU   A C   1 
ATOM   696  O  O   . GLU   A 1 101 ? 1.47720   -10.89116 -12.46209 1.000 26.80000 ? 101 GLU   A O   1 
ATOM   697  C  CB  . GLU   A 1 101 ? 1.84400   -13.62759 -12.80006 1.000 41.16000 ? 101 GLU   A CB  1 
ATOM   698  C  CG  . GLU   A 1 101 ? 1.90851   -15.03040 -13.37882 1.000 51.93000 ? 101 GLU   A CG  1 
ATOM   699  C  CD  . GLU   A 1 101 ? 2.57145   -16.01694 -12.44048 1.000 59.93000 ? 101 GLU   A CD  1 
ATOM   700  O  OE1 . GLU   A 1 101 ? 2.12422   -16.12504 -11.27759 1.000 58.99000 ? 101 GLU   A OE1 1 
ATOM   701  O  OE2 . GLU   A 1 101 ? 3.54229   -16.67946 -12.86208 1.000 68.48000 ? 101 GLU   A OE2 1 
ATOM   702  N  N   . ALA   A 1 102 ? -0.72664  -11.04987 -12.00753 1.000 21.64000 ? 102 ALA   A N   1 
ATOM   703  C  CA  . ALA   A 1 102 ? -0.85852  -9.63027  -11.69302 1.000 14.50000 ? 102 ALA   A CA  1 
ATOM   704  C  C   . ALA   A 1 102 ? 0.03123   -9.25910  -10.51776 1.000 15.47000 ? 102 ALA   A C   1 
ATOM   705  O  O   . ALA   A 1 102 ? 0.28087   -10.06068 -9.61485  1.000 14.08000 ? 102 ALA   A O   1 
ATOM   706  C  CB  . ALA   A 1 102 ? -2.31375  -9.28725  -11.36342 1.000 16.98000 ? 102 ALA   A CB  1 
ATOM   707  N  N   . ARG   A 1 103 ? 0.49690   -8.01153  -10.52717 1.000 10.54000 ? 103 ARG   A N   1 
ATOM   708  C  CA  . ARG   A 1 103 ? 1.46326   -7.54152  -9.54814  1.000 12.07000 ? 103 ARG   A CA  1 
ATOM   709  C  C   . ARG   A 1 103 ? 1.15157   -6.08775  -9.24060  1.000 9.61000  ? 103 ARG   A C   1 
ATOM   710  O  O   . ARG   A 1 103 ? 0.71368   -5.33695  -10.11526 1.000 9.75000  ? 103 ARG   A O   1 
ATOM   711  C  CB  . ARG   A 1 103 ? 2.88192   -7.54683  -10.14289 1.000 16.07000 ? 103 ARG   A CB  1 
ATOM   712  C  CG  . ARG   A 1 103 ? 3.51979   -8.91449  -10.42874 1.000 28.47000 ? 103 ARG   A CG  1 
ATOM   713  C  CD  . ARG   A 1 103 ? 4.23816   -9.47015  -9.20928  1.000 35.29000 ? 103 ARG   A CD  1 
ATOM   714  N  NE  . ARG   A 1 103 ? 4.89394   -10.75514 -9.44088  1.000 42.59000 ? 103 ARG   A NE  1 
ATOM   715  C  CZ  . ARG   A 1 103 ? 4.27449   -11.91265 -9.64543  1.000 52.44000 ? 103 ARG   A CZ  1 
ATOM   716  N  NH1 . ARG   A 1 103 ? 2.95453   -11.99337 -9.72344  1.000 34.34000 ? 103 ARG   A NH1 1 
ATOM   717  N  NH2 . ARG   A 1 103 ? 5.00018   -13.02010 -9.77919  1.000 55.65000 ? 103 ARG   A NH2 1 
ATOM   718  N  N   . ILE   A 1 104 ? 1.41376   -5.69180  -7.99891  1.000 8.13000  ? 104 ILE   A N   1 
ATOM   719  C  CA  . ILE   A 1 104 ? 1.56866   -4.28042  -7.64378  1.000 6.93000  ? 104 ILE   A CA  1 
ATOM   720  C  C   . ILE   A 1 104 ? 3.00979   -4.09857  -7.18522  1.000 7.75000  ? 104 ILE   A C   1 
ATOM   721  O  O   . ILE   A 1 104 ? 3.40519   -4.61538  -6.13008  1.000 7.70000  ? 104 ILE   A O   1 
ATOM   722  C  CB  . ILE   A 1 104 ? 0.56310   -3.83637  -6.57166  1.000 7.35000  ? 104 ILE   A CB  1 
ATOM   723  C  CG1 . ILE   A 1 104 ? -0.86262  -4.01410  -7.08477  1.000 9.86000  ? 104 ILE   A CG1 1 
ATOM   724  C  CG2 . ILE   A 1 104 ? 0.78221   -2.36437  -6.20252  1.000 8.16000  ? 104 ILE   A CG2 1 
ATOM   725  C  CD1 . ILE   A 1 104 ? -1.92745  -3.80742  -6.02120  1.000 12.96000 ? 104 ILE   A CD1 1 
ATOM   726  N  N   . ASN   A 1 105 ? 3.80008   -3.38708  -7.98208  1.000 6.22000  ? 105 ASN   A N   1 
ATOM   727  C  CA  . ASN   A 1 105 ? 5.20750   -3.15640  -7.67904  1.000 6.80000  ? 105 ASN   A CA  1 
ATOM   728  C  C   . ASN   A 1 105 ? 5.32169   -1.78145  -7.03350  1.000 8.33000  ? 105 ASN   A C   1 
ATOM   729  O  O   . ASN   A 1 105 ? 4.88099   -0.79112  -7.62649  1.000 7.72000  ? 105 ASN   A O   1 
ATOM   730  C  CB  . ASN   A 1 105 ? 6.01498   -3.19009  -8.96937  1.000 7.90000  ? 105 ASN   A CB  1 
ATOM   731  C  CG  . ASN   A 1 105 ? 6.00088   -4.55963  -9.61363  1.000 17.63000 ? 105 ASN   A CG  1 
ATOM   732  O  OD1 . ASN   A 1 105 ? 6.10057   -5.56966  -8.92100  1.000 15.86000 ? 105 ASN   A OD1 1 
ATOM   733  N  ND2 . ASN   A 1 105 ? 5.86365   -4.59856  -10.93134 1.000 15.20000 ? 105 ASN   A ND2 1 
ATOM   734  N  N   . THR   A 1 106 ? 5.88333   -1.72133  -5.82348  1.000 6.32000  ? 106 THR   A N   1 
ATOM   735  C  CA  . THR   A 1 106 ? 5.93661   -0.48096  -5.05741  1.000 5.46000  ? 106 THR   A CA  1 
ATOM   736  C  C   . THR   A 1 106 ? 7.32912   -0.16991  -4.53224  1.000 6.36000  ? 106 THR   A C   1 
ATOM   737  O  O   . THR   A 1 106 ? 8.18001   -1.04024  -4.32511  1.000 5.21000  ? 106 THR   A O   1 
ATOM   738  C  CB  . THR   A 1 106 ? 5.00116   -0.50867  -3.84074  1.000 4.73000  ? 106 THR   A CB  1 
ATOM   739  O  OG1 . THR   A 1 106 ? 5.53232   -1.40191  -2.84203  1.000 6.16000  ? 106 THR   A OG1 1 
ATOM   740  C  CG2 . THR   A 1 106 ? 3.54256   -0.86870  -4.24382  1.000 6.35000  ? 106 THR   A CG2 1 
ATOM   741  N  N   . GLN   A 1 107 ? 7.52886   1.11323   -4.27761  1.000 3.86000  ? 107 GLN   A N   1 
ATOM   742  C  CA  . GLN   A 1 107 ? 8.55642   1.55439   -3.35129  1.000 4.17000  ? 107 GLN   A CA  1 
ATOM   743  C  C   . GLN   A 1 107 ? 7.84785   2.29903   -2.23383  1.000 4.57000  ? 107 GLN   A C   1 
ATOM   744  O  O   . GLN   A 1 107 ? 6.72773   2.80049   -2.41764  1.000 5.31000  ? 107 GLN   A O   1 
ATOM   745  C  CB  . GLN   A 1 107 ? 9.62625   2.39990   -4.02816  1.000 9.55000  ? 107 GLN   A CB  1 
ATOM   746  C  CG  . GLN   A 1 107 ? 10.15424  1.68110   -5.26530  1.000 10.78000 ? 107 GLN   A CG  1 
ATOM   747  C  CD  . GLN   A 1 107 ? 11.31247  2.37799   -5.92120  1.000 13.57000 ? 107 GLN   A CD  1 
ATOM   748  O  OE1 . GLN   A 1 107 ? 12.39759  2.48593   -5.34838  1.000 15.93000 ? 107 GLN   A OE1 1 
ATOM   749  N  NE2 . GLN   A 1 107 ? 11.07573  2.91290   -7.10987  1.000 11.98000 ? 107 GLN   A NE2 1 
ATOM   750  N  N   . TRP   A 1 108 ? 8.45726   2.33078   -1.05243  1.000 4.45000  ? 108 TRP   A N   1 
ATOM   751  C  CA  . TRP   A 1 108 ? 7.74428   2.90914   0.07592   1.000 3.64000  ? 108 TRP   A CA  1 
ATOM   752  C  C   . TRP   A 1 108 ? 8.66388   3.75963   0.93091   1.000 3.86000  ? 108 TRP   A C   1 
ATOM   753  O  O   . TRP   A 1 108 ? 9.88885   3.59553   0.93906   1.000 5.51000  ? 108 TRP   A O   1 
ATOM   754  C  CB  . TRP   A 1 108 ? 7.05135   1.84695   0.93855   1.000 4.15000  ? 108 TRP   A CB  1 
ATOM   755  C  CG  . TRP   A 1 108 ? 7.88548   0.67570   1.40064   1.000 4.63000  ? 108 TRP   A CG  1 
ATOM   756  C  CD1 . TRP   A 1 108 ? 7.85825   -0.60241  0.89846   1.000 5.72000  ? 108 TRP   A CD1 1 
ATOM   757  C  CD2 . TRP   A 1 108 ? 8.81895   0.66074   2.48848   1.000 4.51000  ? 108 TRP   A CD2 1 
ATOM   758  N  NE1 . TRP   A 1 108 ? 8.73497   -1.40486  1.59904   1.000 5.42000  ? 108 TRP   A NE1 1 
ATOM   759  C  CE2 . TRP   A 1 108 ? 9.33124   -0.65306  2.57961   1.000 4.16000  ? 108 TRP   A CE2 1 
ATOM   760  C  CE3 . TRP   A 1 108 ? 9.26997   1.63199   3.39894   1.000 5.55000  ? 108 TRP   A CE3 1 
ATOM   761  C  CZ2 . TRP   A 1 108 ? 10.27576  -1.02289  3.52961   1.000 5.67000  ? 108 TRP   A CZ2 1 
ATOM   762  C  CZ3 . TRP   A 1 108 ? 10.21691  1.27034   4.34784   1.000 6.21000  ? 108 TRP   A CZ3 1 
ATOM   763  C  CH2 . TRP   A 1 108 ? 10.71363  -0.04772  4.40942   1.000 5.97000  ? 108 TRP   A CH2 1 
ATOM   764  N  N   . LEU   A 1 109 ? 8.03162   4.64157   1.69839   1.000 3.30000  ? 109 LEU   A N   1 
ATOM   765  C  CA  . LEU   A 1 109 ? 8.71312   5.53752   2.62407   1.000 1.93000  ? 109 LEU   A CA  1 
ATOM   766  C  C   . LEU   A 1 109 ? 8.00412   5.43899   3.95767   1.000 4.87000  ? 109 LEU   A C   1 
ATOM   767  O  O   . LEU   A 1 109 ? 6.80841   5.72215   4.04120   1.000 6.61000  ? 109 LEU   A O   1 
ATOM   768  C  CB  . LEU   A 1 109 ? 8.67594   7.00454   2.16138   1.000 4.71000  ? 109 LEU   A CB  1 
ATOM   769  C  CG  . LEU   A 1 109 ? 9.37778   7.39473   0.86041   1.000 5.24000  ? 109 LEU   A CG  1 
ATOM   770  C  CD1 . LEU   A 1 109 ? 8.94720   8.78597   0.48408   1.000 5.78000  ? 109 LEU   A CD1 1 
ATOM   771  C  CD2 . LEU   A 1 109 ? 10.88929  7.30793   1.02565   1.000 6.82000  ? 109 LEU   A CD2 1 
ATOM   772  N  N   . LEU   A 1 110 ? 8.74377   5.05521   4.98684   1.000 4.49000  ? 110 LEU   A N   1 
ATOM   773  C  CA  . LEU   A 1 110 ? 8.21758   4.91747   6.33918   1.000 4.05000  ? 110 LEU   A CA  1 
ATOM   774  C  C   . LEU   A 1 110 ? 8.83714   6.03313   7.17268   1.000 5.58000  ? 110 LEU   A C   1 
ATOM   775  O  O   . LEU   A 1 110 ? 10.03448  6.00210   7.46429   1.000 6.00000  ? 110 LEU   A O   1 
ATOM   776  C  CB  . LEU   A 1 110 ? 8.60142   3.54361   6.88373   1.000 6.91000  ? 110 LEU   A CB  1 
ATOM   777  C  CG  . LEU   A 1 110 ? 8.48487   3.23751   8.38514   1.000 10.64000 ? 110 LEU   A CG  1 
ATOM   778  C  CD1 . LEU   A 1 110 ? 7.10508   3.56283   8.93449   1.000 14.44000 ? 110 LEU   A CD1 1 
ATOM   779  C  CD2 . LEU   A 1 110 ? 8.82159   1.77237   8.66256   1.000 11.62000 ? 110 LEU   A CD2 1 
ATOM   780  N  N   . THR   A 1 111 ? 8.00741   6.99535   7.57284   1.000 6.70000  ? 111 THR   A N   1 
ATOM   781  C  CA  . THR   A 1 111 ? 8.48042   8.11136   8.39009   1.000 6.21000  ? 111 THR   A CA  1 
ATOM   782  C  C   . THR   A 1 111 ? 8.00332   7.91566   9.82482   1.000 7.32000  ? 111 THR   A C   1 
ATOM   783  O  O   . THR   A 1 111 ? 6.81715   7.66247   10.07296  1.000 6.40000  ? 111 THR   A O   1 
ATOM   784  C  CB  . THR   A 1 111 ? 7.93154   9.44753   7.88489   1.000 9.96000  ? 111 THR   A CB  1 
ATOM   785  O  OG1 . THR   A 1 111 ? 8.34407   9.64698   6.53596   1.000 9.96000  ? 111 THR   A OG1 1 
ATOM   786  C  CG2 . THR   A 1 111 ? 8.50290   10.60856  8.71525   1.000 10.85000 ? 111 THR   A CG2 1 
HETATM 787  N  N   . SNC   A 1 112 ? 8.92730   8.08726   10.77299  1.000 7.02000  ? 112 SNC   A N   1 
HETATM 788  C  CA  . SNC   A 1 112 ? 8.61805   7.98580   12.17610  1.000 7.39000  ? 112 SNC   A CA  1 
HETATM 789  C  CB  . SNC   A 1 112 ? 9.70239   7.25581   12.98871  1.000 9.33000  ? 112 SNC   A CB  1 
HETATM 790  S  SG  . SNC   A 1 112 ? 9.89098   5.55491   12.44953  1.000 16.14000 ? 112 SNC   A SG  1 
HETATM 791  N  ND  . SNC   A 1 112 ? 11.02136  5.59647   11.18658  0.430 18.88000 ? 112 SNC   A ND  1 
HETATM 792  O  OE  . SNC   A 1 112 ? 12.07421  6.02309   11.34409  0.430 17.83000 ? 112 SNC   A OE  1 
HETATM 793  C  C   . SNC   A 1 112 ? 8.58593   9.41174   12.71084  1.000 8.28000  ? 112 SNC   A C   1 
HETATM 794  O  O   . SNC   A 1 112 ? 9.32961   10.28934  12.27597  1.000 10.89000 ? 112 SNC   A O   1 
ATOM   795  N  N   . GLY   A 1 113 ? 7.69854   9.67345   13.66588  1.000 8.62000  ? 113 GLY   A N   1 
ATOM   796  C  CA  . GLY   A 1 113 ? 7.78764   10.92876  14.40819  1.000 9.27000  ? 113 GLY   A CA  1 
ATOM   797  C  C   . GLY   A 1 113 ? 9.07038   10.99027  15.22682  1.000 11.09000 ? 113 GLY   A C   1 
ATOM   798  O  O   . GLY   A 1 113 ? 9.38322   10.05774  15.96387  1.000 17.41000 ? 113 GLY   A O   1 
ATOM   799  N  N   . THR   A 1 114 ? 9.84635   12.06545  15.07434  1.000 8.23000  ? 114 THR   A N   1 
ATOM   800  C  CA  . THR   A 1 114 ? 11.11570  12.22561  15.78177  1.000 10.35000 ? 114 THR   A CA  1 
ATOM   801  C  C   . THR   A 1 114 ? 11.19648  13.63926  16.33711  1.000 11.02000 ? 114 THR   A C   1 
ATOM   802  O  O   . THR   A 1 114 ? 10.42441  14.52238  15.96400  1.000 10.81000 ? 114 THR   A O   1 
ATOM   803  C  CB  . THR   A 1 114 ? 12.32639  12.03668  14.85756  1.000 10.59000 ? 114 THR   A CB  1 
ATOM   804  O  OG1 . THR   A 1 114 ? 12.34422  13.07929  13.87213  1.000 12.11000 ? 114 THR   A OG1 1 
ATOM   805  C  CG2 . THR   A 1 114 ? 12.27864  10.69513  14.14839  1.000 13.24000 ? 114 THR   A CG2 1 
ATOM   806  N  N   . THR   A 1 115 ? 12.16484  13.85798  17.22244  1.000 13.72000 ? 115 THR   A N   1 
ATOM   807  C  CA  . THR   A 1 115 ? 12.52160  15.22292  17.56001  1.000 16.00000 ? 115 THR   A CA  1 
ATOM   808  C  C   . THR   A 1 115 ? 13.25095  15.85879  16.37851  1.000 18.17000 ? 115 THR   A C   1 
ATOM   809  O  O   . THR   A 1 115 ? 13.70000  15.17801  15.45046  1.000 13.60000 ? 115 THR   A O   1 
ATOM   810  C  CB  . THR   A 1 115 ? 13.44543  15.24060  18.77752  1.000 17.39000 ? 115 THR   A CB  1 
ATOM   811  O  OG1 . THR   A 1 115 ? 14.69740  14.62826  18.43226  1.000 17.67000 ? 115 THR   A OG1 1 
ATOM   812  C  CG2 . THR   A 1 115 ? 12.80823  14.48433  19.94356  1.000 18.20000 ? 115 THR   A CG2 1 
ATOM   813  N  N   . GLU   A 1 116 ? 13.38581  17.18782  16.41175  1.000 18.56000 ? 116 GLU   A N   1 
ATOM   814  C  CA  . GLU   A 1 116 ? 14.08691  17.84048  15.31477  1.000 19.67000 ? 116 GLU   A CA  1 
ATOM   815  C  C   . GLU   A 1 116 ? 15.52562  17.35891  15.21293  1.000 17.14000 ? 116 GLU   A C   1 
ATOM   816  O  O   . GLU   A 1 116 ? 16.04107  17.19634  14.10332  1.000 16.98000 ? 116 GLU   A O   1 
ATOM   817  C  CB  . GLU   A 1 116 ? 14.03051  19.36989  15.43116  1.000 28.28000 ? 116 GLU   A CB  1 
ATOM   818  C  CG  . GLU   A 1 116 ? 12.63350  19.98984  15.36581  1.000 32.88000 ? 116 GLU   A CG  1 
ATOM   819  C  CD  . GLU   A 1 116 ? 11.90465  20.00835  16.70170  1.000 57.70000 ? 116 GLU   A CD  1 
ATOM   820  O  OE1 . GLU   A 1 116 ? 12.15377  19.12086  17.54804  1.000 42.28000 ? 116 GLU   A OE1 1 
ATOM   821  O  OE2 . GLU   A 1 116 ? 11.08514  20.93440  16.90801  1.000 46.72000 ? 116 GLU   A OE2 1 
ATOM   822  N  N   . ALA   A 1 117 ? 16.17007  17.09327  16.35403  1.000 16.91000 ? 117 ALA   A N   1 
ATOM   823  C  CA  . ALA   A 1 117 ? 17.55460  16.63726  16.35130  1.000 21.75000 ? 117 ALA   A CA  1 
ATOM   824  C  C   . ALA   A 1 117 ? 17.71496  15.26097  15.72067  1.000 21.53000 ? 117 ALA   A C   1 
ATOM   825  O  O   . ALA   A 1 117 ? 18.80356  14.93776  15.23359  1.000 21.79000 ? 117 ALA   A O   1 
ATOM   826  C  CB  . ALA   A 1 117 ? 18.10686  16.61568  17.77842  1.000 24.69000 ? 117 ALA   A CB  1 
ATOM   827  N  N   . ASN   A 1 118 ? 16.66329  14.44601  15.71018  1.000 13.87000 ? 118 ASN   A N   1 
ATOM   828  C  CA  . ASN   A 1 118 ? 16.72037  13.11227  15.12427  1.000 14.63000 ? 118 ASN   A CA  1 
ATOM   829  C  C   . ASN   A 1 118 ? 16.04275  13.03180  13.76050  1.000 10.59000 ? 118 ASN   A C   1 
ATOM   830  O  O   . ASN   A 1 118 ? 15.92754  11.93996  13.19470  1.000 10.37000 ? 118 ASN   A O   1 
ATOM   831  C  CB  . ASN   A 1 118 ? 16.12108  12.08119  16.08067  1.000 17.26000 ? 118 ASN   A CB  1 
ATOM   832  C  CG  . ASN   A 1 118 ? 16.94319  11.91402  17.34874  1.000 23.90000 ? 118 ASN   A CG  1 
ATOM   833  O  OD1 . ASN   A 1 118 ? 18.16894  12.02443  17.32664  1.000 24.07000 ? 118 ASN   A OD1 1 
ATOM   834  N  ND2 . ASN   A 1 118 ? 16.26929  11.65801  18.46009  1.000 23.86000 ? 118 ASN   A ND2 1 
ATOM   835  N  N   . ALA   A 1 119 ? 15.58772  14.15354  13.21423  1.000 10.61000 ? 119 ALA   A N   1 
ATOM   836  C  CA  . ALA   A 1 119 ? 14.81320  14.08763  11.98281  1.000 10.21000 ? 119 ALA   A CA  1 
ATOM   837  C  C   . ALA   A 1 119 ? 15.64187  13.55819  10.82109  1.000 10.00000 ? 119 ALA   A C   1 
ATOM   838  O  O   . ALA   A 1 119 ? 15.08567  12.99128  9.87739   1.000 10.49000 ? 119 ALA   A O   1 
ATOM   839  C  CB  . ALA   A 1 119 ? 14.21697  15.45429  11.64660  1.000 14.92000 ? 119 ALA   A CB  1 
ATOM   840  N  N   . TRP   A 1 120 ? 16.97203  13.70073  10.86949  1.000 10.17000 ? 120 TRP   A N   1 
ATOM   841  C  CA  . TRP   A 1 120 ? 17.78145  13.16060  9.77669   1.000 10.27000 ? 120 TRP   A CA  1 
ATOM   842  C  C   . TRP   A 1 120 ? 17.61635  11.64861  9.63534   1.000 9.48000  ? 120 TRP   A C   1 
ATOM   843  O  O   . TRP   A 1 120 ? 17.82656  11.10465  8.54305   1.000 9.02000  ? 120 TRP   A O   1 
ATOM   844  C  CB  . TRP   A 1 120 ? 19.26804  13.51057  9.95744   1.000 9.29000  ? 120 TRP   A CB  1 
ATOM   845  C  CG  . TRP   A 1 120 ? 19.90737  12.82578  11.12812  1.000 10.00000 ? 120 TRP   A CG  1 
ATOM   846  C  CD1 . TRP   A 1 120 ? 19.94812  13.26996  12.42216  1.000 9.46000  ? 120 TRP   A CD1 1 
ATOM   847  C  CD2 . TRP   A 1 120 ? 20.55971  11.55377  11.12363  1.000 9.84000  ? 120 TRP   A CD2 1 
ATOM   848  N  NE1 . TRP   A 1 120 ? 20.59628  12.36314  13.21453  1.000 10.04000 ? 120 TRP   A NE1 1 
ATOM   849  C  CE2 . TRP   A 1 120 ? 20.99072  11.29962  12.44608  1.000 10.82000 ? 120 TRP   A CE2 1 
ATOM   850  C  CE3 . TRP   A 1 120 ? 20.84544  10.61562  10.12844  1.000 7.23000  ? 120 TRP   A CE3 1 
ATOM   851  C  CZ2 . TRP   A 1 120 ? 21.68216  10.13583  12.79887  1.000 11.38000 ? 120 TRP   A CZ2 1 
ATOM   852  C  CZ3 . TRP   A 1 120 ? 21.52966  9.46844   10.47973  1.000 8.67000  ? 120 TRP   A CZ3 1 
ATOM   853  C  CH2 . TRP   A 1 120 ? 21.93886  9.23726   11.80143  1.000 11.43000 ? 120 TRP   A CH2 1 
ATOM   854  N  N   . LYS   A 1 121 ? 17.25047  10.95137  10.71455  1.000 7.80000  ? 121 LYS   A N   1 
ATOM   855  C  CA  . LYS   A 1 121 ? 17.07159  9.50031   10.70330  1.000 8.30000  ? 121 LYS   A CA  1 
ATOM   856  C  C   . LYS   A 1 121 ? 15.60832  9.12237   10.90845  1.000 9.40000  ? 121 LYS   A C   1 
ATOM   857  O  O   . LYS   A 1 121 ? 15.28904  8.14734   11.59515  1.000 12.70000 ? 121 LYS   A O   1 
ATOM   858  C  CB  . LYS   A 1 121 ? 17.91553  8.79632   11.76308  1.000 13.70000 ? 121 LYS   A CB  1 
ATOM   859  C  CG  . LYS   A 1 121 ? 17.78284  9.36160   13.16717  1.000 16.23000 ? 121 LYS   A CG  1 
ATOM   860  C  CD  . LYS   A 1 121 ? 18.70792  8.63497   14.13439  1.000 21.51000 ? 121 LYS   A CD  1 
ATOM   861  C  CE  . LYS   A 1 121 ? 18.87338  9.38619   15.44190  1.000 23.78000 ? 121 LYS   A CE  1 
ATOM   862  N  NZ  . LYS   A 1 121 ? 19.04982  8.42595   16.57459  1.000 30.62000 ? 121 LYS   A NZ  1 
ATOM   863  N  N   . SER   A 1 122 ? 14.70494  9.88501   10.31768  1.000 8.14000  ? 122 SER   A N   1 
ATOM   864  C  CA  . SER   A 1 122 ? 13.28291  9.66881   10.53387  1.000 9.45000  ? 122 SER   A CA  1 
ATOM   865  C  C   . SER   A 1 122 ? 12.63318  8.75475   9.50072   1.000 7.91000  ? 122 SER   A C   1 
ATOM   866  O  O   . SER   A 1 122 ? 11.51657  8.27718   9.74400   1.000 8.98000  ? 122 SER   A O   1 
ATOM   867  C  CB  . SER   A 1 122 ? 12.55429  11.01558  10.50568  1.000 8.94000  ? 122 SER   A CB  1 
ATOM   868  O  OG  . SER   A 1 122 ? 12.59409  11.57566  9.20169   1.000 10.11000 ? 122 SER   A OG  1 
ATOM   869  N  N   . THR   A 1 123 ? 13.28456  8.48468   8.36700   1.000 6.46000  ? 123 THR   A N   1 
ATOM   870  C  CA  . THR   A 1 123 ? 12.61110  7.88390   7.21534   1.000 6.84000  ? 123 THR   A CA  1 
ATOM   871  C  C   . THR   A 1 123 ? 13.37291  6.67830   6.68836   1.000 6.15000  ? 123 THR   A C   1 
ATOM   872  O  O   . THR   A 1 123 ? 14.52580  6.80486   6.26070   1.000 7.12000  ? 123 THR   A O   1 
ATOM   873  C  CB  . THR   A 1 123 ? 12.43151  8.88627   6.07542   1.000 4.70000  ? 123 THR   A CB  1 
ATOM   874  O  OG1 . THR   A 1 123 ? 11.92729  10.12737  6.59680   1.000 8.13000  ? 123 THR   A OG1 1 
ATOM   875  C  CG2 . THR   A 1 123 ? 11.43009  8.36068   5.05142   1.000 6.80000  ? 123 THR   A CG2 1 
ATOM   876  N  N   . PHE   A 1 124 ? 12.70472  5.52442   6.68088   1.000 5.08000  ? 124 PHE   A N   1 
ATOM   877  C  CA  . PHE   A 1 124 ? 13.16016  4.32177   5.99359   1.000 6.66000  ? 124 PHE   A CA  1 
ATOM   878  C  C   . PHE   A 1 124 ? 12.58642  4.27175   4.58219   1.000 5.54000  ? 124 PHE   A C   1 
ATOM   879  O  O   . PHE   A 1 124 ? 11.48544  4.76700   4.31611   1.000 5.04000  ? 124 PHE   A O   1 
ATOM   880  C  CB  . PHE   A 1 124 ? 12.68710  3.07190   6.73600   1.000 6.46000  ? 124 PHE   A CB  1 
ATOM   881  C  CG  . PHE   A 1 124 ? 13.30627  2.88634   8.08798   1.000 9.41000  ? 124 PHE   A CG  1 
ATOM   882  C  CD1 . PHE   A 1 124 ? 14.52040  2.23420   8.21885   1.000 11.57000 ? 124 PHE   A CD1 1 
ATOM   883  C  CD2 . PHE   A 1 124 ? 12.67393  3.35504   9.22454   1.000 14.45000 ? 124 PHE   A CD2 1 
ATOM   884  C  CE1 . PHE   A 1 124 ? 15.09537  2.05261   9.47409   1.000 19.30000 ? 124 PHE   A CE1 1 
ATOM   885  C  CE2 . PHE   A 1 124 ? 13.24040  3.17418   10.48013  1.000 22.35000 ? 124 PHE   A CE2 1 
ATOM   886  C  CZ  . PHE   A 1 124 ? 14.44938  2.52162   10.60108  1.000 19.08000 ? 124 PHE   A CZ  1 
ATOM   887  N  N   . VAL   A 1 125 ? 13.34244  3.65971   3.67345   1.000 7.17000  ? 125 VAL   A N   1 
ATOM   888  C  CA  . VAL   A 1 125 ? 12.90721  3.44316   2.29811   1.000 5.27000  ? 125 VAL   A CA  1 
ATOM   889  C  C   . VAL   A 1 125 ? 13.05142  1.96453   1.96357   1.000 5.11000  ? 125 VAL   A C   1 
ATOM   890  O  O   . VAL   A 1 125 ? 13.98528  1.29405   2.41409   1.000 6.47000  ? 125 VAL   A O   1 
ATOM   891  C  CB  . VAL   A 1 125 ? 13.68284  4.31997   1.29408   1.000 7.02000  ? 125 VAL   A CB  1 
ATOM   892  C  CG1 . VAL   A 1 125 ? 15.20120  4.03430   1.33718   1.000 7.18000  ? 125 VAL   A CG1 1 
ATOM   893  C  CG2 . VAL   A 1 125 ? 13.11329  4.16236   -0.10835  1.000 6.69000  ? 125 VAL   A CG2 1 
ATOM   894  N  N   . GLY   A 1 126 ? 12.09628  1.44808   1.19751   1.000 3.58000  ? 126 GLY   A N   1 
ATOM   895  C  CA  . GLY   A 1 126 ? 12.16265  0.07539   0.75869   1.000 5.35000  ? 126 GLY   A CA  1 
ATOM   896  C  C   . GLY   A 1 126 ? 11.30964  -0.16482  -0.46541  1.000 4.32000  ? 126 GLY   A C   1 
ATOM   897  O  O   . GLY   A 1 126 ? 10.85727  0.76155   -1.13433  1.000 4.59000  ? 126 GLY   A O   1 
ATOM   898  N  N   . HIS   A 1 127 ? 11.09240  -1.43633  -0.75835  1.000 4.40000  ? 127 HIS   A N   1 
ATOM   899  C  CA  . HIS   A 1 127 ? 10.31427  -1.79795  -1.93799  1.000 4.09000  ? 127 HIS   A CA  1 
ATOM   900  C  C   . HIS   A 1 127 ? 9.58984   -3.09971  -1.65184  1.000 7.04000  ? 127 HIS   A C   1 
ATOM   901  O  O   . HIS   A 1 127 ? 10.20922  -4.04395  -1.17017  1.000 6.17000  ? 127 HIS   A O   1 
ATOM   902  C  CB  . HIS   A 1 127 ? 11.22116  -1.92314  -3.17013  1.000 5.05000  ? 127 HIS   A CB  1 
ATOM   903  C  CG  . HIS   A 1 127 ? 12.47603  -2.69241  -2.91626  1.000 7.97000  ? 127 HIS   A CG  1 
ATOM   904  N  ND1 . HIS   A 1 127 ? 12.60667  -4.03408  -3.20572  1.000 11.05000 ? 127 HIS   A ND1 1 
ATOM   905  C  CD2 . HIS   A 1 127 ? 13.65289  -2.30966  -2.36947  1.000 7.05000  ? 127 HIS   A CD2 1 
ATOM   906  C  CE1 . HIS   A 1 127 ? 13.81956  -4.43967  -2.86388  1.000 10.83000 ? 127 HIS   A CE1 1 
ATOM   907  N  NE2 . HIS   A 1 127 ? 14.47507  -3.41358  -2.35379  1.000 14.26000 ? 127 HIS   A NE2 1 
ATOM   908  N  N   . ASP   A 1 128 ? 8.27904   -3.12251  -1.91707  1.000 4.72000  ? 128 ASP   A N   1 
ATOM   909  C  CA  . ASP   A 1 128 ? 7.43114   -4.30514  -1.74285  1.000 5.38000  ? 128 ASP   A CA  1 
ATOM   910  C  C   . ASP   A 1 128 ? 6.79627   -4.68752  -3.07257  1.000 7.23000  ? 128 ASP   A C   1 
ATOM   911  O  O   . ASP   A 1 128 ? 6.33461   -3.82702  -3.82462  1.000 7.39000  ? 128 ASP   A O   1 
ATOM   912  C  CB  . ASP   A 1 128 ? 6.27444   -4.04773  -0.75780  1.000 6.37000  ? 128 ASP   A CB  1 
ATOM   913  C  CG  . ASP   A 1 128 ? 6.72066   -3.89462  0.68261   1.000 4.81000  ? 128 ASP   A CG  1 
ATOM   914  O  OD1 . ASP   A 1 128 ? 7.90402   -4.20856  1.01016   1.000 6.96000  ? 128 ASP   A OD1 1 
ATOM   915  O  OD2 . ASP   A 1 128 ? 5.85998   -3.45445  1.48005   1.000 6.41000  ? 128 ASP   A OD2 1 
ATOM   916  N  N   . THR   A 1 129 ? 6.73958   -5.98452  -3.35647  1.000 7.84000  ? 129 THR   A N   1 
ATOM   917  C  CA  . THR   A 1 129 ? 5.99105   -6.49893  -4.49554  1.000 6.60000  ? 129 THR   A CA  1 
ATOM   918  C  C   . THR   A 1 129 ? 4.81742   -7.30302  -3.97078  1.000 6.19000  ? 129 THR   A C   1 
ATOM   919  O  O   . THR   A 1 129 ? 5.00029   -8.18808  -3.13656  1.000 8.73000  ? 129 THR   A O   1 
ATOM   920  C  CB  . THR   A 1 129 ? 6.86804   -7.38807  -5.37812  1.000 10.69000 ? 129 THR   A CB  1 
ATOM   921  O  OG1 . THR   A 1 129 ? 7.99936   -6.64564  -5.83091  1.000 16.49000 ? 129 THR   A OG1 1 
ATOM   922  C  CG2 . THR   A 1 129 ? 6.07490   -7.83696  -6.57801  1.000 10.71000 ? 129 THR   A CG2 1 
ATOM   923  N  N   . PHE   A 1 130 ? 3.62276   -6.96241  -4.44032  1.000 6.11000  ? 130 PHE   A N   1 
ATOM   924  C  CA  . PHE   A 1 130 ? 2.38232   -7.60763  -4.03640  1.000 6.63000  ? 130 PHE   A CA  1 
ATOM   925  C  C   . PHE   A 1 130 ? 1.88454   -8.50206  -5.16385  1.000 9.26000  ? 130 PHE   A C   1 
ATOM   926  O  O   . PHE   A 1 130 ? 1.91801   -8.11899  -6.34105  1.000 9.36000  ? 130 PHE   A O   1 
ATOM   927  C  CB  . PHE   A 1 130 ? 1.31983   -6.55986  -3.71121  1.000 8.13000  ? 130 PHE   A CB  1 
ATOM   928  C  CG  . PHE   A 1 130 ? 1.66944   -5.69854  -2.52965  1.000 7.64000  ? 130 PHE   A CG  1 
ATOM   929  C  CD1 . PHE   A 1 130 ? 2.45752   -4.55861  -2.69119  1.000 6.82000  ? 130 PHE   A CD1 1 
ATOM   930  C  CD2 . PHE   A 1 130 ? 1.23879   -6.03574  -1.25419  1.000 5.64000  ? 130 PHE   A CD2 1 
ATOM   931  C  CE1 . PHE   A 1 130 ? 2.79057   -3.76646  -1.59692  1.000 7.48000  ? 130 PHE   A CE1 1 
ATOM   932  C  CE2 . PHE   A 1 130 ? 1.56141   -5.24494  -0.16201  1.000 6.98000  ? 130 PHE   A CE2 1 
ATOM   933  C  CZ  . PHE   A 1 130 ? 2.33717   -4.10506  -0.34287  1.000 8.10000  ? 130 PHE   A CZ  1 
ATOM   934  N  N   . THR   A 1 131 ? 1.41465   -9.69263  -4.78612  1.000 9.33000  ? 131 THR   A N   1 
ATOM   935  C  CA  . THR   A 1 131 ? 0.81827   -10.64806 -5.71057  1.000 9.06000  ? 131 THR   A CA  1 
ATOM   936  C  C   . THR   A 1 131 ? -0.52117  -11.08544 -5.13959  1.000 11.58000 ? 131 THR   A C   1 
ATOM   937  O  O   . THR   A 1 131 ? -0.79691  -10.91133 -3.94863  1.000 9.35000  ? 131 THR   A O   1 
ATOM   938  C  CB  . THR   A 1 131 ? 1.74004   -11.86169 -5.91534  1.000 12.88000 ? 131 THR   A CB  1 
ATOM   939  O  OG1 . THR   A 1 131 ? 2.00199   -12.48587 -4.65326  1.000 23.17000 ? 131 THR   A OG1 1 
ATOM   940  C  CG2 . THR   A 1 131 ? 3.06376   -11.40292 -6.50731  1.000 17.73000 ? 131 THR   A CG2 1 
ATOM   941  N  N   A LYS   A 1 132 ? -1.35503  -11.66990 -6.00552  0.520 13.53000 ? 132 LYS   A N   1 
ATOM   942  N  N   B LYS   A 1 132 ? -1.36068  -11.66250 -5.99836  0.480 13.54000 ? 132 LYS   A N   1 
ATOM   943  C  CA  A LYS   A 1 132 ? -2.65408  -12.17251 -5.57170  0.520 14.51000 ? 132 LYS   A CA  1 
ATOM   944  C  CA  B LYS   A 1 132 ? -2.65547  -12.15016 -5.53765  0.480 14.50000 ? 132 LYS   A CA  1 
ATOM   945  C  C   A LYS   A 1 132 ? -2.54262  -13.48381 -4.80479  0.520 17.63000 ? 132 LYS   A C   1 
ATOM   946  C  C   B LYS   A 1 132 ? -2.58328  -13.53768 -4.90946  0.480 17.62000 ? 132 LYS   A C   1 
ATOM   947  O  O   A LYS   A 1 132 ? -3.49871  -13.87247 -4.12169  0.520 15.78000 ? 132 LYS   A O   1 
ATOM   948  O  O   B LYS   A 1 132 ? -3.60594  -14.02749 -4.41692  0.480 15.45000 ? 132 LYS   A O   1 
ATOM   949  C  CB  A LYS   A 1 132 ? -3.56728  -12.38480 -6.78240  0.520 13.85000 ? 132 LYS   A CB  1 
ATOM   950  C  CB  B LYS   A 1 132 ? -3.68445  -12.11068 -6.67227  0.480 13.85000 ? 132 LYS   A CB  1 
ATOM   951  C  CG  A LYS   A 1 132 ? -3.84563  -11.13127 -7.59336  0.520 16.90000 ? 132 LYS   A CG  1 
ATOM   952  C  CG  B LYS   A 1 132 ? -4.25641  -10.72225 -6.91511  0.480 15.83000 ? 132 LYS   A CG  1 
ATOM   953  C  CD  A LYS   A 1 132 ? -4.70411  -10.14927 -6.81762  0.520 17.05000 ? 132 LYS   A CD  1 
ATOM   954  C  CD  B LYS   A 1 132 ? -4.44180  -10.44558 -8.39875  0.480 20.13000 ? 132 LYS   A CD  1 
ATOM   955  C  CE  A LYS   A 1 132 ? -6.08559  -10.70746 -6.56304  0.520 19.92000 ? 132 LYS   A CE  1 
ATOM   956  C  CE  B LYS   A 1 132 ? -5.59635  -11.24128 -8.97684  0.480 24.30000 ? 132 LYS   A CE  1 
ATOM   957  N  NZ  A LYS   A 1 132 ? -6.83015  -9.86586  -5.57724  0.520 16.89000 ? 132 LYS   A NZ  1 
ATOM   958  N  NZ  B LYS   A 1 132 ? -5.18236  -12.08234 -10.13499 0.480 18.37000 ? 132 LYS   A NZ  1 
ATOM   959  N  N   . VAL   A 1 133 ? -1.41011  -14.17286 -4.90982  1.000 19.05000 ? 133 VAL   A N   1 
ATOM   960  C  CA  . VAL   A 1 133 ? -1.19183  -15.45177 -4.24610  1.000 21.94000 ? 133 VAL   A CA  1 
ATOM   961  C  C   . VAL   A 1 133 ? -0.15878  -15.24935 -3.13701  1.000 23.90000 ? 133 VAL   A C   1 
ATOM   962  O  O   . VAL   A 1 133 ? 0.61170   -14.28538 -3.14779  1.000 33.83000 ? 133 VAL   A O   1 
ATOM   963  C  CB  . VAL   A 1 133 ? -0.72048  -16.53018 -5.25248  1.000 28.70000 ? 133 VAL   A CB  1 
ATOM   964  C  CG1 . VAL   A 1 133 ? -0.83408  -17.93245 -4.65733  1.000 30.80000 ? 133 VAL   A CG1 1 
ATOM   965  C  CG2 . VAL   A 1 133 ? -1.48662  -16.41558 -6.57105  1.000 24.67000 ? 133 VAL   A CG2 1 
ATOM   966  N  N   . LYS   A 1 134 ? -0.17015  -16.16981 -2.16619  1.000 36.37000 ? 134 LYS   A N   1 
ATOM   967  C  CA  . LYS   A 1 134 ? 0.78378   -16.25489 -1.03758  1.000 41.00000 ? 134 LYS   A CA  1 
ATOM   968  C  C   . LYS   A 1 134 ? 0.37433   -15.37723 0.14640   1.000 34.98000 ? 134 LYS   A C   1 
ATOM   969  O  O   . LYS   A 1 134 ? -0.19401  -15.86604 1.12768   1.000 39.87000 ? 134 LYS   A O   1 
ATOM   970  C  CB  . LYS   A 1 134 ? 2.23366   -15.96313 -1.46052  1.000 42.50000 ? 134 LYS   A CB  1 
ATOM   971  C  CG  . LYS   A 1 134 ? 3.31667   -16.30510 -0.43130  1.000 51.04000 ? 134 LYS   A CG  1 
ATOM   972  C  CD  . LYS   A 1 134 ? 3.31821   -17.77687 -0.03966  1.000 59.47000 ? 134 LYS   A CD  1 
ATOM   973  C  CE  . LYS   A 1 134 ? 3.49688   -17.95367 1.45833   1.000 54.88000 ? 134 LYS   A CE  1 
ATOM   974  N  NZ  . LYS   A 1 134 ? 3.62969   -19.38781 1.83319   1.000 65.52000 ? 134 LYS   A NZ  1 
HETATM 975  C  C1  . A1BIA B 2 .   ? 5.46962   -4.21036  5.07982   1.000 6.88000  ? 201 A1BIA A C1  1 
HETATM 976  C  C2  . A1BIA B 2 .   ? 7.13338   -2.63233  4.87683   1.000 4.81000  ? 201 A1BIA A C2  1 
HETATM 977  C  C3  . A1BIA B 2 .   ? 6.96333   -1.13049  4.75085   1.000 5.38000  ? 201 A1BIA A C3  1 
HETATM 978  C  C4  . A1BIA B 2 .   ? 6.91755   -3.12792  6.49228   1.000 7.14000  ? 201 A1BIA A C4  1 
HETATM 979  C  C5  . A1BIA B 2 .   ? 6.74346   -1.88953  7.33154   1.000 7.42000  ? 201 A1BIA A C5  1 
HETATM 980  C  C6  . A1BIA B 2 .   ? 6.02924   -2.17410  8.65460   1.000 6.40000  ? 201 A1BIA A C6  1 
HETATM 981  C  C7  . A1BIA B 2 .   ? 6.01995   -0.94130  9.56488   1.000 6.92000  ? 201 A1BIA A C7  1 
HETATM 982  C  C8  . A1BIA B 2 .   ? 5.20270   -1.24656  10.85002  1.000 6.22000  ? 201 A1BIA A C8  1 
HETATM 983  O  O1  . A1BIA B 2 .   ? 4.56441   -4.97952  4.73222   1.000 6.38000  ? 201 A1BIA A O1  1 
HETATM 984  C  C9  . A1BIA B 2 .   ? 5.25341   -0.06747  11.87919  1.000 8.29000  ? 201 A1BIA A C9  1 
HETATM 985  C  C10 . A1BIA B 2 .   ? 6.70742   0.24472   12.37088  1.000 8.90000  ? 201 A1BIA A C10 1 
HETATM 986  C  C11 . A1BIA B 2 .   ? 8.53811   1.99447   12.94320  1.000 17.34000 ? 201 A1BIA A C11 1 
HETATM 987  C  C12 . A1BIA B 2 .   ? 9.75375   2.97294   15.19859  1.000 37.61000 ? 201 A1BIA A C12 1 
HETATM 988  S  S1  . A1BIA B 2 .   ? 5.77144   -0.81870  6.14562   1.000 5.94000  ? 201 A1BIA A S1  1 
HETATM 989  C  C13 . A1BIA B 2 .   ? 9.93831   1.25444   17.13130  1.000 40.16000 ? 201 A1BIA A C13 1 
HETATM 990  N  N1  . A1BIA B 2 .   ? 6.20237   -3.42458  4.16344   1.000 6.55000  ? 201 A1BIA A N1  1 
HETATM 991  N  N2  . A1BIA B 2 .   ? 5.84140   -4.08339  6.42837   1.000 5.40000  ? 201 A1BIA A N2  1 
HETATM 992  C  C14 . A1BIA B 2 .   ? 10.55376  -0.18522  16.91057  1.000 40.19000 ? 201 A1BIA A C14 1 
HETATM 993  C  C15 . A1BIA B 2 .   ? 10.88716  -0.45514  15.37664  0.630 41.56000 ? 201 A1BIA A C15 1 
HETATM 994  N  N3  . A1BIA B 2 .   ? 7.16368   1.60608   12.46438  1.000 10.71000 ? 201 A1BIA A N3  1 
HETATM 995  N  N4  . A1BIA B 2 .   ? 10.65739  2.34908   16.29658  1.000 47.73000 ? 201 A1BIA A N4  1 
HETATM 996  C  C16 . A1BIA B 2 .   ? 12.28298  0.05043   13.50695  0.630 31.67000 ? 201 A1BIA A C16 1 
HETATM 997  C  C17 . A1BIA B 2 .   ? 11.55455  -0.81684  12.66138  0.630 35.71000 ? 201 A1BIA A C17 1 
HETATM 998  C  C18 . A1BIA B 2 .   ? 10.46101  -1.51466  13.20813  0.630 23.36000 ? 201 A1BIA A C18 1 
HETATM 999  C  C19 . A1BIA B 2 .   ? 10.11079  -1.33818  14.56469  0.630 27.57000 ? 201 A1BIA A C19 1 
HETATM 1000 C  C20 . A1BIA B 2 .   ? 11.27867  3.43262   17.20770  1.000 48.07000 ? 201 A1BIA A C20 1 
HETATM 1001 C  C21 . A1BIA B 2 .   ? 11.33583  4.89430   16.58839  1.000 37.78000 ? 201 A1BIA A C21 1 
HETATM 1002 C  C22 . A1BIA B 2 .   ? 12.44108  5.15638   15.42388  1.000 41.30000 ? 201 A1BIA A C22 1 
HETATM 1003 C  C23 . A1BIA B 2 .   ? 14.06924  4.23743   13.90220  1.000 25.22000 ? 201 A1BIA A C23 1 
HETATM 1004 C  C24 . A1BIA B 2 .   ? 14.41788  5.49526   13.35713  1.000 37.10000 ? 201 A1BIA A C24 1 
HETATM 1005 C  C25 . A1BIA B 2 .   ? 13.72949  6.60780   13.89081  1.000 32.20000 ? 201 A1BIA A C25 1 
HETATM 1006 C  C26 . A1BIA B 2 .   ? 12.75240  6.45470   14.91057  1.000 34.12000 ? 201 A1BIA A C26 1 
HETATM 1007 C  C27 . A1BIA B 2 .   ? 8.70623   1.95712   14.53703  1.000 24.15000 ? 201 A1BIA A C27 1 
HETATM 1008 N  N5  . A1BIA B 2 .   ? 11.94630  0.21780   14.82007  0.630 42.32000 ? 201 A1BIA A N5  1 
HETATM 1009 N  N6  . A1BIA B 2 .   ? 13.12255  4.09122   14.88925  1.000 43.47000 ? 201 A1BIA A N6  1 
HETATM 1010 O  O2  . A1BIA B 2 .   ? 7.44763   -0.68848  12.66233  1.000 9.16000  ? 201 A1BIA A O2  1 
HETATM 1011 CU CU  . CU    C 3 .   ? 3.64490   6.20383   22.86799  0.480 46.21000 ? 202 CU    A CU  1 
HETATM 1012 CU CU  . CU    D 3 .   ? 12.91585  2.06909   15.47389  0.480 43.57000 ? 203 CU    A CU  1 
HETATM 1013 S  S   . SO4   E 4 .   ? 6.05441   -8.01651  18.36629  0.390 24.47000 ? 204 SO4   A S   1 
HETATM 1014 O  O1  . SO4   E 4 .   ? 6.22457   -7.46908  19.71029  0.390 29.26000 ? 204 SO4   A O1  1 
HETATM 1015 O  O2  . SO4   E 4 .   ? 4.90273   -8.91606  18.35029  0.390 30.58000 ? 204 SO4   A O2  1 
HETATM 1016 O  O3  . SO4   E 4 .   ? 5.83288   -6.91478  17.42944  0.390 24.26000 ? 204 SO4   A O3  1 
HETATM 1017 O  O4  . SO4   E 4 .   ? 7.25727   -8.75288  17.98323  0.390 30.27000 ? 204 SO4   A O4  1 
HETATM 1018 O  O   . HOH   F 5 .   ? 8.05916   -5.05583  -7.45587  1.000 30.88000 ? 301 HOH   A O   1 
HETATM 1019 O  O   . HOH   F 5 .   ? -3.71752  -8.48425  17.47410  1.000 32.78000 ? 302 HOH   A O   1 
HETATM 1020 O  O   . HOH   F 5 .   ? -2.87334  7.73116   0.82564   0.610 6.30000  ? 303 HOH   A O   1 
HETATM 1021 O  O   . HOH   F 5 .   ? -7.83124  -11.44891 -4.07018  0.50  33.46000 ? 304 HOH   A O   1 
HETATM 1022 O  O   . HOH   F 5 .   ? 8.83345   7.75446   16.46271  1.000 33.50000 ? 305 HOH   A O   1 
HETATM 1023 O  O   . HOH   F 5 .   ? -5.88363  -12.43442 -3.69867  1.000 18.66000 ? 306 HOH   A O   1 
HETATM 1024 O  O   . HOH   F 5 .   ? -2.43406  -16.86496 1.45630   1.000 35.63000 ? 307 HOH   A O   1 
HETATM 1025 O  O   . HOH   F 5 .   ? -2.90828  -12.85995 -10.74896 1.000 23.46000 ? 308 HOH   A O   1 
HETATM 1026 O  O   . HOH   F 5 .   ? -2.41030  -16.85095 -1.29795  1.000 33.79000 ? 309 HOH   A O   1 
HETATM 1027 O  O   . HOH   F 5 .   ? -13.97500 8.58714   -2.68852  1.000 35.70000 ? 310 HOH   A O   1 
HETATM 1028 O  O   . HOH   F 5 .   ? 7.99941   -12.08372 7.13169   1.000 30.07000 ? 311 HOH   A O   1 
HETATM 1029 O  O   . HOH   F 5 .   ? -7.51365  -8.16744  -7.57338  1.000 25.09000 ? 312 HOH   A O   1 
HETATM 1030 O  O   . HOH   F 5 .   ? -5.54951  -8.55967  -13.02542 1.000 30.32000 ? 313 HOH   A O   1 
HETATM 1031 O  O   . HOH   F 5 .   ? -5.37781  -8.64130  7.18846   1.000 17.11000 ? 314 HOH   A O   1 
HETATM 1032 O  O   . HOH   F 5 .   ? 16.52436  14.39232  20.24217  1.000 33.23000 ? 315 HOH   A O   1 
HETATM 1033 O  O   . HOH   F 5 .   ? -4.58439  -15.92714 -2.96560  1.000 15.48000 ? 316 HOH   A O   1 
HETATM 1034 O  O   . HOH   F 5 .   ? 1.45086   -0.17168  15.38350  1.000 7.98000  ? 317 HOH   A O   1 
HETATM 1035 O  O   . HOH   F 5 .   ? -3.94441  4.28995   9.21097   1.000 8.04000  ? 318 HOH   A O   1 
HETATM 1036 O  O   . HOH   F 5 .   ? -2.51514  -3.67564  22.81320  1.000 15.46000 ? 319 HOH   A O   1 
HETATM 1037 O  O   . HOH   F 5 .   ? 1.98442   -8.76029  -13.90411 1.000 35.94000 ? 320 HOH   A O   1 
HETATM 1038 O  O   . HOH   F 5 .   ? -0.38754  -10.73736 6.86338   1.000 16.03000 ? 321 HOH   A O   1 
HETATM 1039 O  O   . HOH   F 5 .   ? 18.44614  5.87689   16.85777  1.000 43.21000 ? 322 HOH   A O   1 
HETATM 1040 O  O   . HOH   F 5 .   ? 4.69389   4.36194   -20.99316 1.000 35.20000 ? 323 HOH   A O   1 
HETATM 1041 O  O   . HOH   F 5 .   ? -12.37400 2.72943   -2.29668  1.000 14.97000 ? 324 HOH   A O   1 
HETATM 1042 O  O   . HOH   F 5 .   ? -0.78578  -12.33264 -8.77299  1.000 17.02000 ? 325 HOH   A O   1 
HETATM 1043 O  O   . HOH   F 5 .   ? 14.67872  -0.21696  4.50146   1.000 14.67000 ? 326 HOH   A O   1 
HETATM 1044 O  O   . HOH   F 5 .   ? -5.58706  -14.65575 3.25040   1.000 28.76000 ? 327 HOH   A O   1 
HETATM 1045 O  O   . HOH   F 5 .   ? -11.53567 -3.13462  1.03990   1.000 27.00000 ? 328 HOH   A O   1 
HETATM 1046 O  O   . HOH   F 5 .   ? 8.12033   5.80589   15.74047  1.000 28.65000 ? 329 HOH   A O   1 
HETATM 1047 O  O   . HOH   F 5 .   ? -15.35481 5.53089   -4.48133  1.000 32.37000 ? 330 HOH   A O   1 
HETATM 1048 O  O   . HOH   F 5 .   ? -10.14079 -5.87529  6.12825   1.000 23.91000 ? 331 HOH   A O   1 
HETATM 1049 O  O   . HOH   F 5 .   ? -0.05254  -5.56679  11.37817  1.000 9.82000  ? 332 HOH   A O   1 
HETATM 1050 O  O   . HOH   F 5 .   ? 6.32375   -2.35235  -12.38458 1.000 27.10000 ? 333 HOH   A O   1 
HETATM 1051 O  O   . HOH   F 5 .   ? 11.38641  13.98756  8.87050   1.000 16.26000 ? 334 HOH   A O   1 
HETATM 1052 O  O   . HOH   F 5 .   ? -3.76975  -12.81987 5.46009   1.000 25.60000 ? 335 HOH   A O   1 
HETATM 1053 O  O   . HOH   F 5 .   ? -7.91252  8.70982   -10.76410 1.000 10.01000 ? 336 HOH   A O   1 
HETATM 1054 O  O   . HOH   F 5 .   ? -10.27542 9.26978   -2.48391  1.000 20.45000 ? 337 HOH   A O   1 
HETATM 1055 O  O   . HOH   F 5 .   ? -8.07164  3.68540   -19.33282 1.000 31.94000 ? 338 HOH   A O   1 
HETATM 1056 O  O   . HOH   F 5 .   ? 5.31643   3.45987   20.19197  1.000 28.76000 ? 339 HOH   A O   1 
HETATM 1057 O  O   . HOH   F 5 .   ? -1.75657  -0.13682  -20.51333 1.000 25.82000 ? 340 HOH   A O   1 
HETATM 1058 O  O   . HOH   F 5 .   ? 3.63674   -7.69278  12.80995  1.000 23.35000 ? 341 HOH   A O   1 
HETATM 1059 O  O   . HOH   F 5 .   ? -10.62330 0.67797   6.14941   1.000 18.10000 ? 342 HOH   A O   1 
HETATM 1060 O  O   . HOH   F 5 .   ? -14.11097 -2.36905  -7.04150  1.000 28.47000 ? 343 HOH   A O   1 
HETATM 1061 O  O   . HOH   F 5 .   ? -2.37747  -0.75786  -16.68220 1.000 23.82000 ? 344 HOH   A O   1 
HETATM 1062 O  O   . HOH   F 5 .   ? 10.07458  11.67454  5.21785   1.000 9.98000  ? 345 HOH   A O   1 
HETATM 1063 O  O   . HOH   F 5 .   ? 5.17884   -10.96571 -3.27425  1.000 26.46000 ? 346 HOH   A O   1 
HETATM 1064 O  O   . HOH   F 5 .   ? -0.63717  -16.25395 -10.88894 1.000 41.35000 ? 347 HOH   A O   1 
HETATM 1065 O  O   . HOH   F 5 .   ? -7.32989  -3.66149  13.98168  1.000 18.08000 ? 348 HOH   A O   1 
HETATM 1066 O  O   . HOH   F 5 .   ? 2.87635   -3.04228  -17.67198 1.000 31.32000 ? 349 HOH   A O   1 
HETATM 1067 O  O   . HOH   F 5 .   ? 1.25803   6.08828   14.12331  1.000 9.76000  ? 350 HOH   A O   1 
HETATM 1068 O  O   . HOH   F 5 .   ? -1.23771  5.14667   -14.58162 1.000 9.39000  ? 351 HOH   A O   1 
HETATM 1069 O  O   . HOH   F 5 .   ? -6.83029  -4.77340  -14.91351 1.000 26.47000 ? 352 HOH   A O   1 
HETATM 1070 O  O   . HOH   F 5 .   ? 5.64246   -6.78044  -12.71017 1.000 38.79000 ? 353 HOH   A O   1 
HETATM 1071 O  O   . HOH   F 5 .   ? -0.89576  4.31554   -17.35608 1.000 13.30000 ? 354 HOH   A O   1 
HETATM 1072 O  O   . HOH   F 5 .   ? -5.87195  -8.65459  -10.76820 1.000 31.92000 ? 355 HOH   A O   1 
HETATM 1073 O  O   . HOH   F 5 .   ? 15.03947  13.21797  7.05106   1.000 17.19000 ? 356 HOH   A O   1 
HETATM 1074 O  O   . HOH   F 5 .   ? 8.71761   -3.37401  -5.85793  1.000 15.87000 ? 357 HOH   A O   1 
HETATM 1075 O  O   . HOH   F 5 .   ? -3.14183  2.76977   20.04690  1.000 24.73000 ? 358 HOH   A O   1 
HETATM 1076 O  O   . HOH   F 5 .   ? -5.94826  1.94741   11.88685  1.000 9.49000  ? 359 HOH   A O   1 
HETATM 1077 O  O   . HOH   F 5 .   ? -10.37795 10.02852  -10.85035 1.000 24.73000 ? 360 HOH   A O   1 
HETATM 1078 O  O   . HOH   F 5 .   ? -7.35376  1.84404   -13.56342 1.000 19.37000 ? 361 HOH   A O   1 
HETATM 1079 O  O   . HOH   F 5 .   ? 10.31115  -4.31133  2.55519   1.000 9.83000  ? 362 HOH   A O   1 
HETATM 1080 O  O   . HOH   F 5 .   ? 4.52660   0.45536   20.52358  1.000 25.12000 ? 363 HOH   A O   1 
HETATM 1081 O  O   . HOH   F 5 .   ? -7.53960  11.07770  -9.33260  1.000 13.90000 ? 364 HOH   A O   1 
HETATM 1082 O  O   . HOH   F 5 .   ? 10.60399  16.58495  13.96331  1.000 32.12000 ? 365 HOH   A O   1 
HETATM 1083 O  O   . HOH   F 5 .   ? -11.16474 -5.76390  -0.80830  1.000 25.65000 ? 366 HOH   A O   1 
HETATM 1084 O  O   . HOH   F 5 .   ? 20.77855  12.59560  16.10246  1.000 25.45000 ? 367 HOH   A O   1 
HETATM 1085 O  O   . HOH   F 5 .   ? -1.59801  -3.33227  -16.36188 1.000 28.36000 ? 368 HOH   A O   1 
HETATM 1086 O  O   . HOH   F 5 .   ? 6.09607   -8.03665  14.22572  1.000 28.57000 ? 369 HOH   A O   1 
HETATM 1087 O  O   . HOH   F 5 .   ? 12.43648  -3.21654  1.15009   1.000 11.66000 ? 370 HOH   A O   1 
HETATM 1088 O  O   . HOH   F 5 .   ? 10.30705  -5.29977  -4.53396  1.000 15.18000 ? 371 HOH   A O   1 
HETATM 1089 O  O   . HOH   F 5 .   ? -12.58475 8.76469   -12.00600 1.000 34.61000 ? 372 HOH   A O   1 
HETATM 1090 O  O   . HOH   F 5 .   ? -2.16067  5.90853   20.61919  1.000 28.08000 ? 373 HOH   A O   1 
HETATM 1091 O  O   . HOH   F 5 .   ? 7.41619   0.53242   -8.33134  1.000 14.42000 ? 374 HOH   A O   1 
HETATM 1092 O  O   . HOH   F 5 .   ? 13.35601  11.33260  18.16501  1.000 18.54000 ? 375 HOH   A O   1 
HETATM 1093 O  O   . HOH   F 5 .   ? -7.92681  -1.55126  15.53312  1.000 18.67000 ? 376 HOH   A O   1 
HETATM 1094 O  O   . HOH   F 5 .   ? -17.11403 3.17215   -6.75838  1.000 29.99000 ? 377 HOH   A O   1 
HETATM 1095 O  O   . HOH   F 5 .   ? -5.27474  -6.26065  5.89055   1.000 12.63000 ? 378 HOH   A O   1 
HETATM 1096 O  O   . HOH   F 5 .   ? 9.62123   -7.62073  12.94298  1.000 22.68000 ? 379 HOH   A O   1 
HETATM 1097 O  O   . HOH   F 5 .   ? 18.16168  16.10161  12.19140  1.000 18.15000 ? 380 HOH   A O   1 
HETATM 1098 O  O   . HOH   F 5 .   ? 11.55546  -6.79507  2.11817   1.000 15.00000 ? 381 HOH   A O   1 
HETATM 1099 O  O   . HOH   F 5 .   ? 7.79609   -7.81836  -9.96721  1.000 36.36000 ? 382 HOH   A O   1 
HETATM 1100 O  O   . HOH   F 5 .   ? 15.44805  18.38252  18.97694  1.000 22.08000 ? 383 HOH   A O   1 
HETATM 1101 O  O   . HOH   F 5 .   ? 0.79013   -8.66148  19.93198  1.000 35.69000 ? 384 HOH   A O   1 
HETATM 1102 O  O   . HOH   F 5 .   ? -9.83039  -4.37230  -14.19264 1.000 33.47000 ? 385 HOH   A O   1 
HETATM 1103 O  O   . HOH   F 5 .   ? -10.00690 -3.23822  11.92573  1.000 37.46000 ? 386 HOH   A O   1 
HETATM 1104 O  O   . HOH   F 5 .   ? 10.29849  -6.80964  -2.45447  1.000 27.90000 ? 387 HOH   A O   1 
HETATM 1105 O  O   . HOH   F 5 .   ? 16.59067  -3.20796  -0.16289  1.000 20.36000 ? 388 HOH   A O   1 
HETATM 1106 O  O   . HOH   F 5 .   ? -5.57613  -8.33671  -15.98277 1.000 40.20000 ? 389 HOH   A O   1 
HETATM 1107 O  O   . HOH   F 5 .   ? -12.81083 10.86719  -5.60922  1.000 32.21000 ? 390 HOH   A O   1 
HETATM 1108 O  O   . HOH   F 5 .   ? 7.17389   9.67790   18.10260  1.000 17.03000 ? 391 HOH   A O   1 
HETATM 1109 O  O   . HOH   F 5 .   ? -6.40851  7.13773   -20.86422 1.000 32.78000 ? 392 HOH   A O   1 
HETATM 1110 O  O   . HOH   F 5 .   ? 8.49301   -4.04194  -12.54935 1.000 37.56000 ? 393 HOH   A O   1 
HETATM 1111 O  O   . HOH   F 5 .   ? 21.60982  15.33790  16.58085  1.000 31.25000 ? 394 HOH   A O   1 
HETATM 1112 O  O   . HOH   F 5 .   ? 20.56061  17.29894  14.03976  1.000 29.27000 ? 395 HOH   A O   1 
HETATM 1113 O  O   . HOH   F 5 .   ? -7.50762  3.39102   16.32726  1.000 32.47000 ? 396 HOH   A O   1 
HETATM 1114 O  O   . HOH   F 5 .   ? -4.72063  -0.74807  -17.99529 1.000 33.91000 ? 397 HOH   A O   1 
HETATM 1115 O  O   . HOH   F 5 .   ? 12.78904  -5.81191  -0.09911  1.000 24.75000 ? 398 HOH   A O   1 
HETATM 1116 O  O   . HOH   F 5 .   ? 0.38708   -3.61051  -17.56112 1.000 33.78000 ? 399 HOH   A O   1 
HETATM 1117 O  O   . HOH   F 5 .   ? -10.68041 12.44376  -9.52519  1.000 20.69000 ? 400 HOH   A O   1 
HETATM 1118 O  O   . HOH   F 5 .   ? 16.11272  -6.24815  -1.57125  1.000 29.18000 ? 401 HOH   A O   1 
HETATM 1119 O  O   . HOH   F 5 .   ? -12.72746 12.02622  -7.76805  1.000 27.02000 ? 402 HOH   A O   1 
HETATM 1120 O  O   . HOH   F 5 .   ? -14.02445 10.70288  -10.23376 1.000 38.33000 ? 403 HOH   A O   1 
HETATM 1121 O  O   . HOH   F 5 .   ? 1.62791   6.63667   -21.01473 1.000 33.30000 ? 404 HOH   A O   1 
HETATM 1122 O  O   . HOH   F 5 .   ? -7.71617  0.14260   12.63304  1.000 24.53000 ? 405 HOH   A O   1 
HETATM 1123 O  O   . HOH   F 5 .   ? -0.20857  6.20920   21.86736  1.000 27.88000 ? 406 HOH   A O   1 
HETATM 1124 O  O   . HOH   F 5 .   ? 7.43213   4.11787   18.78879  1.000 38.34000 ? 407 HOH   A O   1 
HETATM 1125 O  O   . HOH   F 5 .   ? -8.61197  -9.81376  -9.66508  0.50  35.51000 ? 408 HOH   A O   1 
HETATM 1126 O  O   . HOH   F 5 .   ? -11.50857 7.18097   1.15821   1.000 33.21000 ? 409 HOH   A O   1 
HETATM 1127 O  O   . HOH   F 5 .   ? -8.65107  -1.49807  10.48655  1.000 22.73000 ? 410 HOH   A O   1 
HETATM 1128 O  O   . HOH   F 5 .   ? -7.17485  7.76158   20.42250  1.000 37.16000 ? 411 HOH   A O   1 
HETATM 1129 O  O   . HOH   F 5 .   ? 12.64619  -7.66317  -2.04661  1.000 32.75000 ? 412 HOH   A O   1 
HETATM 1130 O  O   . HOH   F 5 .   ? -16.10381 0.88249   -4.67264  1.000 31.32000 ? 413 HOH   A O   1 
HETATM 1131 O  O   . HOH   F 5 .   ? 6.69896   7.06186   22.27423  1.000 33.95000 ? 414 HOH   A O   1 
HETATM 1132 O  O   . HOH   F 5 .   ? 16.14721  17.05953  21.05434  1.000 38.35000 ? 415 HOH   A O   1 
HETATM 1133 O  O   . HOH   F 5 .   ? -2.92915  -16.89267 3.64899   1.000 36.63000 ? 416 HOH   A O   1 
HETATM 1134 O  O   . HOH   F 5 .   ? -2.02140  -19.07532 -0.04720  1.000 33.46000 ? 417 HOH   A O   1 
HETATM 1135 O  O   . HOH   F 5 .   ? -4.91490  6.63384   -22.79661 1.000 38.03000 ? 418 HOH   A O   1 
HETATM 1136 O  O   . HOH   F 5 .   ? 13.12925  19.30076  12.26348  1.000 34.29000 ? 419 HOH   A O   1 
HETATM 1137 O  O   . HOH   F 5 .   ? 15.56207  16.96154  8.92259   1.000 40.26000 ? 420 HOH   A O   1 
HETATM 1138 O  O   . HOH   F 5 .   ? -6.99873  -10.73056 6.71890   1.000 30.67000 ? 421 HOH   A O   1 
HETATM 1139 O  O   . HOH   F 5 .   ? 17.77694  17.73426  10.35614  1.000 28.66000 ? 422 HOH   A O   1 
HETATM 1140 O  O   . HOH   F 5 .   ? 6.56517   -11.98333 -5.83900  1.000 36.69000 ? 423 HOH   A O   1 
HETATM 1141 O  O   . HOH   F 5 .   ? -9.50304  -9.07481  7.02670   1.000 34.06000 ? 424 HOH   A O   1 
HETATM 1142 O  O   . HOH   F 5 .   ? 4.54452   -8.52688  -14.01024 1.000 39.75000 ? 425 HOH   A O   1 
HETATM 1143 O  O   . HOH   F 5 .   ? 13.61269  16.35418  7.80304   1.000 35.94000 ? 426 HOH   A O   1 
HETATM 1144 O  O   . HOH   F 5 .   ? -11.63935 6.34968   3.41945   1.000 27.19000 ? 427 HOH   A O   1 
HETATM 1145 O  O   . HOH   F 5 .   ? -12.50325 -0.88910  4.71656   1.000 29.26000 ? 428 HOH   A O   1 
HETATM 1146 O  O   . HOH   F 5 .   ? -13.73254 7.28813   -0.51936  1.000 31.03000 ? 429 HOH   A O   1 
HETATM 1147 O  O   . HOH   F 5 .   ? -10.23613 4.49246   -19.40772 1.000 36.60000 ? 430 HOH   A O   1 
HETATM 1148 O  O   . HOH   F 5 .   ? -15.96849 11.59421  -2.38923  1.000 42.50000 ? 431 HOH   A O   1 
HETATM 1149 O  O   . HOH   F 5 .   ? -10.98105 -0.56159  8.63203   1.000 26.91000 ? 432 HOH   A O   1 
HETATM 1150 O  O   . HOH   F 5 .   ? -13.50315 12.57872  -3.50927  1.000 28.45000 ? 433 HOH   A O   1 
HETATM 1151 O  O   . HOH   F 5 .   ? -4.68197  6.59639   21.63350  1.000 35.56000 ? 434 HOH   A O   1 
HETATM 1152 O  O   . HOH   F 5 .   ? -14.22048 5.48972   3.54301   1.000 37.39000 ? 435 HOH   A O   1 
HETATM 1153 O  O   . HOH   F 5 .   ? -11.58561 3.16602   6.08900   1.000 26.48000 ? 436 HOH   A O   1 
HETATM 1154 O  O   . HOH   F 5 .   ? 12.75318  -10.13478 -0.49031  1.000 41.65000 ? 437 HOH   A O   1 
HETATM 1155 O  O   . HOH   F 5 .   ? -14.08860 3.14374   4.83298   1.000 35.53000 ? 438 HOH   A O   1 
HETATM 1156 O  O   . HOH   F 5 .   ? -11.94055 1.21552   10.41001  1.000 30.56000 ? 439 HOH   A O   1 
# 
